data_9QUB
#
_entry.id   9QUB
#
_cell.length_a   1.00
_cell.length_b   1.00
_cell.length_c   1.00
_cell.angle_alpha   90.00
_cell.angle_beta   90.00
_cell.angle_gamma   90.00
#
_symmetry.space_group_name_H-M   'P 1'
#
loop_
_entity.id
_entity.type
_entity.pdbx_description
1 polymer 'Fab-light chain'
2 polymer 'Fab-heavy chain'
3 polymer 'Sodium/hydrogen exchanger 9B2'
4 non-polymer '2-(HEXADECANOYLOXY)-1-[(PHOSPHONOOXY)METHYL]ETHYL HEXADECANOATE'
#
loop_
_entity_poly.entity_id
_entity_poly.type
_entity_poly.pdbx_seq_one_letter_code
_entity_poly.pdbx_strand_id
1 'polypeptide(L)'
;DIVMTQTTSSLSASLGDRVTISCRASQDISNYLNWFQQKPDGTVKLLICYTSRLHSGVPSRFSGSGSGTDYSLTISNLEQ
EDIATYFCQQDSKHPWTFGGGTKLEIKRADAAPTVSIFPPSSEQLTSGGASVVCFLNNFYPKDINVKWKIDGSERQNGVL
NSWTDQDSKDSTYSMSSTLTLTKDEYERHNSYTCEATHKTSTSPIVKSFNRNEC
;
C,E
2 'polypeptide(L)'
;EVQLQESGPELVKPGASVKMSCKASGYTFTNYFIHWVKQKPGQGLEWIGYINPYNDITKFNEKFKGKATLTSDKSSRTAY
MELSSLTSEDSAVYYCARCDGYYRYYAMDYWGQGTSVTVSSAKTTAPSVYPLAPVCGDTSGSSVTLGCLVKGYFPEPVTL
TWNSGSLSSGVHTFPAVLQSDLYTLSSSVTVTSSTWPSQSITCNVAHPASSTKVDKKIEPRGPTIKPCPPCKCPAPNLLG
GPSVFIFPPKIKDVLM
;
D,F
3 'polypeptide(L)'
;MGDEDKRITYEDSEPSTGMNYTPSMHQEAQEETVMKLKGIDANEPTEGSILLKSSEKKLQETPTEANHVQRLRQMLACPP
HGLLDRVITNVTIIVLLWAVVWSITGSECLPGGNLFGIIILFYCAIIGGKLLGLIKLPTLPPLPSLLGMLLAGFLIRNIP
VINDNVQIKHKWSSSLRSIALSIILVRAGLGLDSKALKKLKGVCVRLSMGPCIVEACTSALLAHYLLGLPWQWGFILGFV
LGAVSPAVVVPSMLLLQGGGYGVEKGVPTLLMAAGSFDDILAITGFNTCLGIAFSTGSTVFNVLRGVLEVVIGVATGSVL
GFFIQYFPSRDQDKLVCKRTFLVLGLSVLAVFSSVHFGFPGSGGLCTLVMAFLAGMGWTSEKAEVEKIIAVAWDIFQPLL
FGLIGAEVSIASLRPETVGLCVATVGIAVLIRILTTFLMVCFAGFNLKEKIFISFAWLPKATVQAAIGSVALDTARSHGE
KQLEDYGMDVLTVAFLSILITAPIGSLLIGLLGPRLLQKVEHQNKDEEVQGETSVQV
;
B,A
#
loop_
_chem_comp.id
_chem_comp.type
_chem_comp.name
_chem_comp.formula
LPP non-polymer '2-(HEXADECANOYLOXY)-1-[(PHOSPHONOOXY)METHYL]ETHYL HEXADECANOATE' 'C35 H69 O8 P'
#
# COMPACT_ATOMS: atom_id res chain seq x y z
N ASP A 1 -35.19 6.70 7.03
CA ASP A 1 -34.44 7.74 7.74
C ASP A 1 -35.30 8.96 8.02
N ILE A 2 -34.84 9.81 8.93
CA ILE A 2 -35.61 10.99 9.31
C ILE A 2 -35.55 12.01 8.19
N VAL A 3 -36.72 12.55 7.83
CA VAL A 3 -36.83 13.55 6.77
C VAL A 3 -37.26 14.86 7.41
N MET A 4 -36.47 15.90 7.22
CA MET A 4 -36.75 17.22 7.78
C MET A 4 -37.35 18.11 6.70
N THR A 5 -38.46 18.76 7.01
CA THR A 5 -39.16 19.60 6.07
C THR A 5 -39.40 20.97 6.70
N GLN A 6 -39.19 22.02 5.90
CA GLN A 6 -39.43 23.39 6.31
C GLN A 6 -40.59 23.95 5.51
N THR A 7 -41.60 24.49 6.20
CA THR A 7 -42.83 24.87 5.53
C THR A 7 -42.59 25.90 4.44
N THR A 8 -41.80 26.92 4.73
CA THR A 8 -41.57 28.02 3.81
C THR A 8 -40.18 27.94 3.21
N SER A 9 -40.10 28.03 1.89
CA SER A 9 -38.83 28.08 1.18
C SER A 9 -38.37 29.50 0.87
N SER A 10 -39.21 30.51 1.13
CA SER A 10 -38.87 31.91 0.90
C SER A 10 -39.66 32.75 1.90
N LEU A 11 -38.98 33.24 2.92
CA LEU A 11 -39.61 34.05 3.97
C LEU A 11 -39.34 35.52 3.68
N SER A 12 -40.35 36.22 3.19
CA SER A 12 -40.21 37.65 2.95
C SER A 12 -40.28 38.40 4.29
N ALA A 13 -39.33 39.32 4.50
CA ALA A 13 -39.27 40.06 5.74
C ALA A 13 -38.61 41.41 5.49
N SER A 14 -38.85 42.35 6.40
CA SER A 14 -38.23 43.65 6.33
C SER A 14 -36.83 43.61 6.95
N LEU A 15 -36.18 44.75 6.99
CA LEU A 15 -34.81 44.85 7.52
C LEU A 15 -34.77 45.15 9.01
N GLY A 16 -35.91 45.40 9.64
CA GLY A 16 -35.91 45.75 11.04
C GLY A 16 -37.02 45.10 11.85
N ASP A 17 -37.44 43.90 11.46
CA ASP A 17 -38.51 43.19 12.13
C ASP A 17 -38.01 41.84 12.62
N ARG A 18 -38.94 41.04 13.14
CA ARG A 18 -38.64 39.76 13.74
C ARG A 18 -39.12 38.64 12.82
N VAL A 19 -38.24 37.69 12.52
CA VAL A 19 -38.56 36.57 11.66
C VAL A 19 -38.39 35.28 12.45
N THR A 20 -39.09 34.23 12.00
CA THR A 20 -39.07 32.95 12.70
C THR A 20 -39.14 31.84 11.66
N ILE A 21 -38.03 31.19 11.39
CA ILE A 21 -37.99 30.04 10.50
C ILE A 21 -38.38 28.79 11.28
N SER A 22 -39.27 28.00 10.72
CA SER A 22 -39.79 26.80 11.37
C SER A 22 -39.33 25.57 10.62
N CYS A 23 -38.73 24.63 11.35
CA CYS A 23 -38.32 23.34 10.81
C CYS A 23 -39.12 22.25 11.50
N ARG A 24 -39.69 21.35 10.72
CA ARG A 24 -40.49 20.25 11.24
C ARG A 24 -39.79 18.95 10.95
N ALA A 25 -39.60 18.13 11.98
CA ALA A 25 -38.93 16.85 11.83
C ALA A 25 -39.89 15.88 11.14
N SER A 26 -39.53 14.60 11.10
CA SER A 26 -40.38 13.57 10.52
C SER A 26 -40.95 12.64 11.59
N GLN A 27 -40.11 12.02 12.41
CA GLN A 27 -40.56 11.05 13.38
C GLN A 27 -40.34 11.52 14.83
N ASP A 28 -39.11 11.75 15.24
CA ASP A 28 -38.85 12.30 16.57
C ASP A 28 -37.40 12.69 16.72
N ILE A 29 -37.15 13.93 17.15
CA ILE A 29 -35.83 14.43 17.44
C ILE A 29 -35.86 14.95 18.87
N SER A 30 -34.93 14.51 19.71
CA SER A 30 -35.03 14.93 21.09
C SER A 30 -34.69 16.41 21.18
N ASN A 31 -33.44 16.76 20.92
CA ASN A 31 -33.03 18.15 20.77
C ASN A 31 -31.97 18.32 19.69
N TYR A 32 -31.71 17.30 18.88
CA TYR A 32 -30.59 17.30 17.96
C TYR A 32 -31.01 17.90 16.62
N LEU A 33 -31.11 19.22 16.62
CA LEU A 33 -31.60 19.98 15.47
C LEU A 33 -30.70 21.18 15.21
N ASN A 34 -29.39 20.92 15.09
CA ASN A 34 -28.45 21.96 14.71
C ASN A 34 -29.01 22.82 13.59
N TRP A 35 -28.69 24.11 13.62
CA TRP A 35 -29.11 25.06 12.61
C TRP A 35 -27.89 25.59 11.88
N PHE A 36 -27.98 25.73 10.56
CA PHE A 36 -26.90 26.24 9.75
C PHE A 36 -27.38 27.41 8.91
N GLN A 37 -26.45 28.31 8.60
CA GLN A 37 -26.73 29.44 7.73
C GLN A 37 -25.73 29.45 6.59
N GLN A 38 -26.24 29.50 5.36
CA GLN A 38 -25.42 29.53 4.16
C GLN A 38 -25.68 30.85 3.45
N LYS A 39 -24.62 31.60 3.19
CA LYS A 39 -24.75 32.89 2.52
C LYS A 39 -24.77 32.71 1.01
N PRO A 40 -25.25 33.72 0.28
CA PRO A 40 -25.38 33.57 -1.17
C PRO A 40 -24.06 33.26 -1.85
N ASP A 41 -22.95 33.76 -1.34
CA ASP A 41 -21.66 33.49 -1.96
C ASP A 41 -21.20 32.05 -1.75
N GLY A 42 -21.89 31.28 -0.90
CA GLY A 42 -21.58 29.88 -0.72
C GLY A 42 -20.93 29.50 0.59
N THR A 43 -20.78 30.44 1.53
CA THR A 43 -20.18 30.15 2.82
C THR A 43 -21.25 29.73 3.81
N VAL A 44 -21.03 28.61 4.49
CA VAL A 44 -21.98 28.05 5.44
C VAL A 44 -21.35 28.05 6.82
N LYS A 45 -22.07 28.60 7.80
CA LYS A 45 -21.60 28.68 9.17
C LYS A 45 -22.63 28.07 10.10
N LEU A 46 -22.15 27.46 11.18
CA LEU A 46 -23.03 26.87 12.17
C LEU A 46 -23.60 27.96 13.07
N LEU A 47 -24.91 27.92 13.30
CA LEU A 47 -25.57 28.94 14.11
C LEU A 47 -25.90 28.43 15.51
N ILE A 48 -26.58 27.29 15.60
CA ILE A 48 -27.12 26.81 16.86
C ILE A 48 -26.97 25.29 16.90
N CYS A 49 -26.38 24.79 17.97
CA CYS A 49 -26.24 23.35 18.18
C CYS A 49 -27.16 22.90 19.30
N TYR A 50 -27.78 21.73 19.12
CA TYR A 50 -28.63 21.14 20.14
C TYR A 50 -29.83 22.05 20.45
N THR A 51 -30.59 22.35 19.40
CA THR A 51 -31.84 23.09 19.54
C THR A 51 -31.63 24.56 19.87
N SER A 52 -31.07 24.85 21.04
CA SER A 52 -30.98 26.23 21.51
C SER A 52 -29.60 26.67 21.95
N ARG A 53 -28.60 25.80 21.98
CA ARG A 53 -27.28 26.16 22.46
C ARG A 53 -26.60 27.04 21.40
N LEU A 54 -26.74 28.35 21.55
CA LEU A 54 -26.15 29.26 20.59
C LEU A 54 -24.64 29.08 20.53
N HIS A 55 -24.11 28.98 19.31
CA HIS A 55 -22.70 28.69 19.14
C HIS A 55 -21.85 29.92 19.44
N SER A 56 -20.60 29.68 19.79
CA SER A 56 -19.68 30.76 20.15
C SER A 56 -19.44 31.68 18.96
N GLY A 57 -19.50 32.98 19.22
CA GLY A 57 -19.24 33.97 18.21
C GLY A 57 -20.44 34.36 17.37
N VAL A 58 -21.53 33.61 17.47
CA VAL A 58 -22.75 33.97 16.73
C VAL A 58 -23.44 35.12 17.46
N PRO A 59 -24.00 36.09 16.73
CA PRO A 59 -24.68 37.19 17.41
C PRO A 59 -25.85 36.70 18.25
N SER A 60 -26.11 37.41 19.33
CA SER A 60 -27.18 37.03 20.24
C SER A 60 -28.57 37.11 19.61
N ARG A 61 -28.69 37.77 18.45
CA ARG A 61 -30.00 37.89 17.82
C ARG A 61 -30.58 36.52 17.47
N PHE A 62 -29.73 35.53 17.19
CA PHE A 62 -30.18 34.21 16.76
C PHE A 62 -30.62 33.42 17.99
N SER A 63 -31.94 33.29 18.15
CA SER A 63 -32.52 32.54 19.26
C SER A 63 -33.12 31.25 18.71
N GLY A 64 -32.49 30.12 19.01
CA GLY A 64 -32.97 28.83 18.54
C GLY A 64 -33.95 28.18 19.48
N SER A 65 -35.15 28.73 19.56
CA SER A 65 -36.19 28.18 20.43
C SER A 65 -36.79 26.97 19.73
N GLY A 66 -37.79 26.35 20.35
CA GLY A 66 -38.51 25.27 19.72
C GLY A 66 -37.94 23.98 20.25
N SER A 67 -38.80 22.99 20.48
CA SER A 67 -38.37 21.71 21.04
C SER A 67 -39.36 20.64 20.57
N GLY A 68 -39.25 19.45 21.16
CA GLY A 68 -40.11 18.35 20.78
C GLY A 68 -39.85 17.88 19.36
N THR A 69 -40.80 18.13 18.46
CA THR A 69 -40.59 17.92 17.04
C THR A 69 -40.81 19.17 16.20
N ASP A 70 -41.51 20.17 16.72
CA ASP A 70 -41.69 21.45 16.04
C ASP A 70 -40.56 22.38 16.50
N TYR A 71 -39.59 22.60 15.63
CA TYR A 71 -38.43 23.41 15.94
C TYR A 71 -38.51 24.75 15.22
N SER A 72 -37.87 25.76 15.79
CA SER A 72 -37.94 27.10 15.25
C SER A 72 -36.63 27.83 15.51
N LEU A 73 -36.33 28.79 14.64
CA LEU A 73 -35.21 29.69 14.79
C LEU A 73 -35.68 31.11 14.53
N THR A 74 -35.36 32.03 15.43
CA THR A 74 -35.88 33.39 15.37
C THR A 74 -34.74 34.39 15.29
N ILE A 75 -34.99 35.50 14.61
CA ILE A 75 -34.05 36.61 14.52
C ILE A 75 -34.70 37.81 15.21
N SER A 76 -34.06 38.30 16.28
CA SER A 76 -34.62 39.43 17.01
C SER A 76 -34.84 40.62 16.08
N ASN A 77 -33.76 41.14 15.51
CA ASN A 77 -33.84 42.20 14.51
C ASN A 77 -33.00 41.80 13.31
N LEU A 78 -33.45 42.21 12.13
CA LEU A 78 -32.78 41.83 10.89
C LEU A 78 -31.73 42.86 10.50
N GLU A 79 -30.76 42.42 9.70
CA GLU A 79 -29.76 43.29 9.12
C GLU A 79 -29.39 42.77 7.74
N GLN A 80 -28.71 43.62 6.97
CA GLN A 80 -28.44 43.29 5.58
C GLN A 80 -27.68 41.97 5.43
N GLU A 81 -26.83 41.64 6.40
CA GLU A 81 -26.05 40.41 6.33
C GLU A 81 -26.76 39.23 6.98
N ASP A 82 -28.05 39.36 7.29
CA ASP A 82 -28.84 38.23 7.76
C ASP A 82 -29.65 37.59 6.64
N ILE A 83 -29.51 38.08 5.41
CA ILE A 83 -30.23 37.52 4.27
C ILE A 83 -29.43 36.34 3.75
N ALA A 84 -29.94 35.13 3.92
CA ALA A 84 -29.24 33.93 3.49
C ALA A 84 -30.21 32.76 3.52
N THR A 85 -29.69 31.56 3.33
CA THR A 85 -30.48 30.33 3.37
C THR A 85 -30.16 29.57 4.65
N TYR A 86 -31.19 29.24 5.41
CA TYR A 86 -31.03 28.60 6.72
C TYR A 86 -31.50 27.16 6.63
N PHE A 87 -30.64 26.23 7.06
CA PHE A 87 -30.92 24.81 7.02
C PHE A 87 -31.03 24.27 8.44
N CYS A 88 -31.98 23.37 8.65
CA CYS A 88 -32.11 22.66 9.91
C CYS A 88 -31.61 21.23 9.72
N GLN A 89 -30.69 20.81 10.58
CA GLN A 89 -30.08 19.50 10.49
C GLN A 89 -30.38 18.70 11.76
N GLN A 90 -30.45 17.39 11.61
CA GLN A 90 -30.65 16.48 12.72
C GLN A 90 -29.54 15.43 12.73
N ASP A 91 -28.96 15.19 13.90
CA ASP A 91 -27.98 14.13 14.07
C ASP A 91 -28.47 13.12 15.10
N SER A 92 -29.78 13.07 15.31
CA SER A 92 -30.33 12.11 16.27
C SER A 92 -30.04 10.68 15.84
N LYS A 93 -30.20 10.38 14.56
CA LYS A 93 -30.03 9.03 14.04
C LYS A 93 -28.80 8.98 13.15
N HIS A 94 -28.60 7.82 12.52
CA HIS A 94 -27.37 7.62 11.75
C HIS A 94 -27.29 8.55 10.55
N PRO A 95 -28.11 8.40 9.50
CA PRO A 95 -27.95 9.26 8.32
C PRO A 95 -28.40 10.68 8.65
N TRP A 96 -27.45 11.60 8.75
CA TRP A 96 -27.77 12.98 9.04
C TRP A 96 -28.51 13.59 7.85
N THR A 97 -29.59 14.31 8.14
CA THR A 97 -30.44 14.87 7.11
C THR A 97 -30.61 16.36 7.32
N PHE A 98 -30.54 17.11 6.22
CA PHE A 98 -30.72 18.56 6.25
C PHE A 98 -32.10 18.91 5.72
N GLY A 99 -32.56 20.10 6.09
CA GLY A 99 -33.82 20.61 5.59
C GLY A 99 -33.69 21.14 4.18
N GLY A 100 -34.83 21.60 3.64
CA GLY A 100 -34.81 22.17 2.30
C GLY A 100 -34.21 23.55 2.23
N GLY A 101 -34.04 24.21 3.37
CA GLY A 101 -33.51 25.56 3.39
C GLY A 101 -34.61 26.61 3.25
N THR A 102 -34.26 27.84 3.62
CA THR A 102 -35.18 28.97 3.52
C THR A 102 -34.41 30.19 3.07
N LYS A 103 -34.98 30.94 2.13
CA LYS A 103 -34.36 32.17 1.65
C LYS A 103 -35.08 33.37 2.27
N LEU A 104 -34.30 34.30 2.80
CA LEU A 104 -34.85 35.47 3.48
C LEU A 104 -34.92 36.63 2.49
N GLU A 105 -36.00 36.66 1.71
CA GLU A 105 -36.24 37.75 0.79
C GLU A 105 -36.65 39.00 1.54
N ILE A 106 -36.22 40.16 1.03
CA ILE A 106 -36.55 41.45 1.63
C ILE A 106 -37.81 41.99 0.98
N LYS A 107 -38.72 42.52 1.80
CA LYS A 107 -39.97 43.04 1.29
C LYS A 107 -39.74 44.35 0.53
N ARG A 108 -40.62 44.59 -0.44
CA ARG A 108 -40.62 45.86 -1.17
C ARG A 108 -41.94 45.97 -1.93
N ALA A 109 -42.19 47.16 -2.46
CA ALA A 109 -43.38 47.39 -3.27
C ALA A 109 -43.33 46.56 -4.54
N ASP A 110 -44.49 46.08 -4.97
CA ASP A 110 -44.57 45.26 -6.16
C ASP A 110 -44.17 46.06 -7.40
N ALA A 111 -43.54 45.37 -8.34
CA ALA A 111 -43.08 45.97 -9.58
C ALA A 111 -43.65 45.19 -10.77
N ALA A 112 -43.36 45.70 -11.96
CA ALA A 112 -43.80 45.08 -13.20
C ALA A 112 -42.61 44.91 -14.13
N PRO A 113 -42.42 43.74 -14.73
CA PRO A 113 -41.26 43.54 -15.61
C PRO A 113 -41.37 44.38 -16.88
N THR A 114 -40.20 44.71 -17.43
CA THR A 114 -40.17 45.49 -18.66
C THR A 114 -40.60 44.67 -19.87
N VAL A 115 -40.41 43.35 -19.82
CA VAL A 115 -40.83 42.41 -20.87
C VAL A 115 -40.45 42.95 -22.24
N SER A 116 -39.16 43.17 -22.46
CA SER A 116 -38.66 43.55 -23.77
C SER A 116 -38.40 42.29 -24.59
N ILE A 117 -38.61 42.38 -25.90
CA ILE A 117 -38.42 41.27 -26.83
C ILE A 117 -37.31 41.63 -27.79
N PHE A 118 -36.33 40.74 -27.93
CA PHE A 118 -35.19 40.95 -28.82
C PHE A 118 -35.15 39.89 -29.90
N PRO A 119 -35.50 40.20 -31.14
CA PRO A 119 -35.42 39.21 -32.21
C PRO A 119 -33.98 38.84 -32.50
N PRO A 120 -33.75 37.65 -33.06
CA PRO A 120 -32.36 37.23 -33.30
C PRO A 120 -31.63 38.21 -34.19
N SER A 121 -30.36 38.43 -33.88
CA SER A 121 -29.56 39.38 -34.63
C SER A 121 -29.33 38.89 -36.06
N SER A 122 -29.19 39.84 -36.98
CA SER A 122 -28.95 39.48 -38.37
C SER A 122 -27.67 38.68 -38.52
N GLU A 123 -26.61 39.04 -37.78
CA GLU A 123 -25.39 38.24 -37.81
C GLU A 123 -25.67 36.81 -37.39
N GLN A 124 -26.53 36.62 -36.39
CA GLN A 124 -26.87 35.27 -35.96
C GLN A 124 -27.54 34.48 -37.08
N LEU A 125 -28.43 35.12 -37.84
CA LEU A 125 -29.05 34.42 -38.96
C LEU A 125 -28.01 33.96 -39.98
N THR A 126 -27.04 34.82 -40.29
CA THR A 126 -25.95 34.40 -41.17
C THR A 126 -25.12 33.29 -40.54
N SER A 127 -24.94 33.34 -39.22
CA SER A 127 -24.22 32.27 -38.54
C SER A 127 -24.94 30.94 -38.69
N GLY A 128 -26.27 30.94 -38.60
CA GLY A 128 -27.04 29.73 -38.73
C GLY A 128 -27.99 29.50 -37.57
N GLY A 129 -27.83 30.28 -36.51
CA GLY A 129 -28.66 30.14 -35.33
C GLY A 129 -29.87 31.06 -35.36
N ALA A 130 -30.92 30.64 -34.64
CA ALA A 130 -32.16 31.41 -34.52
C ALA A 130 -32.60 31.31 -33.06
N SER A 131 -32.25 32.31 -32.26
CA SER A 131 -32.56 32.35 -30.84
C SER A 131 -33.21 33.69 -30.51
N VAL A 132 -34.49 33.66 -30.17
CA VAL A 132 -35.20 34.85 -29.72
C VAL A 132 -35.10 34.93 -28.21
N VAL A 133 -34.98 36.15 -27.70
CA VAL A 133 -34.78 36.37 -26.28
C VAL A 133 -35.79 37.39 -25.78
N CYS A 134 -36.34 37.12 -24.60
CA CYS A 134 -37.24 38.04 -23.91
C CYS A 134 -36.59 38.45 -22.61
N PHE A 135 -36.36 39.76 -22.46
CA PHE A 135 -35.75 40.33 -21.26
C PHE A 135 -36.81 41.09 -20.49
N LEU A 136 -37.24 40.54 -19.36
CA LEU A 136 -38.18 41.20 -18.47
C LEU A 136 -37.58 41.17 -17.07
N ASN A 137 -37.18 42.33 -16.57
CA ASN A 137 -36.48 42.44 -15.30
C ASN A 137 -37.05 43.60 -14.49
N ASN A 138 -36.48 43.80 -13.30
CA ASN A 138 -36.93 44.83 -12.38
C ASN A 138 -38.40 44.63 -12.02
N PHE A 139 -38.74 43.40 -11.62
CA PHE A 139 -40.09 43.05 -11.22
C PHE A 139 -40.06 42.45 -9.82
N TYR A 140 -41.23 42.43 -9.18
CA TYR A 140 -41.36 41.95 -7.82
C TYR A 140 -42.83 41.73 -7.49
N PRO A 141 -43.18 40.65 -6.79
CA PRO A 141 -42.34 39.57 -6.26
C PRO A 141 -42.01 38.56 -7.36
N LYS A 142 -41.39 37.44 -7.00
CA LYS A 142 -40.99 36.41 -7.95
C LYS A 142 -42.03 35.88 -8.93
N ASP A 143 -43.31 36.11 -8.69
CA ASP A 143 -44.37 35.64 -9.56
C ASP A 143 -44.46 36.28 -10.93
N ILE A 144 -44.09 35.52 -11.97
CA ILE A 144 -44.13 35.98 -13.35
C ILE A 144 -44.73 34.90 -14.22
N ASN A 145 -45.25 35.33 -15.38
CA ASN A 145 -45.81 34.42 -16.37
C ASN A 145 -45.23 34.76 -17.74
N VAL A 146 -44.81 33.73 -18.46
CA VAL A 146 -44.19 33.88 -19.78
C VAL A 146 -45.12 33.30 -20.83
N LYS A 147 -45.41 34.10 -21.85
CA LYS A 147 -46.25 33.64 -22.95
C LYS A 147 -45.74 34.25 -24.24
N TRP A 148 -46.01 33.56 -25.34
CA TRP A 148 -45.58 33.98 -26.67
C TRP A 148 -46.77 34.12 -27.60
N LYS A 149 -46.74 35.16 -28.44
CA LYS A 149 -47.70 35.34 -29.51
C LYS A 149 -46.95 35.27 -30.83
N ILE A 150 -46.06 34.28 -30.94
CA ILE A 150 -45.07 34.20 -32.01
C ILE A 150 -45.80 34.34 -33.35
N ASP A 151 -45.33 35.27 -34.18
CA ASP A 151 -45.88 35.49 -35.52
C ASP A 151 -47.40 35.46 -35.53
N VAL A 159 -36.82 25.81 -24.63
CA VAL A 159 -36.80 27.13 -24.01
C VAL A 159 -35.74 27.21 -22.93
N LEU A 160 -34.99 28.30 -22.92
CA LEU A 160 -33.94 28.51 -21.93
C LEU A 160 -34.38 29.65 -20.99
N ASN A 161 -34.52 29.33 -19.71
CA ASN A 161 -34.95 30.29 -18.70
C ASN A 161 -33.88 30.42 -17.63
N SER A 162 -33.56 31.65 -17.27
CA SER A 162 -32.58 31.92 -16.22
C SER A 162 -33.08 33.07 -15.36
N TRP A 163 -32.88 32.95 -14.04
CA TRP A 163 -33.32 33.93 -13.07
C TRP A 163 -32.13 34.59 -12.40
N THR A 164 -32.32 35.81 -11.95
CA THR A 164 -31.31 36.54 -11.20
C THR A 164 -31.65 36.52 -9.72
N ASP A 165 -30.59 36.54 -8.90
CA ASP A 165 -30.79 36.61 -7.47
C ASP A 165 -31.37 37.97 -7.09
N GLN A 166 -32.04 38.01 -5.93
CA GLN A 166 -32.63 39.24 -5.44
C GLN A 166 -31.66 40.39 -5.55
N ASP A 167 -32.08 41.47 -6.20
CA ASP A 167 -31.19 42.61 -6.39
C ASP A 167 -30.85 43.26 -5.06
N SER A 168 -29.56 43.48 -4.82
CA SER A 168 -29.12 44.01 -3.54
C SER A 168 -29.48 45.48 -3.34
N LYS A 169 -29.71 46.22 -4.42
CA LYS A 169 -29.96 47.65 -4.32
C LYS A 169 -31.46 47.96 -4.23
N ASP A 170 -32.23 47.57 -5.24
CA ASP A 170 -33.66 47.84 -5.28
C ASP A 170 -34.50 46.63 -4.93
N SER A 171 -33.87 45.51 -4.54
CA SER A 171 -34.59 44.32 -4.12
C SER A 171 -35.62 43.89 -5.16
N THR A 172 -35.18 43.82 -6.42
CA THR A 172 -36.04 43.42 -7.52
C THR A 172 -35.53 42.11 -8.12
N TYR A 173 -36.14 41.70 -9.22
CA TYR A 173 -35.83 40.43 -9.86
C TYR A 173 -35.78 40.61 -11.38
N SER A 174 -35.05 39.73 -12.04
CA SER A 174 -34.86 39.78 -13.48
C SER A 174 -35.07 38.41 -14.09
N MET A 175 -35.71 38.38 -15.26
CA MET A 175 -36.02 37.16 -15.98
C MET A 175 -35.42 37.23 -17.38
N SER A 176 -34.75 36.14 -17.80
CA SER A 176 -34.20 36.03 -19.14
C SER A 176 -34.72 34.73 -19.76
N SER A 177 -35.35 34.85 -20.92
CA SER A 177 -35.91 33.72 -21.63
C SER A 177 -35.39 33.68 -23.06
N THR A 178 -35.11 32.48 -23.54
CA THR A 178 -34.57 32.29 -24.88
C THR A 178 -35.33 31.18 -25.59
N LEU A 179 -35.40 31.27 -26.91
CA LEU A 179 -36.12 30.29 -27.72
C LEU A 179 -35.19 29.66 -28.76
N ASN A 190 -42.19 36.78 -39.30
CA ASN A 190 -41.31 37.94 -39.31
C ASN A 190 -41.64 38.89 -38.16
N SER A 191 -42.93 39.01 -37.84
CA SER A 191 -43.40 39.85 -36.74
C SER A 191 -43.32 39.04 -35.45
N TYR A 192 -42.31 39.32 -34.64
CA TYR A 192 -42.05 38.59 -33.42
C TYR A 192 -42.55 39.42 -32.23
N THR A 193 -43.40 38.82 -31.41
CA THR A 193 -44.01 39.52 -30.27
C THR A 193 -43.86 38.68 -29.02
N CYS A 194 -43.44 39.32 -27.93
CA CYS A 194 -43.29 38.69 -26.62
C CYS A 194 -44.18 39.42 -25.63
N GLU A 195 -45.00 38.66 -24.90
CA GLU A 195 -45.95 39.22 -23.96
C GLU A 195 -45.89 38.49 -22.63
N ALA A 196 -46.29 39.20 -21.57
CA ALA A 196 -46.30 38.65 -20.23
C ALA A 196 -47.01 39.60 -19.27
N ASP B 1 15.76 3.19 -31.14
CA ASP B 1 15.32 3.46 -32.50
C ASP B 1 16.20 2.61 -33.42
N ILE B 2 15.82 1.34 -33.60
CA ILE B 2 16.57 0.44 -34.46
C ILE B 2 15.60 -0.07 -35.52
N VAL B 3 14.64 0.78 -35.88
CA VAL B 3 13.44 0.36 -36.60
C VAL B 3 13.79 -0.63 -37.70
N MET B 4 13.08 -1.77 -37.71
CA MET B 4 13.36 -2.87 -38.62
C MET B 4 12.36 -2.85 -39.76
N THR B 5 12.87 -3.01 -40.97
CA THR B 5 12.04 -2.89 -42.18
C THR B 5 12.02 -4.23 -42.91
N GLN B 6 10.82 -4.70 -43.21
CA GLN B 6 10.63 -5.88 -44.05
C GLN B 6 10.17 -5.41 -45.43
N THR B 7 10.95 -5.73 -46.47
CA THR B 7 10.70 -5.15 -47.78
C THR B 7 9.32 -5.51 -48.29
N THR B 8 8.93 -6.78 -48.18
CA THR B 8 7.67 -7.27 -48.72
C THR B 8 6.67 -7.46 -47.60
N SER B 9 5.49 -6.86 -47.76
CA SER B 9 4.41 -7.02 -46.80
C SER B 9 3.49 -8.18 -47.12
N SER B 10 3.49 -8.66 -48.36
CA SER B 10 2.67 -9.82 -48.73
C SER B 10 3.28 -10.44 -49.97
N LEU B 11 3.88 -11.62 -49.83
CA LEU B 11 4.50 -12.31 -50.94
C LEU B 11 3.71 -13.57 -51.28
N SER B 12 3.32 -13.69 -52.54
CA SER B 12 2.61 -14.88 -53.01
C SER B 12 3.56 -16.07 -53.03
N ALA B 13 3.06 -17.22 -52.63
CA ALA B 13 3.86 -18.44 -52.62
C ALA B 13 2.95 -19.63 -52.91
N SER B 14 3.50 -20.60 -53.63
CA SER B 14 2.77 -21.83 -53.91
C SER B 14 2.85 -22.75 -52.69
N LEU B 15 2.42 -23.99 -52.83
CA LEU B 15 2.40 -24.93 -51.72
C LEU B 15 3.60 -25.87 -51.72
N GLY B 16 4.55 -25.71 -52.64
CA GLY B 16 5.70 -26.59 -52.69
C GLY B 16 7.01 -25.90 -53.01
N ASP B 17 7.15 -24.63 -52.65
CA ASP B 17 8.32 -23.85 -52.98
C ASP B 17 9.00 -23.33 -51.73
N ARG B 18 10.23 -22.84 -51.90
CA ARG B 18 11.02 -22.29 -50.82
C ARG B 18 10.80 -20.78 -50.76
N VAL B 19 10.21 -20.31 -49.67
CA VAL B 19 9.96 -18.90 -49.49
C VAL B 19 11.07 -18.31 -48.63
N THR B 20 11.32 -17.01 -48.82
CA THR B 20 12.38 -16.32 -48.10
C THR B 20 11.87 -14.95 -47.67
N ILE B 21 11.68 -14.77 -46.37
CA ILE B 21 11.28 -13.49 -45.80
C ILE B 21 12.55 -12.72 -45.43
N SER B 22 12.68 -11.51 -45.96
CA SER B 22 13.86 -10.69 -45.73
C SER B 22 13.54 -9.59 -44.73
N CYS B 23 14.44 -9.38 -43.77
CA CYS B 23 14.29 -8.35 -42.76
C CYS B 23 15.60 -7.61 -42.62
N ARG B 24 15.56 -6.29 -42.68
CA ARG B 24 16.74 -5.45 -42.57
C ARG B 24 16.57 -4.47 -41.42
N ALA B 25 17.65 -4.20 -40.70
CA ALA B 25 17.65 -3.30 -39.57
C ALA B 25 18.31 -1.98 -39.94
N SER B 26 17.86 -0.91 -39.29
CA SER B 26 18.38 0.43 -39.52
C SER B 26 19.66 0.71 -38.75
N GLN B 27 20.33 -0.34 -38.28
CA GLN B 27 21.52 -0.22 -37.47
C GLN B 27 22.31 -1.51 -37.63
N ASP B 28 23.25 -1.74 -36.73
CA ASP B 28 24.06 -2.96 -36.73
C ASP B 28 23.74 -3.76 -35.49
N ILE B 29 22.76 -4.65 -35.59
CA ILE B 29 22.51 -5.64 -34.57
C ILE B 29 23.37 -6.86 -34.89
N SER B 30 24.11 -7.35 -33.90
CA SER B 30 25.06 -8.41 -34.20
C SER B 30 24.35 -9.64 -34.72
N ASN B 31 23.55 -10.30 -33.88
CA ASN B 31 22.76 -11.44 -34.35
C ASN B 31 21.42 -11.56 -33.65
N TYR B 32 20.99 -10.56 -32.87
CA TYR B 32 19.79 -10.68 -32.06
C TYR B 32 18.58 -10.30 -32.92
N LEU B 33 18.11 -11.27 -33.70
CA LEU B 33 17.07 -11.05 -34.70
C LEU B 33 16.03 -12.17 -34.64
N ASN B 34 15.41 -12.30 -33.46
CA ASN B 34 14.39 -13.36 -33.24
C ASN B 34 13.27 -13.28 -34.27
N TRP B 35 12.76 -14.44 -34.69
CA TRP B 35 11.66 -14.50 -35.66
C TRP B 35 10.41 -14.99 -34.95
N PHE B 36 9.26 -14.40 -35.29
CA PHE B 36 7.99 -14.80 -34.73
C PHE B 36 7.00 -15.11 -35.85
N GLN B 37 6.04 -15.97 -35.54
CA GLN B 37 4.96 -16.29 -36.47
C GLN B 37 3.63 -16.06 -35.77
N GLN B 38 2.73 -15.34 -36.42
CA GLN B 38 1.38 -15.11 -35.92
C GLN B 38 0.39 -15.70 -36.92
N LYS B 39 -0.46 -16.59 -36.40
CA LYS B 39 -1.48 -17.24 -37.25
C LYS B 39 -2.71 -16.32 -37.34
N PRO B 40 -3.56 -16.46 -38.37
CA PRO B 40 -4.71 -15.57 -38.56
C PRO B 40 -5.63 -15.50 -37.35
N ASP B 41 -5.75 -16.58 -36.57
CA ASP B 41 -6.60 -16.56 -35.41
C ASP B 41 -6.05 -15.69 -34.28
N GLY B 42 -4.81 -15.22 -34.40
CA GLY B 42 -4.22 -14.35 -33.41
C GLY B 42 -3.19 -14.98 -32.50
N THR B 43 -2.82 -16.23 -32.74
CA THR B 43 -1.81 -16.91 -31.94
C THR B 43 -0.43 -16.65 -32.51
N VAL B 44 0.50 -16.25 -31.65
CA VAL B 44 1.87 -15.92 -32.04
C VAL B 44 2.82 -16.87 -31.35
N LYS B 45 3.69 -17.50 -32.12
CA LYS B 45 4.65 -18.48 -31.63
C LYS B 45 6.06 -18.05 -32.00
N LEU B 46 6.99 -18.27 -31.07
CA LEU B 46 8.39 -18.00 -31.36
C LEU B 46 8.92 -19.05 -32.33
N LEU B 47 9.71 -18.62 -33.30
CA LEU B 47 10.17 -19.49 -34.38
C LEU B 47 11.68 -19.73 -34.31
N ILE B 48 12.46 -18.66 -34.22
CA ILE B 48 13.91 -18.76 -34.32
C ILE B 48 14.53 -17.67 -33.45
N CYS B 49 15.29 -18.07 -32.45
CA CYS B 49 15.96 -17.11 -31.58
C CYS B 49 17.42 -16.98 -31.95
N TYR B 50 17.94 -15.75 -31.91
CA TYR B 50 19.34 -15.47 -32.20
C TYR B 50 19.70 -15.87 -33.63
N THR B 51 19.01 -15.23 -34.58
CA THR B 51 19.31 -15.39 -36.00
C THR B 51 18.94 -16.77 -36.53
N SER B 52 19.67 -17.81 -36.11
CA SER B 52 19.49 -19.14 -36.68
C SER B 52 19.21 -20.22 -35.66
N ARG B 53 19.22 -19.94 -34.37
CA ARG B 53 19.01 -20.97 -33.36
C ARG B 53 17.54 -21.40 -33.39
N LEU B 54 17.27 -22.52 -34.07
CA LEU B 54 15.90 -23.01 -34.14
C LEU B 54 15.37 -23.31 -32.75
N HIS B 55 14.14 -22.88 -32.48
CA HIS B 55 13.55 -23.09 -31.18
C HIS B 55 13.05 -24.52 -31.04
N SER B 56 12.88 -24.95 -29.80
CA SER B 56 12.47 -26.32 -29.53
C SER B 56 11.04 -26.54 -30.00
N GLY B 57 10.81 -27.67 -30.67
CA GLY B 57 9.49 -28.05 -31.11
C GLY B 57 9.09 -27.48 -32.45
N VAL B 58 9.83 -26.52 -32.99
CA VAL B 58 9.53 -25.94 -34.29
C VAL B 58 9.99 -26.90 -35.38
N PRO B 59 9.22 -27.07 -36.45
CA PRO B 59 9.63 -27.99 -37.52
C PRO B 59 10.95 -27.55 -38.14
N SER B 60 11.70 -28.53 -38.63
CA SER B 60 13.02 -28.27 -39.19
C SER B 60 12.97 -27.46 -40.48
N ARG B 61 11.79 -27.29 -41.08
CA ARG B 61 11.71 -26.57 -42.35
C ARG B 61 12.14 -25.12 -42.21
N PHE B 62 12.10 -24.55 -41.01
CA PHE B 62 12.44 -23.16 -40.79
C PHE B 62 13.95 -23.03 -40.58
N SER B 63 14.59 -22.15 -41.35
CA SER B 63 16.02 -21.90 -41.23
C SER B 63 16.27 -20.40 -41.21
N GLY B 64 16.71 -19.89 -40.07
CA GLY B 64 16.99 -18.48 -39.91
C GLY B 64 18.39 -18.07 -40.28
N SER B 65 18.69 -18.04 -41.57
CA SER B 65 20.00 -17.63 -42.04
C SER B 65 20.08 -16.11 -41.99
N GLY B 66 21.19 -15.55 -42.47
CA GLY B 66 21.34 -14.11 -42.55
C GLY B 66 22.14 -13.61 -41.36
N SER B 67 22.93 -12.56 -41.58
CA SER B 67 23.76 -11.99 -40.51
C SER B 67 24.08 -10.54 -40.88
N GLY B 68 24.84 -9.89 -40.00
CA GLY B 68 25.19 -8.49 -40.20
C GLY B 68 24.06 -7.56 -39.85
N THR B 69 23.47 -6.92 -40.87
CA THR B 69 22.26 -6.12 -40.69
C THR B 69 21.18 -6.48 -41.69
N ASP B 70 21.36 -7.57 -42.44
CA ASP B 70 20.37 -8.04 -43.41
C ASP B 70 20.12 -9.53 -43.14
N TYR B 71 19.02 -9.83 -42.47
CA TYR B 71 18.67 -11.19 -42.10
C TYR B 71 17.55 -11.71 -42.98
N SER B 72 17.33 -13.02 -42.91
CA SER B 72 16.30 -13.66 -43.70
C SER B 72 15.86 -14.94 -43.01
N LEU B 73 14.60 -15.30 -43.21
CA LEU B 73 14.04 -16.56 -42.73
C LEU B 73 13.52 -17.34 -43.93
N THR B 74 13.75 -18.64 -43.93
CA THR B 74 13.45 -19.48 -45.07
C THR B 74 12.58 -20.66 -44.64
N ILE B 75 11.72 -21.10 -45.56
CA ILE B 75 10.91 -22.30 -45.40
C ILE B 75 11.38 -23.30 -46.45
N SER B 76 11.84 -24.46 -46.01
CA SER B 76 12.33 -25.47 -46.94
C SER B 76 11.24 -25.87 -47.93
N ASN B 77 10.05 -26.17 -47.42
CA ASN B 77 8.87 -26.41 -48.23
C ASN B 77 7.68 -25.79 -47.53
N LEU B 78 6.68 -25.38 -48.31
CA LEU B 78 5.54 -24.64 -47.79
C LEU B 78 4.41 -25.61 -47.49
N GLU B 79 3.97 -25.62 -46.23
CA GLU B 79 2.80 -26.40 -45.84
C GLU B 79 1.60 -25.46 -45.69
N GLN B 80 0.41 -26.05 -45.70
CA GLN B 80 -0.81 -25.27 -45.58
C GLN B 80 -0.89 -24.55 -44.23
N GLU B 81 -0.29 -25.10 -43.18
CA GLU B 81 -0.31 -24.40 -41.91
C GLU B 81 0.75 -23.31 -41.83
N ASP B 82 1.62 -23.20 -42.84
CA ASP B 82 2.63 -22.14 -42.88
C ASP B 82 2.06 -20.77 -43.20
N ILE B 83 0.84 -20.71 -43.74
CA ILE B 83 0.24 -19.43 -44.12
C ILE B 83 -0.03 -18.64 -42.84
N ALA B 84 0.73 -17.57 -42.64
CA ALA B 84 0.56 -16.71 -41.47
C ALA B 84 1.38 -15.44 -41.71
N THR B 85 1.48 -14.62 -40.68
CA THR B 85 2.26 -13.39 -40.73
C THR B 85 3.53 -13.56 -39.91
N TYR B 86 4.67 -13.20 -40.50
CA TYR B 86 5.98 -13.43 -39.89
C TYR B 86 6.63 -12.11 -39.54
N PHE B 87 7.06 -11.98 -38.28
CA PHE B 87 7.67 -10.77 -37.77
C PHE B 87 9.12 -11.03 -37.39
N CYS B 88 9.99 -10.08 -37.72
CA CYS B 88 11.38 -10.12 -37.30
C CYS B 88 11.57 -9.13 -36.17
N GLN B 89 12.12 -9.60 -35.05
CA GLN B 89 12.31 -8.76 -33.88
C GLN B 89 13.80 -8.65 -33.58
N GLN B 90 14.20 -7.52 -33.00
CA GLN B 90 15.57 -7.30 -32.57
C GLN B 90 15.55 -6.91 -31.10
N ASP B 91 16.38 -7.58 -30.31
CA ASP B 91 16.57 -7.24 -28.90
C ASP B 91 18.00 -6.81 -28.63
N SER B 92 18.69 -6.36 -29.67
CA SER B 92 20.06 -5.88 -29.50
C SER B 92 20.12 -4.66 -28.59
N LYS B 93 19.20 -3.72 -28.78
CA LYS B 93 19.19 -2.49 -28.01
C LYS B 93 18.00 -2.48 -27.05
N HIS B 94 17.82 -1.36 -26.34
CA HIS B 94 16.80 -1.32 -25.29
C HIS B 94 15.40 -1.43 -25.87
N PRO B 95 14.93 -0.50 -26.70
CA PRO B 95 13.56 -0.61 -27.23
C PRO B 95 13.47 -1.73 -28.25
N TRP B 96 12.85 -2.84 -27.87
CA TRP B 96 12.69 -3.97 -28.77
C TRP B 96 11.72 -3.58 -29.87
N THR B 97 12.18 -3.58 -31.11
CA THR B 97 11.37 -3.17 -32.24
C THR B 97 11.06 -4.36 -33.14
N PHE B 98 9.78 -4.53 -33.45
CA PHE B 98 9.32 -5.59 -34.33
C PHE B 98 9.27 -5.10 -35.77
N GLY B 99 9.30 -6.05 -36.69
CA GLY B 99 9.19 -5.73 -38.10
C GLY B 99 7.77 -5.40 -38.48
N GLY B 100 7.60 -5.01 -39.75
CA GLY B 100 6.28 -4.70 -40.25
C GLY B 100 5.38 -5.91 -40.43
N GLY B 101 5.96 -7.09 -40.53
CA GLY B 101 5.18 -8.29 -40.75
C GLY B 101 5.06 -8.63 -42.22
N THR B 102 4.94 -9.92 -42.50
CA THR B 102 4.79 -10.40 -43.86
C THR B 102 3.65 -11.41 -43.91
N LYS B 103 2.78 -11.24 -44.92
CA LYS B 103 1.64 -12.16 -45.09
C LYS B 103 1.93 -13.09 -46.28
N LEU B 104 1.72 -14.38 -46.09
CA LEU B 104 1.94 -15.39 -47.13
C LEU B 104 0.59 -15.73 -47.76
N GLU B 105 0.35 -15.17 -48.94
CA GLU B 105 -0.83 -15.49 -49.71
C GLU B 105 -0.52 -16.60 -50.70
N ILE B 106 -1.41 -17.60 -50.76
CA ILE B 106 -1.24 -18.73 -51.67
C ILE B 106 -1.54 -18.27 -53.09
N LYS B 107 -0.61 -18.55 -54.00
CA LYS B 107 -0.78 -18.12 -55.38
C LYS B 107 -1.86 -18.95 -56.06
N ARG B 108 -2.59 -18.32 -56.97
CA ARG B 108 -3.63 -18.99 -57.75
C ARG B 108 -3.83 -18.21 -59.04
N ALA B 109 -4.83 -18.62 -59.82
CA ALA B 109 -5.14 -17.93 -61.07
C ALA B 109 -5.86 -16.62 -60.79
N ASP B 110 -5.57 -15.62 -61.63
CA ASP B 110 -6.19 -14.32 -61.46
C ASP B 110 -7.69 -14.42 -61.73
N ALA B 111 -8.47 -13.68 -60.95
CA ALA B 111 -9.92 -13.68 -61.03
C ALA B 111 -10.43 -12.25 -61.21
N ALA B 112 -11.74 -12.13 -61.38
CA ALA B 112 -12.40 -10.84 -61.52
C ALA B 112 -13.58 -10.77 -60.56
N PRO B 113 -13.75 -9.63 -59.88
CA PRO B 113 -14.85 -9.51 -58.93
C PRO B 113 -16.21 -9.50 -59.62
N THR B 114 -17.23 -9.95 -58.89
CA THR B 114 -18.59 -9.95 -59.42
C THR B 114 -19.19 -8.55 -59.46
N VAL B 115 -18.79 -7.67 -58.55
CA VAL B 115 -19.23 -6.29 -58.49
C VAL B 115 -20.75 -6.11 -58.64
N SER B 116 -21.51 -6.83 -57.82
CA SER B 116 -22.96 -6.66 -57.80
C SER B 116 -23.41 -5.36 -57.14
N ILE B 117 -24.57 -4.86 -57.58
CA ILE B 117 -25.13 -3.62 -57.05
C ILE B 117 -26.30 -3.95 -56.15
N PHE B 118 -26.44 -3.19 -55.07
CA PHE B 118 -27.53 -3.37 -54.11
C PHE B 118 -28.06 -2.01 -53.67
N PRO B 119 -29.05 -1.47 -54.36
CA PRO B 119 -29.63 -0.19 -53.96
C PRO B 119 -30.31 -0.31 -52.61
N PRO B 120 -30.38 0.77 -51.84
CA PRO B 120 -30.97 0.67 -50.50
C PRO B 120 -32.40 0.18 -50.56
N SER B 121 -32.75 -0.70 -49.63
CA SER B 121 -34.08 -1.27 -49.58
C SER B 121 -35.08 -0.25 -49.04
N SER B 122 -36.37 -0.55 -49.23
CA SER B 122 -37.41 0.34 -48.72
C SER B 122 -37.28 0.53 -47.22
N GLU B 123 -36.78 -0.48 -46.51
CA GLU B 123 -36.61 -0.34 -45.07
C GLU B 123 -35.62 0.76 -44.73
N GLN B 124 -34.57 0.92 -45.55
CA GLN B 124 -33.60 1.98 -45.31
C GLN B 124 -34.30 3.33 -45.23
N LEU B 125 -35.11 3.66 -46.25
CA LEU B 125 -35.73 4.98 -46.29
C LEU B 125 -36.74 5.14 -45.15
N THR B 126 -37.58 4.13 -44.91
CA THR B 126 -38.53 4.21 -43.81
C THR B 126 -37.82 4.30 -42.46
N SER B 127 -36.68 3.63 -42.30
CA SER B 127 -35.91 3.76 -41.07
C SER B 127 -35.35 5.17 -40.91
N GLY B 128 -34.95 5.80 -42.01
CA GLY B 128 -34.39 7.13 -41.96
C GLY B 128 -33.00 7.21 -42.56
N GLY B 129 -32.51 6.09 -43.07
CA GLY B 129 -31.19 6.01 -43.65
C GLY B 129 -31.25 5.64 -45.13
N ALA B 130 -30.06 5.68 -45.75
CA ALA B 130 -29.93 5.34 -47.17
C ALA B 130 -28.50 4.86 -47.39
N SER B 131 -28.33 3.55 -47.52
CA SER B 131 -27.02 2.94 -47.71
C SER B 131 -26.99 2.15 -49.01
N VAL B 132 -26.01 2.45 -49.85
CA VAL B 132 -25.77 1.69 -51.08
C VAL B 132 -24.50 0.87 -50.89
N VAL B 133 -24.55 -0.39 -51.33
CA VAL B 133 -23.45 -1.32 -51.11
C VAL B 133 -23.14 -2.03 -52.42
N CYS B 134 -21.84 -2.14 -52.73
CA CYS B 134 -21.36 -2.92 -53.86
C CYS B 134 -20.74 -4.22 -53.35
N PHE B 135 -21.11 -5.33 -53.97
CA PHE B 135 -20.63 -6.66 -53.58
C PHE B 135 -19.85 -7.26 -54.74
N LEU B 136 -18.55 -6.98 -54.78
CA LEU B 136 -17.64 -7.60 -55.74
C LEU B 136 -16.85 -8.67 -55.01
N ASN B 137 -16.97 -9.92 -55.45
CA ASN B 137 -16.44 -11.06 -54.72
C ASN B 137 -15.66 -11.97 -55.66
N ASN B 138 -14.80 -12.79 -55.05
CA ASN B 138 -14.01 -13.79 -55.77
C ASN B 138 -13.15 -13.14 -56.86
N PHE B 139 -12.24 -12.29 -56.41
CA PHE B 139 -11.30 -11.60 -57.28
C PHE B 139 -9.88 -11.89 -56.82
N TYR B 140 -8.94 -11.80 -57.75
CA TYR B 140 -7.55 -12.12 -57.44
C TYR B 140 -6.61 -11.44 -58.43
N PRO B 141 -5.51 -10.85 -57.96
CA PRO B 141 -5.08 -10.70 -56.56
C PRO B 141 -5.80 -9.57 -55.85
N LYS B 142 -5.26 -9.07 -54.73
CA LYS B 142 -5.89 -8.02 -53.94
C LYS B 142 -5.80 -6.66 -54.58
N ASP B 143 -5.38 -6.57 -55.84
CA ASP B 143 -5.26 -5.29 -56.53
C ASP B 143 -6.65 -4.90 -57.03
N ILE B 144 -7.34 -4.08 -56.24
CA ILE B 144 -8.66 -3.58 -56.63
C ILE B 144 -8.75 -2.09 -56.33
N ASN B 145 -9.68 -1.44 -57.01
CA ASN B 145 -9.95 -0.02 -56.85
C ASN B 145 -11.45 0.20 -56.69
N VAL B 146 -11.81 1.15 -55.83
CA VAL B 146 -13.20 1.46 -55.53
C VAL B 146 -13.51 2.86 -56.04
N LYS B 147 -14.63 2.99 -56.74
CA LYS B 147 -15.03 4.27 -57.32
C LYS B 147 -16.54 4.30 -57.43
N TRP B 148 -17.08 5.52 -57.51
CA TRP B 148 -18.52 5.72 -57.52
C TRP B 148 -18.90 6.70 -58.61
N LYS B 149 -20.02 6.43 -59.28
CA LYS B 149 -20.49 7.22 -60.40
C LYS B 149 -21.89 7.78 -60.13
N ILE B 150 -22.09 8.32 -58.92
CA ILE B 150 -23.41 8.78 -58.53
C ILE B 150 -23.87 9.88 -59.49
N ASP B 151 -24.93 9.59 -60.25
CA ASP B 151 -25.41 10.48 -61.30
C ASP B 151 -24.27 10.98 -62.16
N GLY B 152 -23.29 10.11 -62.41
CA GLY B 152 -22.10 10.49 -63.16
C GLY B 152 -21.02 11.06 -62.27
N SER B 153 -21.42 11.84 -61.28
CA SER B 153 -20.46 12.48 -60.38
C SER B 153 -19.82 11.46 -59.45
N GLU B 154 -18.59 11.77 -59.02
CA GLU B 154 -17.80 10.92 -58.16
C GLU B 154 -17.68 11.58 -56.80
N ARG B 155 -18.13 10.89 -55.75
CA ARG B 155 -18.06 11.41 -54.40
C ARG B 155 -17.08 10.57 -53.59
N GLN B 156 -16.16 11.25 -52.90
CA GLN B 156 -15.09 10.60 -52.16
C GLN B 156 -15.34 10.59 -50.66
N ASN B 157 -16.59 10.81 -50.24
CA ASN B 157 -16.92 10.92 -48.84
C ASN B 157 -18.03 9.93 -48.49
N GLY B 158 -18.04 9.50 -47.22
CA GLY B 158 -19.06 8.59 -46.75
C GLY B 158 -18.98 7.20 -47.36
N VAL B 159 -17.78 6.66 -47.50
CA VAL B 159 -17.57 5.34 -48.10
C VAL B 159 -16.99 4.41 -47.04
N LEU B 160 -17.56 3.21 -46.94
CA LEU B 160 -17.13 2.20 -45.99
C LEU B 160 -16.66 0.98 -46.76
N ASN B 161 -15.43 0.57 -46.55
CA ASN B 161 -14.84 -0.58 -47.23
C ASN B 161 -14.39 -1.61 -46.20
N SER B 162 -14.72 -2.87 -46.44
CA SER B 162 -14.32 -3.97 -45.57
C SER B 162 -13.86 -5.13 -46.45
N TRP B 163 -12.65 -5.59 -46.23
CA TRP B 163 -12.05 -6.67 -47.01
C TRP B 163 -12.11 -7.99 -46.25
N THR B 164 -12.09 -9.08 -47.00
CA THR B 164 -12.01 -10.42 -46.43
C THR B 164 -10.63 -11.01 -46.68
N ASP B 165 -10.06 -11.62 -45.65
CA ASP B 165 -8.75 -12.22 -45.79
C ASP B 165 -8.79 -13.34 -46.84
N GLN B 166 -7.61 -13.86 -47.15
CA GLN B 166 -7.50 -14.87 -48.20
C GLN B 166 -8.44 -16.02 -47.91
N ASP B 167 -9.23 -16.42 -48.91
CA ASP B 167 -10.16 -17.52 -48.71
C ASP B 167 -9.41 -18.83 -48.58
N SER B 168 -9.74 -19.58 -47.52
CA SER B 168 -9.01 -20.81 -47.23
C SER B 168 -9.31 -21.93 -48.22
N LYS B 169 -10.40 -21.82 -48.97
CA LYS B 169 -10.81 -22.88 -49.90
C LYS B 169 -10.39 -22.60 -51.34
N ASP B 170 -10.83 -21.48 -51.92
CA ASP B 170 -10.51 -21.15 -53.29
C ASP B 170 -9.44 -20.07 -53.40
N SER B 171 -8.87 -19.64 -52.28
CA SER B 171 -7.79 -18.66 -52.29
C SER B 171 -8.17 -17.41 -53.06
N THR B 172 -9.38 -16.91 -52.82
CA THR B 172 -9.89 -15.71 -53.47
C THR B 172 -10.10 -14.61 -52.44
N TYR B 173 -10.65 -13.49 -52.90
CA TYR B 173 -10.85 -12.30 -52.08
C TYR B 173 -12.22 -11.72 -52.33
N SER B 174 -12.70 -10.95 -51.35
CA SER B 174 -14.02 -10.33 -51.45
C SER B 174 -13.94 -8.88 -51.00
N MET B 175 -14.66 -8.01 -51.71
CA MET B 175 -14.70 -6.58 -51.45
C MET B 175 -16.12 -6.18 -51.08
N SER B 176 -16.25 -5.45 -49.96
CA SER B 176 -17.55 -4.95 -49.51
C SER B 176 -17.47 -3.44 -49.40
N SER B 177 -18.35 -2.74 -50.11
CA SER B 177 -18.39 -1.28 -50.11
C SER B 177 -19.79 -0.82 -49.73
N THR B 178 -19.88 0.10 -48.77
CA THR B 178 -21.14 0.64 -48.30
C THR B 178 -21.05 2.16 -48.25
N LEU B 179 -22.11 2.83 -48.73
CA LEU B 179 -22.17 4.28 -48.78
C LEU B 179 -23.37 4.75 -47.97
N THR B 180 -23.13 5.67 -47.05
CA THR B 180 -24.19 6.28 -46.25
C THR B 180 -24.36 7.72 -46.71
N LEU B 181 -25.55 8.03 -47.21
CA LEU B 181 -25.85 9.35 -47.77
C LEU B 181 -27.21 9.82 -47.27
N THR B 182 -27.48 11.10 -47.50
CA THR B 182 -28.76 11.66 -47.11
C THR B 182 -29.88 11.06 -47.95
N LYS B 183 -31.06 10.95 -47.33
CA LYS B 183 -32.21 10.39 -48.04
C LYS B 183 -32.55 11.21 -49.27
N ASP B 184 -32.54 12.55 -49.12
CA ASP B 184 -32.85 13.42 -50.26
C ASP B 184 -31.95 13.14 -51.44
N GLU B 185 -30.67 12.82 -51.19
CA GLU B 185 -29.76 12.51 -52.28
C GLU B 185 -30.22 11.29 -53.06
N TYR B 186 -30.70 10.25 -52.38
CA TYR B 186 -31.22 9.08 -53.07
C TYR B 186 -32.47 9.43 -53.85
N GLU B 187 -33.35 10.26 -53.27
CA GLU B 187 -34.63 10.55 -53.91
C GLU B 187 -34.44 11.12 -55.31
N ARG B 188 -33.35 11.83 -55.56
CA ARG B 188 -33.12 12.45 -56.85
C ARG B 188 -32.52 11.50 -57.87
N HIS B 189 -32.25 10.26 -57.50
CA HIS B 189 -31.69 9.28 -58.42
C HIS B 189 -32.41 7.95 -58.24
N ASN B 190 -32.61 7.22 -59.35
CA ASN B 190 -33.31 5.95 -59.30
C ASN B 190 -32.46 4.85 -59.91
N SER B 191 -31.64 5.19 -60.91
CA SER B 191 -30.77 4.23 -61.58
C SER B 191 -29.42 4.21 -60.87
N TYR B 192 -29.04 3.04 -60.35
CA TYR B 192 -27.80 2.87 -59.62
C TYR B 192 -26.93 1.85 -60.34
N THR B 193 -25.69 2.23 -60.63
CA THR B 193 -24.74 1.37 -61.32
C THR B 193 -23.41 1.37 -60.60
N CYS B 194 -22.76 0.21 -60.59
CA CYS B 194 -21.47 0.01 -59.95
C CYS B 194 -20.50 -0.55 -60.97
N GLU B 195 -19.33 0.06 -61.08
CA GLU B 195 -18.33 -0.30 -62.08
C GLU B 195 -17.00 -0.60 -61.42
N ALA B 196 -16.23 -1.48 -62.06
CA ALA B 196 -14.90 -1.84 -61.58
C ALA B 196 -14.13 -2.60 -62.65
N GLU C 1 -7.29 31.36 14.62
CA GLU C 1 -8.52 31.01 13.94
C GLU C 1 -8.43 29.61 13.31
N VAL C 2 -9.56 29.11 12.85
CA VAL C 2 -9.62 27.81 12.19
C VAL C 2 -10.20 28.01 10.80
N GLN C 3 -9.55 27.41 9.81
CA GLN C 3 -10.03 27.47 8.44
C GLN C 3 -9.66 26.19 7.72
N LEU C 4 -10.57 25.71 6.88
CA LEU C 4 -10.33 24.56 6.02
C LEU C 4 -10.32 25.00 4.57
N GLN C 5 -9.26 24.65 3.85
CA GLN C 5 -9.10 24.99 2.45
C GLN C 5 -9.09 23.70 1.65
N GLU C 6 -9.96 23.62 0.65
CA GLU C 6 -10.06 22.43 -0.19
C GLU C 6 -9.70 22.80 -1.63
N SER C 7 -9.55 21.77 -2.46
CA SER C 7 -9.13 21.97 -3.84
C SER C 7 -10.12 22.86 -4.59
N GLY C 8 -9.68 23.36 -5.74
CA GLY C 8 -10.51 24.21 -6.56
C GLY C 8 -11.43 23.41 -7.45
N PRO C 9 -12.19 24.14 -8.28
CA PRO C 9 -13.14 23.46 -9.17
C PRO C 9 -12.41 22.51 -10.11
N GLU C 10 -13.06 21.38 -10.39
CA GLU C 10 -12.47 20.35 -11.24
C GLU C 10 -13.48 19.89 -12.27
N LEU C 11 -12.97 19.51 -13.43
CA LEU C 11 -13.75 18.99 -14.54
C LEU C 11 -13.37 17.54 -14.78
N VAL C 12 -14.37 16.66 -14.88
CA VAL C 12 -14.13 15.25 -15.08
C VAL C 12 -15.07 14.73 -16.18
N LYS C 13 -14.63 13.65 -16.81
CA LYS C 13 -15.45 12.97 -17.81
C LYS C 13 -16.22 11.83 -17.16
N PRO C 14 -17.41 11.52 -17.66
CA PRO C 14 -18.21 10.46 -17.04
C PRO C 14 -17.44 9.14 -16.99
N GLY C 15 -17.58 8.44 -15.88
CA GLY C 15 -16.86 7.20 -15.66
C GLY C 15 -15.45 7.36 -15.13
N ALA C 16 -14.98 8.58 -14.96
CA ALA C 16 -13.65 8.84 -14.42
C ALA C 16 -13.72 8.95 -12.90
N SER C 17 -12.57 9.22 -12.28
CA SER C 17 -12.48 9.35 -10.84
C SER C 17 -11.83 10.68 -10.49
N VAL C 18 -12.26 11.25 -9.36
CA VAL C 18 -11.78 12.54 -8.89
C VAL C 18 -11.43 12.42 -7.42
N LYS C 19 -10.29 12.98 -7.04
CA LYS C 19 -9.85 13.01 -5.64
C LYS C 19 -9.72 14.47 -5.21
N MET C 20 -10.61 14.91 -4.34
CA MET C 20 -10.61 16.27 -3.80
C MET C 20 -10.00 16.25 -2.40
N SER C 21 -9.25 17.30 -2.09
CA SER C 21 -8.55 17.40 -0.82
C SER C 21 -9.17 18.48 0.05
N CYS C 22 -8.87 18.40 1.34
CA CYS C 22 -9.36 19.35 2.33
C CYS C 22 -8.29 19.50 3.40
N LYS C 23 -7.57 20.61 3.37
CA LYS C 23 -6.47 20.86 4.28
C LYS C 23 -6.93 21.79 5.41
N ALA C 24 -6.66 21.40 6.64
CA ALA C 24 -7.14 22.10 7.81
C ALA C 24 -5.98 22.75 8.56
N SER C 25 -6.17 23.99 8.98
CA SER C 25 -5.16 24.74 9.71
C SER C 25 -5.82 25.53 10.84
N GLY C 26 -5.06 25.76 11.90
CA GLY C 26 -5.54 26.52 13.04
C GLY C 26 -5.97 25.69 14.23
N TYR C 27 -5.83 24.36 14.16
CA TYR C 27 -6.24 23.50 15.25
C TYR C 27 -5.51 22.17 15.10
N THR C 28 -5.74 21.27 16.05
CA THR C 28 -5.10 19.95 16.05
C THR C 28 -5.90 19.05 15.12
N PHE C 29 -5.28 18.65 14.01
CA PHE C 29 -6.01 17.91 12.98
C PHE C 29 -6.60 16.63 13.52
N THR C 30 -5.81 15.86 14.27
CA THR C 30 -6.21 14.51 14.64
C THR C 30 -7.27 14.47 15.74
N ASN C 31 -7.64 15.62 16.31
CA ASN C 31 -8.58 15.67 17.42
C ASN C 31 -10.02 15.89 16.97
N TYR C 32 -10.29 15.82 15.68
CA TYR C 32 -11.62 16.15 15.19
C TYR C 32 -11.99 15.23 14.04
N PHE C 33 -13.29 15.08 13.82
CA PHE C 33 -13.79 14.30 12.70
C PHE C 33 -13.91 15.19 11.47
N ILE C 34 -13.72 14.57 10.30
CA ILE C 34 -13.87 15.26 9.02
C ILE C 34 -15.11 14.71 8.34
N HIS C 35 -16.09 15.58 8.12
CA HIS C 35 -17.34 15.21 7.49
C HIS C 35 -17.43 15.82 6.11
N TRP C 36 -18.02 15.08 5.18
CA TRP C 36 -18.17 15.51 3.80
C TRP C 36 -19.64 15.67 3.49
N VAL C 37 -20.00 16.82 2.90
CA VAL C 37 -21.38 17.13 2.56
C VAL C 37 -21.42 17.51 1.08
N LYS C 38 -22.37 16.94 0.35
CA LYS C 38 -22.57 17.23 -1.05
C LYS C 38 -23.85 18.05 -1.22
N GLN C 39 -23.75 19.17 -1.92
CA GLN C 39 -24.89 20.04 -2.17
C GLN C 39 -25.10 20.13 -3.69
N LYS C 40 -25.98 19.31 -4.21
CA LYS C 40 -26.35 19.45 -5.60
C LYS C 40 -27.20 20.70 -5.77
N PRO C 41 -27.05 21.43 -6.88
CA PRO C 41 -27.80 22.68 -7.04
C PRO C 41 -29.30 22.44 -6.97
N GLY C 42 -30.00 23.41 -6.37
CA GLY C 42 -31.43 23.30 -6.20
C GLY C 42 -31.81 22.63 -4.91
N GLN C 43 -31.39 21.38 -4.74
CA GLN C 43 -31.66 20.65 -3.51
C GLN C 43 -30.75 21.13 -2.39
N GLY C 44 -31.11 20.77 -1.16
CA GLY C 44 -30.30 21.11 -0.01
C GLY C 44 -29.11 20.19 0.13
N LEU C 45 -28.32 20.46 1.16
CA LEU C 45 -27.16 19.62 1.43
C LEU C 45 -27.60 18.19 1.73
N GLU C 46 -26.63 17.29 1.78
CA GLU C 46 -26.95 15.90 2.09
C GLU C 46 -25.68 15.17 2.51
N TRP C 47 -25.70 14.63 3.72
CA TRP C 47 -24.50 14.10 4.34
C TRP C 47 -23.93 12.93 3.54
N ILE C 48 -22.60 12.88 3.46
CA ILE C 48 -21.92 11.82 2.71
C ILE C 48 -21.32 10.82 3.69
N GLY C 49 -20.44 11.29 4.55
CA GLY C 49 -19.78 10.41 5.50
C GLY C 49 -18.71 11.17 6.24
N TYR C 50 -17.95 10.44 7.04
CA TYR C 50 -16.88 11.07 7.81
C TYR C 50 -15.74 10.08 8.00
N ILE C 51 -14.59 10.61 8.37
CA ILE C 51 -13.42 9.80 8.66
C ILE C 51 -12.78 10.32 9.94
N ASN C 52 -12.38 9.41 10.81
CA ASN C 52 -11.67 9.82 12.01
C ASN C 52 -10.18 9.85 11.71
N PRO C 53 -9.56 11.02 11.66
CA PRO C 53 -8.15 11.13 11.29
C PRO C 53 -7.20 10.82 12.44
N TYR C 54 -7.58 9.84 13.26
CA TYR C 54 -6.72 9.39 14.34
C TYR C 54 -6.51 7.90 14.25
N ASN C 55 -7.54 7.17 13.80
CA ASN C 55 -7.42 5.75 13.53
C ASN C 55 -7.98 5.38 12.16
N ASP C 56 -8.49 6.35 11.41
CA ASP C 56 -8.96 6.13 10.04
C ASP C 56 -10.09 5.11 10.01
N ILE C 57 -11.17 5.42 10.72
CA ILE C 57 -12.42 4.67 10.61
C ILE C 57 -13.42 5.57 9.91
N THR C 58 -14.01 5.07 8.83
CA THR C 58 -14.91 5.85 8.01
C THR C 58 -16.32 5.29 8.07
N LYS C 59 -17.30 6.16 8.28
CA LYS C 59 -18.70 5.82 8.19
C LYS C 59 -19.32 6.55 7.02
N PHE C 60 -20.08 5.83 6.21
CA PHE C 60 -20.64 6.37 4.99
C PHE C 60 -22.16 6.30 5.01
N ASN C 61 -22.80 7.34 4.49
CA ASN C 61 -24.21 7.22 4.14
C ASN C 61 -24.38 6.08 3.15
N GLU C 62 -25.39 5.25 3.37
CA GLU C 62 -25.56 4.08 2.53
C GLU C 62 -25.77 4.42 1.07
N LYS C 63 -26.16 5.66 0.76
CA LYS C 63 -26.30 6.06 -0.63
C LYS C 63 -24.96 6.16 -1.33
N PHE C 64 -23.91 6.55 -0.60
CA PHE C 64 -22.59 6.78 -1.18
C PHE C 64 -21.63 5.63 -0.91
N LYS C 65 -22.09 4.55 -0.29
CA LYS C 65 -21.22 3.42 -0.03
C LYS C 65 -20.73 2.85 -1.36
N GLY C 66 -19.44 3.01 -1.62
CA GLY C 66 -18.85 2.58 -2.88
C GLY C 66 -18.53 3.74 -3.79
N LYS C 67 -19.42 4.73 -3.84
CA LYS C 67 -19.18 5.89 -4.69
C LYS C 67 -18.06 6.76 -4.16
N ALA C 68 -17.90 6.84 -2.84
CA ALA C 68 -16.91 7.72 -2.23
C ALA C 68 -15.94 6.91 -1.38
N THR C 69 -14.69 7.35 -1.38
CA THR C 69 -13.62 6.72 -0.60
C THR C 69 -12.90 7.82 0.17
N LEU C 70 -12.95 7.75 1.50
CA LEU C 70 -12.40 8.78 2.36
C LEU C 70 -11.04 8.36 2.89
N THR C 71 -10.07 9.25 2.79
CA THR C 71 -8.72 9.04 3.29
C THR C 71 -8.21 10.32 3.92
N SER C 72 -7.13 10.20 4.69
CA SER C 72 -6.55 11.36 5.35
C SER C 72 -5.05 11.17 5.47
N ASP C 73 -4.34 12.29 5.58
CA ASP C 73 -2.89 12.29 5.74
C ASP C 73 -2.55 13.17 6.94
N LYS C 74 -2.08 12.53 8.02
CA LYS C 74 -1.75 13.27 9.23
C LYS C 74 -0.65 14.29 8.97
N SER C 75 0.38 13.88 8.21
CA SER C 75 1.53 14.75 7.99
C SER C 75 1.12 16.04 7.30
N SER C 76 0.31 15.93 6.24
CA SER C 76 -0.11 17.08 5.47
C SER C 76 -1.32 17.78 6.07
N ARG C 77 -1.95 17.21 7.08
CA ARG C 77 -3.15 17.81 7.68
C ARG C 77 -4.24 18.00 6.63
N THR C 78 -4.37 17.02 5.74
CA THR C 78 -5.31 17.11 4.63
C THR C 78 -6.10 15.82 4.55
N ALA C 79 -7.40 15.93 4.25
CA ALA C 79 -8.28 14.80 4.07
C ALA C 79 -8.75 14.75 2.63
N TYR C 80 -8.73 13.57 2.02
CA TYR C 80 -9.09 13.38 0.63
C TYR C 80 -10.36 12.56 0.50
N MET C 81 -11.19 12.92 -0.47
CA MET C 81 -12.36 12.14 -0.84
C MET C 81 -12.22 11.70 -2.29
N GLU C 82 -12.37 10.40 -2.52
CA GLU C 82 -12.19 9.81 -3.84
C GLU C 82 -13.56 9.44 -4.40
N LEU C 83 -13.94 10.08 -5.50
CA LEU C 83 -15.20 9.82 -6.17
C LEU C 83 -14.93 9.02 -7.43
N SER C 84 -15.64 7.90 -7.59
CA SER C 84 -15.42 6.98 -8.68
C SER C 84 -16.66 6.86 -9.54
N SER C 85 -16.45 6.55 -10.82
CA SER C 85 -17.53 6.38 -11.79
C SER C 85 -18.46 7.60 -11.80
N LEU C 86 -17.86 8.76 -11.98
CA LEU C 86 -18.61 10.01 -11.93
C LEU C 86 -19.65 10.06 -13.04
N THR C 87 -20.81 10.60 -12.72
CA THR C 87 -21.92 10.77 -13.65
C THR C 87 -22.44 12.20 -13.56
N SER C 88 -23.58 12.44 -14.19
CA SER C 88 -24.19 13.77 -14.12
C SER C 88 -24.58 14.11 -12.70
N GLU C 89 -25.09 13.14 -11.95
CA GLU C 89 -25.52 13.41 -10.58
C GLU C 89 -24.34 13.82 -9.69
N ASP C 90 -23.18 13.24 -9.92
CA ASP C 90 -22.02 13.52 -9.07
C ASP C 90 -21.54 14.95 -9.23
N SER C 91 -22.05 15.68 -10.23
CA SER C 91 -21.67 17.07 -10.42
C SER C 91 -22.40 17.94 -9.40
N ALA C 92 -21.67 18.46 -8.42
CA ALA C 92 -22.24 19.33 -7.40
C ALA C 92 -21.09 19.91 -6.58
N VAL C 93 -21.43 20.68 -5.56
CA VAL C 93 -20.45 21.29 -4.66
C VAL C 93 -20.27 20.39 -3.45
N TYR C 94 -19.01 20.18 -3.06
CA TYR C 94 -18.68 19.28 -1.97
C TYR C 94 -17.98 20.06 -0.86
N TYR C 95 -18.47 19.93 0.36
CA TYR C 95 -17.92 20.60 1.52
C TYR C 95 -17.25 19.60 2.45
N CYS C 96 -16.23 20.07 3.17
CA CYS C 96 -15.63 19.34 4.26
C CYS C 96 -15.78 20.17 5.52
N ALA C 97 -16.29 19.56 6.58
CA ALA C 97 -16.44 20.23 7.87
C ALA C 97 -15.92 19.33 8.96
N ARG C 98 -15.38 19.94 10.01
CA ARG C 98 -14.90 19.19 11.16
C ARG C 98 -16.00 19.09 12.20
N CYS C 99 -15.81 18.17 13.15
CA CYS C 99 -16.80 17.95 14.19
C CYS C 99 -16.11 17.25 15.36
N ASP C 100 -16.26 17.81 16.55
CA ASP C 100 -15.64 17.24 17.75
C ASP C 100 -16.33 15.94 18.12
N GLY C 101 -15.65 14.82 17.92
CA GLY C 101 -16.27 13.52 18.16
C GLY C 101 -16.41 13.15 19.61
N TYR C 102 -15.75 13.86 20.52
CA TYR C 102 -15.77 13.54 21.95
C TYR C 102 -16.42 14.66 22.75
N TYR C 103 -17.42 15.30 22.17
CA TYR C 103 -18.18 16.34 22.83
C TYR C 103 -19.66 15.96 22.79
N ARG C 104 -20.33 16.02 23.94
CA ARG C 104 -21.70 15.54 24.01
C ARG C 104 -22.64 16.30 23.09
N TYR C 105 -22.29 17.52 22.70
CA TYR C 105 -23.16 18.32 21.85
C TYR C 105 -22.46 18.70 20.55
N TYR C 106 -21.78 17.74 19.93
CA TYR C 106 -20.96 18.06 18.78
C TYR C 106 -21.81 18.47 17.59
N ALA C 107 -21.20 19.27 16.72
CA ALA C 107 -21.79 19.70 15.45
C ALA C 107 -20.64 19.87 14.46
N MET C 108 -20.89 20.57 13.36
CA MET C 108 -19.83 20.81 12.39
C MET C 108 -19.03 22.07 12.72
N ASP C 109 -19.70 23.22 12.78
CA ASP C 109 -19.16 24.47 13.29
C ASP C 109 -18.01 25.06 12.48
N TYR C 110 -17.53 24.35 11.47
CA TYR C 110 -16.43 24.86 10.64
C TYR C 110 -16.46 24.12 9.32
N TRP C 111 -16.71 24.83 8.23
CA TRP C 111 -16.88 24.25 6.91
C TRP C 111 -15.80 24.74 5.97
N GLY C 112 -15.62 24.00 4.88
CA GLY C 112 -14.76 24.42 3.81
C GLY C 112 -15.42 25.49 2.96
N GLN C 113 -14.80 25.78 1.83
CA GLN C 113 -15.29 26.82 0.94
C GLN C 113 -16.06 26.29 -0.26
N GLY C 114 -16.12 24.97 -0.43
CA GLY C 114 -16.79 24.38 -1.56
C GLY C 114 -15.82 23.95 -2.65
N THR C 115 -16.18 22.89 -3.35
CA THR C 115 -15.34 22.35 -4.42
C THR C 115 -16.25 21.87 -5.55
N SER C 116 -16.54 22.76 -6.50
CA SER C 116 -17.43 22.41 -7.59
C SER C 116 -16.79 21.36 -8.48
N VAL C 117 -17.52 20.28 -8.75
CA VAL C 117 -17.09 19.24 -9.67
C VAL C 117 -18.16 19.11 -10.75
N THR C 118 -17.73 19.20 -12.00
CA THR C 118 -18.63 19.09 -13.14
C THR C 118 -18.25 17.85 -13.94
N VAL C 119 -19.20 16.94 -14.13
CA VAL C 119 -18.99 15.72 -14.89
C VAL C 119 -19.63 15.95 -16.26
N SER C 120 -18.79 16.06 -17.29
CA SER C 120 -19.26 16.27 -18.65
C SER C 120 -18.28 15.58 -19.60
N SER C 121 -18.52 15.77 -20.90
CA SER C 121 -17.70 15.16 -21.93
C SER C 121 -17.00 16.16 -22.83
N ALA C 122 -17.56 17.35 -23.01
CA ALA C 122 -16.97 18.32 -23.93
C ALA C 122 -15.62 18.79 -23.40
N LYS C 123 -14.89 19.50 -24.26
CA LYS C 123 -13.61 20.09 -23.91
C LYS C 123 -13.71 21.61 -24.04
N THR C 124 -12.59 22.29 -23.81
CA THR C 124 -12.57 23.74 -23.84
C THR C 124 -13.08 24.25 -25.18
N THR C 125 -13.97 25.24 -25.12
CA THR C 125 -14.54 25.84 -26.32
C THR C 125 -14.55 27.36 -26.17
N ALA C 126 -14.34 28.04 -27.28
CA ALA C 126 -14.34 29.50 -27.27
C ALA C 126 -15.77 30.02 -27.22
N PRO C 127 -16.07 30.95 -26.31
CA PRO C 127 -17.42 31.51 -26.27
C PRO C 127 -17.73 32.29 -27.55
N SER C 128 -19.01 32.33 -27.88
CA SER C 128 -19.49 33.05 -29.06
C SER C 128 -20.34 34.22 -28.61
N VAL C 129 -20.00 35.41 -29.09
CA VAL C 129 -20.71 36.64 -28.72
C VAL C 129 -21.67 37.02 -29.83
N TYR C 130 -22.93 37.23 -29.48
CA TYR C 130 -23.98 37.59 -30.43
C TYR C 130 -24.57 38.92 -30.00
N PRO C 131 -24.08 40.03 -30.54
CA PRO C 131 -24.66 41.33 -30.18
C PRO C 131 -26.15 41.36 -30.49
N LEU C 132 -26.92 41.96 -29.58
CA LEU C 132 -28.37 42.02 -29.68
C LEU C 132 -28.83 43.47 -29.64
N ALA C 133 -29.69 43.83 -30.59
CA ALA C 133 -30.22 45.18 -30.70
C ALA C 133 -31.73 45.14 -30.89
N PRO C 134 -32.43 46.22 -30.56
CA PRO C 134 -33.90 46.34 -30.67
C PRO C 134 -34.45 45.78 -31.98
N VAL C 144 -34.46 51.42 -23.02
CA VAL C 144 -33.96 50.41 -23.92
C VAL C 144 -32.82 49.63 -23.24
N THR C 145 -32.50 48.47 -23.80
CA THR C 145 -31.44 47.62 -23.27
C THR C 145 -30.76 46.89 -24.42
N LEU C 146 -29.75 46.09 -24.09
CA LEU C 146 -29.02 45.34 -25.09
C LEU C 146 -28.07 44.38 -24.39
N GLY C 147 -27.91 43.19 -24.97
CA GLY C 147 -26.99 42.20 -24.45
C GLY C 147 -26.40 41.40 -25.60
N CYS C 148 -25.30 40.70 -25.30
CA CYS C 148 -24.59 39.96 -26.34
C CYS C 148 -24.81 38.45 -26.28
N LEU C 149 -25.50 37.94 -25.27
CA LEU C 149 -25.94 36.54 -25.26
C LEU C 149 -24.81 35.59 -25.63
N VAL C 150 -23.79 35.56 -24.78
CA VAL C 150 -22.67 34.66 -24.98
C VAL C 150 -23.20 33.24 -25.13
N LYS C 151 -22.85 32.58 -26.23
CA LYS C 151 -23.35 31.24 -26.50
C LYS C 151 -22.45 30.16 -25.89
N GLY C 152 -22.61 28.92 -26.36
CA GLY C 152 -21.98 27.76 -25.79
C GLY C 152 -20.49 27.89 -25.50
N TYR C 153 -20.09 27.44 -24.33
CA TYR C 153 -18.69 27.37 -23.93
C TYR C 153 -18.56 26.35 -22.81
N PHE C 154 -17.53 25.53 -22.88
CA PHE C 154 -17.44 24.49 -21.86
C PHE C 154 -17.01 25.06 -20.51
N PRO C 155 -15.85 25.70 -20.42
CA PRO C 155 -15.36 26.17 -19.11
C PRO C 155 -16.34 27.16 -18.51
N GLU C 156 -16.50 27.08 -17.19
CA GLU C 156 -17.53 27.89 -16.52
C GLU C 156 -17.17 29.36 -16.42
N PRO C 157 -16.01 29.76 -15.91
CA PRO C 157 -15.79 31.18 -15.58
C PRO C 157 -15.54 32.07 -16.80
N VAL C 158 -16.62 32.47 -17.46
CA VAL C 158 -16.50 33.42 -18.56
C VAL C 158 -16.08 34.79 -18.07
N THR C 159 -16.57 35.21 -16.91
CA THR C 159 -16.23 36.52 -16.36
C THR C 159 -16.56 37.63 -17.35
N LEU C 160 -17.74 37.53 -17.95
CA LEU C 160 -18.20 38.57 -18.86
C LEU C 160 -18.23 39.91 -18.13
N THR C 161 -17.82 40.97 -18.83
CA THR C 161 -17.79 42.30 -18.26
C THR C 161 -18.04 43.32 -19.37
N TRP C 162 -18.47 44.51 -18.96
CA TRP C 162 -18.69 45.62 -19.86
C TRP C 162 -17.68 46.72 -19.57
N ASN C 163 -17.56 47.64 -20.51
CA ASN C 163 -16.64 48.77 -20.32
C ASN C 163 -17.08 49.61 -19.14
N SER C 164 -16.10 50.22 -18.47
CA SER C 164 -16.40 51.08 -17.34
C SER C 164 -17.36 52.18 -17.78
N GLY C 165 -18.41 52.39 -16.99
CA GLY C 165 -19.42 53.35 -17.34
C GLY C 165 -20.78 52.72 -17.60
N SER C 166 -20.78 51.58 -18.28
CA SER C 166 -22.00 50.83 -18.50
C SER C 166 -22.38 49.96 -17.30
N LEU C 167 -21.46 49.79 -16.35
CA LEU C 167 -21.72 48.97 -15.17
C LEU C 167 -22.50 49.71 -14.10
N SER C 168 -22.79 51.00 -14.30
CA SER C 168 -23.47 51.78 -13.27
C SER C 168 -24.84 51.20 -12.94
N SER C 169 -25.61 50.84 -13.97
CA SER C 169 -26.96 50.36 -13.76
C SER C 169 -27.37 49.44 -14.90
N GLY C 170 -28.40 48.64 -14.65
CA GLY C 170 -28.91 47.75 -15.68
C GLY C 170 -27.89 46.77 -16.21
N VAL C 171 -27.05 46.22 -15.34
CA VAL C 171 -26.00 45.31 -15.77
C VAL C 171 -26.30 43.87 -15.33
N HIS C 172 -27.58 43.51 -15.19
CA HIS C 172 -27.93 42.16 -14.79
C HIS C 172 -27.21 41.12 -15.64
N THR C 173 -26.37 40.33 -15.00
CA THR C 173 -25.63 39.26 -15.66
C THR C 173 -26.21 37.94 -15.17
N PHE C 174 -27.13 37.38 -15.94
CA PHE C 174 -27.80 36.15 -15.52
C PHE C 174 -26.78 35.01 -15.46
N PRO C 175 -26.95 34.08 -14.52
CA PRO C 175 -25.97 33.01 -14.37
C PRO C 175 -25.91 32.11 -15.60
N ALA C 176 -24.74 31.53 -15.82
CA ALA C 176 -24.49 30.70 -16.98
C ALA C 176 -25.23 29.38 -16.80
N VAL C 177 -26.34 29.23 -17.51
CA VAL C 177 -27.13 27.99 -17.43
C VAL C 177 -26.52 26.95 -18.37
N LEU C 178 -26.31 25.75 -17.84
CA LEU C 178 -25.77 24.64 -18.63
C LEU C 178 -26.90 23.98 -19.41
N GLN C 179 -26.62 23.66 -20.67
CA GLN C 179 -27.57 22.97 -21.53
C GLN C 179 -26.82 22.33 -22.68
N SER C 180 -27.13 21.06 -22.93
CA SER C 180 -26.44 20.25 -23.92
C SER C 180 -24.93 20.31 -23.72
N ASP C 181 -24.48 20.33 -22.46
CA ASP C 181 -23.08 20.52 -22.12
C ASP C 181 -22.62 21.74 -22.94
N LEU C 182 -23.27 22.88 -22.71
CA LEU C 182 -22.86 24.14 -23.31
C LEU C 182 -23.44 25.27 -22.46
N TYR C 183 -22.61 25.89 -21.63
CA TYR C 183 -23.06 27.01 -20.82
C TYR C 183 -23.46 28.18 -21.71
N THR C 184 -24.60 28.78 -21.39
CA THR C 184 -25.17 29.86 -22.19
C THR C 184 -25.43 31.07 -21.29
N LEU C 185 -24.42 31.92 -21.13
CA LEU C 185 -24.58 33.12 -20.35
C LEU C 185 -25.37 34.16 -21.14
N SER C 186 -26.00 35.09 -20.41
CA SER C 186 -26.77 36.15 -21.04
C SER C 186 -26.73 37.38 -20.15
N SER C 187 -26.39 38.52 -20.73
CA SER C 187 -26.34 39.78 -20.00
C SER C 187 -27.19 40.83 -20.71
N SER C 188 -27.43 41.92 -20.00
CA SER C 188 -28.18 43.05 -20.55
C SER C 188 -27.73 44.32 -19.88
N VAL C 189 -27.79 45.42 -20.63
CA VAL C 189 -27.44 46.74 -20.12
C VAL C 189 -28.58 47.69 -20.44
N THR C 190 -28.99 48.48 -19.44
CA THR C 190 -30.08 49.43 -19.57
C THR C 190 -29.52 50.83 -19.67
N VAL C 191 -29.94 51.57 -20.70
CA VAL C 191 -29.50 52.94 -20.92
C VAL C 191 -30.64 53.70 -21.56
N THR C 192 -30.77 54.98 -21.20
CA THR C 192 -31.82 55.80 -21.77
C THR C 192 -31.65 55.93 -23.28
N SER C 193 -32.79 55.98 -23.98
CA SER C 193 -32.75 56.02 -25.45
C SER C 193 -32.00 57.25 -25.94
N SER C 194 -32.14 58.38 -25.24
CA SER C 194 -31.50 59.61 -25.68
C SER C 194 -29.98 59.49 -25.71
N THR C 195 -29.41 58.52 -24.99
CA THR C 195 -27.96 58.34 -24.94
C THR C 195 -27.47 57.23 -25.86
N TRP C 196 -28.25 56.89 -26.89
CA TRP C 196 -27.79 55.86 -27.83
C TRP C 196 -27.75 56.38 -29.26
N PRO C 197 -27.23 57.60 -29.50
CA PRO C 197 -27.05 58.03 -30.89
C PRO C 197 -25.73 57.52 -31.43
N SER C 198 -24.79 57.29 -30.51
CA SER C 198 -23.48 56.75 -30.86
C SER C 198 -22.94 56.07 -29.60
N GLN C 199 -22.91 54.75 -29.61
CA GLN C 199 -22.50 53.97 -28.46
C GLN C 199 -21.08 53.45 -28.66
N SER C 200 -20.23 53.67 -27.66
CA SER C 200 -18.90 53.10 -27.62
C SER C 200 -18.81 52.01 -26.55
N ILE C 201 -19.90 51.27 -26.38
CA ILE C 201 -20.04 50.28 -25.33
C ILE C 201 -20.04 48.88 -25.96
N THR C 202 -19.22 48.00 -25.40
CA THR C 202 -19.08 46.63 -25.89
C THR C 202 -18.83 45.71 -24.71
N CYS C 203 -19.44 44.53 -24.74
CA CYS C 203 -19.25 43.55 -23.68
C CYS C 203 -17.95 42.79 -23.94
N ASN C 204 -16.95 43.01 -23.09
CA ASN C 204 -15.64 42.39 -23.26
C ASN C 204 -15.65 41.03 -22.60
N VAL C 205 -16.01 40.01 -23.38
CA VAL C 205 -15.96 38.63 -22.88
C VAL C 205 -14.51 38.24 -22.66
N ALA C 206 -14.21 37.70 -21.48
CA ALA C 206 -12.83 37.42 -21.12
C ALA C 206 -12.65 35.96 -20.71
N HIS C 207 -13.19 35.04 -21.50
CA HIS C 207 -13.05 33.63 -21.20
C HIS C 207 -11.57 33.27 -21.04
N PRO C 208 -11.12 32.96 -19.83
CA PRO C 208 -9.67 32.73 -19.62
C PRO C 208 -9.20 31.37 -20.11
N ALA C 209 -10.06 30.36 -20.01
CA ALA C 209 -9.65 29.02 -20.42
C ALA C 209 -9.27 28.98 -21.90
N SER C 210 -10.06 29.62 -22.74
CA SER C 210 -9.72 29.79 -24.14
C SER C 210 -8.93 31.07 -24.41
N SER C 211 -8.81 31.95 -23.42
CA SER C 211 -8.07 33.20 -23.56
C SER C 211 -8.54 33.99 -24.78
N THR C 212 -9.85 34.07 -24.96
CA THR C 212 -10.46 34.73 -26.10
C THR C 212 -11.10 36.03 -25.63
N LYS C 213 -10.32 37.12 -25.65
CA LYS C 213 -10.80 38.42 -25.22
C LYS C 213 -11.57 39.07 -26.36
N VAL C 214 -12.75 38.54 -26.62
CA VAL C 214 -13.62 39.01 -27.70
C VAL C 214 -14.45 40.18 -27.18
N ASP C 215 -14.70 41.15 -28.06
CA ASP C 215 -15.49 42.33 -27.72
C ASP C 215 -16.83 42.32 -28.43
N LYS C 216 -16.84 42.25 -29.75
CA LYS C 216 -18.08 42.20 -30.53
C LYS C 216 -18.97 43.39 -30.21
N LYS C 217 -18.45 44.57 -30.54
CA LYS C 217 -19.15 45.83 -30.30
C LYS C 217 -20.63 45.72 -30.67
N ILE C 218 -21.50 45.97 -29.70
CA ILE C 218 -22.94 45.96 -29.94
C ILE C 218 -23.33 47.30 -30.54
N GLU C 219 -24.06 47.25 -31.64
CA GLU C 219 -24.45 48.44 -32.38
C GLU C 219 -25.96 48.53 -32.53
N PRO C 220 -26.49 49.74 -32.76
CA PRO C 220 -27.94 49.86 -32.99
C PRO C 220 -28.30 49.36 -34.38
N ARG C 221 -29.42 48.65 -34.47
CA ARG C 221 -29.91 48.12 -35.73
C ARG C 221 -31.04 48.97 -36.28
N GLU D 1 3.15 -28.72 -20.24
CA GLU D 1 2.57 -27.66 -21.06
C GLU D 1 2.49 -26.36 -20.28
N VAL D 2 2.98 -25.28 -20.89
CA VAL D 2 2.96 -23.95 -20.29
C VAL D 2 2.10 -23.04 -21.15
N GLN D 3 1.20 -22.31 -20.51
CA GLN D 3 0.32 -21.40 -21.21
C GLN D 3 0.04 -20.20 -20.31
N LEU D 4 -0.34 -19.09 -20.94
CA LEU D 4 -0.72 -17.88 -20.22
C LEU D 4 -2.12 -17.50 -20.62
N GLN D 5 -2.94 -17.12 -19.64
CA GLN D 5 -4.33 -16.73 -19.86
C GLN D 5 -4.48 -15.27 -19.48
N GLU D 6 -5.05 -14.48 -20.37
CA GLU D 6 -5.32 -13.07 -20.11
C GLU D 6 -6.82 -12.83 -20.03
N SER D 7 -7.19 -11.66 -19.53
CA SER D 7 -8.59 -11.30 -19.40
C SER D 7 -9.25 -11.21 -20.78
N GLY D 8 -10.57 -11.26 -20.78
CA GLY D 8 -11.32 -11.18 -22.01
C GLY D 8 -11.39 -9.77 -22.53
N PRO D 9 -12.02 -9.64 -23.71
CA PRO D 9 -12.13 -8.30 -24.32
C PRO D 9 -12.85 -7.34 -23.39
N GLU D 10 -12.40 -6.10 -23.38
CA GLU D 10 -12.97 -5.07 -22.53
C GLU D 10 -13.21 -3.79 -23.32
N LEU D 11 -14.32 -3.12 -23.00
CA LEU D 11 -14.70 -1.86 -23.62
C LEU D 11 -14.67 -0.79 -22.54
N VAL D 12 -13.98 0.32 -22.79
CA VAL D 12 -13.83 1.38 -21.82
C VAL D 12 -14.15 2.72 -22.47
N LYS D 13 -14.63 3.66 -21.65
CA LYS D 13 -14.88 5.01 -22.12
C LYS D 13 -13.58 5.80 -22.17
N PRO D 14 -13.46 6.73 -23.10
CA PRO D 14 -12.22 7.50 -23.21
C PRO D 14 -11.91 8.23 -21.91
N GLY D 15 -10.62 8.28 -21.58
CA GLY D 15 -10.17 8.93 -20.36
C GLY D 15 -10.25 8.09 -19.11
N ALA D 16 -10.75 6.85 -19.20
CA ALA D 16 -10.84 5.98 -18.05
C ALA D 16 -9.56 5.16 -17.93
N SER D 17 -9.52 4.24 -16.96
CA SER D 17 -8.37 3.38 -16.74
C SER D 17 -8.81 1.92 -16.80
N VAL D 18 -7.93 1.08 -17.32
CA VAL D 18 -8.22 -0.34 -17.53
C VAL D 18 -7.07 -1.17 -16.98
N LYS D 19 -7.41 -2.23 -16.25
CA LYS D 19 -6.43 -3.22 -15.79
C LYS D 19 -6.66 -4.53 -16.51
N MET D 20 -5.60 -5.12 -17.03
CA MET D 20 -5.63 -6.40 -17.71
C MET D 20 -4.66 -7.36 -17.02
N SER D 21 -5.07 -8.60 -16.86
CA SER D 21 -4.29 -9.59 -16.14
C SER D 21 -3.74 -10.65 -17.08
N CYS D 22 -2.70 -11.34 -16.61
CA CYS D 22 -2.07 -12.41 -17.38
C CYS D 22 -1.65 -13.49 -16.38
N LYS D 23 -2.37 -14.61 -16.39
CA LYS D 23 -2.13 -15.70 -15.45
C LYS D 23 -1.32 -16.79 -16.13
N ALA D 24 -0.19 -17.14 -15.53
CA ALA D 24 0.76 -18.08 -16.12
C ALA D 24 0.71 -19.40 -15.36
N SER D 25 0.61 -20.50 -16.09
CA SER D 25 0.58 -21.84 -15.51
C SER D 25 1.47 -22.77 -16.31
N GLY D 26 1.99 -23.79 -15.64
CA GLY D 26 2.84 -24.77 -16.26
C GLY D 26 4.32 -24.58 -16.04
N TYR D 27 4.72 -23.60 -15.23
CA TYR D 27 6.14 -23.32 -15.00
C TYR D 27 6.25 -22.48 -13.74
N THR D 28 7.49 -22.27 -13.30
CA THR D 28 7.75 -21.48 -12.10
C THR D 28 7.61 -20.01 -12.47
N PHE D 29 6.56 -19.37 -11.94
CA PHE D 29 6.21 -18.02 -12.37
C PHE D 29 7.35 -17.04 -12.11
N THR D 30 7.92 -17.07 -10.91
CA THR D 30 8.88 -16.05 -10.53
C THR D 30 10.24 -16.23 -11.20
N ASN D 31 10.40 -17.25 -12.04
CA ASN D 31 11.69 -17.56 -12.63
C ASN D 31 11.88 -16.92 -14.00
N TYR D 32 10.90 -16.18 -14.50
CA TYR D 32 10.94 -15.63 -15.84
C TYR D 32 10.49 -14.18 -15.83
N PHE D 33 10.65 -13.51 -16.96
CA PHE D 33 10.22 -12.14 -17.15
C PHE D 33 8.89 -12.11 -17.89
N ILE D 34 8.04 -11.15 -17.53
CA ILE D 34 6.75 -10.95 -18.19
C ILE D 34 6.86 -9.71 -19.06
N HIS D 35 6.69 -9.89 -20.36
CA HIS D 35 6.80 -8.81 -21.33
C HIS D 35 5.43 -8.53 -21.93
N TRP D 36 5.10 -7.25 -22.08
CA TRP D 36 3.82 -6.83 -22.62
C TRP D 36 4.04 -6.24 -24.00
N VAL D 37 3.25 -6.69 -24.96
CA VAL D 37 3.33 -6.23 -26.34
C VAL D 37 1.95 -5.77 -26.78
N LYS D 38 1.90 -4.60 -27.41
CA LYS D 38 0.65 -4.04 -27.91
C LYS D 38 0.66 -4.09 -29.42
N GLN D 39 -0.39 -4.65 -30.01
CA GLN D 39 -0.53 -4.75 -31.46
C GLN D 39 -1.78 -4.00 -31.87
N LYS D 40 -1.59 -2.84 -32.46
CA LYS D 40 -2.73 -2.09 -33.00
C LYS D 40 -3.06 -2.60 -34.39
N PRO D 41 -4.33 -2.70 -34.75
CA PRO D 41 -4.68 -3.27 -36.06
C PRO D 41 -4.03 -2.52 -37.20
N GLY D 42 -3.64 -3.27 -38.23
CA GLY D 42 -2.96 -2.69 -39.36
C GLY D 42 -1.47 -2.56 -39.15
N GLN D 43 -1.09 -1.95 -38.02
CA GLN D 43 0.31 -1.79 -37.68
C GLN D 43 0.90 -3.09 -37.14
N GLY D 44 2.20 -3.10 -36.94
CA GLY D 44 2.88 -4.20 -36.32
C GLY D 44 2.81 -4.12 -34.81
N LEU D 45 3.59 -4.98 -34.16
CA LEU D 45 3.61 -5.03 -32.71
C LEU D 45 4.50 -3.94 -32.14
N GLU D 46 4.32 -3.66 -30.86
CA GLU D 46 5.05 -2.60 -30.17
C GLU D 46 5.36 -3.08 -28.75
N TRP D 47 6.65 -3.14 -28.42
CA TRP D 47 7.07 -3.61 -27.11
C TRP D 47 6.74 -2.56 -26.07
N ILE D 48 5.91 -2.91 -25.08
CA ILE D 48 5.52 -1.96 -24.06
C ILE D 48 6.55 -1.91 -22.94
N GLY D 49 6.85 -3.07 -22.35
CA GLY D 49 7.78 -3.13 -21.24
C GLY D 49 7.76 -4.51 -20.63
N TYR D 50 8.39 -4.64 -19.47
CA TYR D 50 8.43 -5.93 -18.80
C TYR D 50 8.51 -5.74 -17.30
N ILE D 51 8.13 -6.78 -16.58
CA ILE D 51 8.15 -6.82 -15.13
C ILE D 51 8.92 -8.06 -14.71
N ASN D 52 9.83 -7.90 -13.75
CA ASN D 52 10.54 -9.04 -13.20
C ASN D 52 9.76 -9.55 -12.00
N PRO D 53 9.04 -10.66 -12.12
CA PRO D 53 8.17 -11.13 -11.04
C PRO D 53 8.92 -11.84 -9.92
N TYR D 54 10.10 -11.33 -9.61
CA TYR D 54 10.91 -11.81 -8.51
C TYR D 54 11.32 -10.68 -7.58
N ASN D 55 11.56 -9.50 -8.10
CA ASN D 55 11.82 -8.32 -7.28
C ASN D 55 11.14 -7.07 -7.82
N ASP D 56 10.30 -7.19 -8.84
CA ASP D 56 9.42 -6.11 -9.30
C ASP D 56 10.22 -4.87 -9.73
N ILE D 57 11.04 -5.05 -10.76
CA ILE D 57 11.65 -3.95 -11.49
C ILE D 57 11.10 -3.96 -12.90
N THR D 58 10.58 -2.82 -13.34
CA THR D 58 9.93 -2.69 -14.63
C THR D 58 10.75 -1.80 -15.55
N LYS D 59 10.86 -2.21 -16.81
CA LYS D 59 11.46 -1.40 -17.85
C LYS D 59 10.38 -1.09 -18.88
N PHE D 60 10.28 0.18 -19.26
CA PHE D 60 9.22 0.64 -20.14
C PHE D 60 9.79 1.26 -21.41
N ASN D 61 9.11 1.00 -22.52
CA ASN D 61 9.38 1.74 -23.74
C ASN D 61 9.01 3.20 -23.53
N GLU D 62 9.83 4.11 -24.07
CA GLU D 62 9.59 5.52 -23.85
C GLU D 62 8.20 5.93 -24.34
N LYS D 63 7.73 5.35 -25.44
CA LYS D 63 6.42 5.72 -25.96
C LYS D 63 5.32 5.43 -24.94
N PHE D 64 5.41 4.29 -24.27
CA PHE D 64 4.36 3.86 -23.37
C PHE D 64 4.66 4.17 -21.91
N LYS D 65 5.68 4.97 -21.65
CA LYS D 65 5.96 5.37 -20.27
C LYS D 65 4.85 6.28 -19.76
N GLY D 66 4.32 5.96 -18.58
CA GLY D 66 3.24 6.72 -18.01
C GLY D 66 1.87 6.14 -18.35
N LYS D 67 1.70 5.71 -19.61
CA LYS D 67 0.43 5.13 -20.01
C LYS D 67 0.23 3.73 -19.44
N ALA D 68 1.30 3.04 -19.08
CA ALA D 68 1.24 1.67 -18.61
C ALA D 68 1.86 1.55 -17.23
N THR D 69 1.23 0.76 -16.37
CA THR D 69 1.73 0.49 -15.03
C THR D 69 1.74 -1.01 -14.83
N LEU D 70 2.93 -1.59 -14.74
CA LEU D 70 3.08 -3.03 -14.64
C LEU D 70 3.20 -3.47 -13.19
N THR D 71 2.49 -4.53 -12.85
CA THR D 71 2.53 -5.10 -11.51
C THR D 71 2.32 -6.60 -11.60
N SER D 72 2.70 -7.30 -10.54
CA SER D 72 2.58 -8.75 -10.50
C SER D 72 2.30 -9.19 -9.08
N ASP D 73 1.73 -10.38 -8.95
CA ASP D 73 1.43 -10.98 -7.66
C ASP D 73 1.83 -12.44 -7.69
N LYS D 74 2.89 -12.78 -6.95
CA LYS D 74 3.37 -14.16 -6.96
C LYS D 74 2.31 -15.12 -6.46
N SER D 75 1.62 -14.77 -5.37
CA SER D 75 0.60 -15.64 -4.83
C SER D 75 -0.51 -15.88 -5.84
N SER D 76 -1.03 -14.81 -6.44
CA SER D 76 -2.08 -14.94 -7.43
C SER D 76 -1.58 -15.57 -8.72
N ARG D 77 -0.28 -15.51 -8.99
CA ARG D 77 0.31 -16.13 -10.18
C ARG D 77 0.00 -15.33 -11.45
N THR D 78 -0.30 -14.03 -11.30
CA THR D 78 -0.75 -13.22 -12.41
C THR D 78 0.05 -11.93 -12.49
N ALA D 79 0.11 -11.37 -13.69
CA ALA D 79 0.74 -10.09 -13.95
C ALA D 79 -0.30 -9.14 -14.52
N TYR D 80 -0.33 -7.92 -14.03
CA TYR D 80 -1.34 -6.94 -14.42
C TYR D 80 -0.69 -5.75 -15.11
N MET D 81 -1.43 -5.15 -16.04
CA MET D 81 -1.02 -3.94 -16.72
C MET D 81 -2.10 -2.88 -16.54
N GLU D 82 -1.68 -1.65 -16.26
CA GLU D 82 -2.58 -0.52 -16.09
C GLU D 82 -2.46 0.41 -17.29
N LEU D 83 -3.60 0.75 -17.87
CA LEU D 83 -3.66 1.69 -18.98
C LEU D 83 -4.54 2.86 -18.57
N SER D 84 -3.89 3.98 -18.23
CA SER D 84 -4.58 5.15 -17.71
C SER D 84 -4.82 6.15 -18.83
N SER D 85 -5.88 6.94 -18.67
CA SER D 85 -6.26 7.96 -19.65
C SER D 85 -6.31 7.38 -21.06
N LEU D 86 -7.20 6.40 -21.23
CA LEU D 86 -7.32 5.73 -22.51
C LEU D 86 -7.68 6.71 -23.61
N THR D 87 -7.55 6.25 -24.85
CA THR D 87 -7.80 7.09 -26.02
C THR D 87 -8.20 6.19 -27.17
N SER D 88 -8.75 6.81 -28.22
CA SER D 88 -9.15 6.06 -29.40
C SER D 88 -7.98 5.29 -30.02
N GLU D 89 -6.75 5.78 -29.82
CA GLU D 89 -5.58 5.09 -30.36
C GLU D 89 -5.05 4.01 -29.43
N ASP D 90 -5.56 3.92 -28.21
CA ASP D 90 -5.20 2.86 -27.29
C ASP D 90 -6.02 1.60 -27.49
N SER D 91 -6.92 1.58 -28.46
CA SER D 91 -7.74 0.41 -28.74
C SER D 91 -6.95 -0.55 -29.61
N ALA D 92 -6.46 -1.62 -29.01
CA ALA D 92 -5.69 -2.63 -29.74
C ALA D 92 -5.56 -3.86 -28.86
N VAL D 93 -5.01 -4.92 -29.44
CA VAL D 93 -4.79 -6.17 -28.73
C VAL D 93 -3.50 -6.08 -27.93
N TYR D 94 -3.51 -6.67 -26.74
CA TYR D 94 -2.36 -6.65 -25.85
C TYR D 94 -1.96 -8.08 -25.50
N TYR D 95 -0.68 -8.38 -25.63
CA TYR D 95 -0.15 -9.70 -25.36
C TYR D 95 0.79 -9.66 -24.16
N CYS D 96 0.83 -10.77 -23.43
CA CYS D 96 1.84 -10.99 -22.40
C CYS D 96 2.64 -12.22 -22.80
N ALA D 97 3.96 -12.08 -22.79
CA ALA D 97 4.84 -13.18 -23.14
C ALA D 97 5.93 -13.30 -22.09
N ARG D 98 6.35 -14.53 -21.81
CA ARG D 98 7.42 -14.75 -20.86
C ARG D 98 8.76 -14.78 -21.58
N CYS D 99 9.83 -14.51 -20.83
CA CYS D 99 11.17 -14.49 -21.39
C CYS D 99 12.16 -14.83 -20.28
N ASP D 100 13.08 -15.75 -20.56
CA ASP D 100 14.04 -16.19 -19.56
C ASP D 100 15.13 -15.15 -19.42
N GLY D 101 15.13 -14.42 -18.30
CA GLY D 101 16.05 -13.30 -18.14
C GLY D 101 17.49 -13.71 -17.91
N TYR D 102 17.73 -14.95 -17.48
CA TYR D 102 19.07 -15.42 -17.14
C TYR D 102 19.59 -16.42 -18.16
N TYR D 103 19.13 -16.33 -19.41
CA TYR D 103 19.61 -17.18 -20.48
C TYR D 103 20.24 -16.29 -21.54
N ARG D 104 21.45 -16.64 -21.97
CA ARG D 104 22.19 -15.75 -22.86
C ARG D 104 21.53 -15.58 -24.21
N TYR D 105 20.60 -16.45 -24.58
CA TYR D 105 19.92 -16.34 -25.86
C TYR D 105 18.42 -16.19 -25.66
N TYR D 106 18.01 -15.38 -24.69
CA TYR D 106 16.61 -15.34 -24.32
C TYR D 106 15.77 -14.69 -25.42
N ALA D 107 14.49 -15.03 -25.41
CA ALA D 107 13.49 -14.44 -26.29
C ALA D 107 12.14 -14.56 -25.59
N MET D 108 11.07 -14.23 -26.30
CA MET D 108 9.72 -14.44 -25.80
C MET D 108 9.20 -15.73 -26.43
N ASP D 109 9.28 -16.82 -25.66
CA ASP D 109 9.01 -18.14 -26.21
C ASP D 109 7.54 -18.50 -26.13
N TYR D 110 6.83 -18.01 -25.11
CA TYR D 110 5.41 -18.33 -24.92
C TYR D 110 4.63 -17.03 -24.78
N TRP D 111 3.54 -16.92 -25.53
CA TRP D 111 2.72 -15.72 -25.57
C TRP D 111 1.32 -16.02 -25.04
N GLY D 112 0.62 -14.95 -24.66
CA GLY D 112 -0.77 -15.04 -24.27
C GLY D 112 -1.66 -15.12 -25.50
N GLN D 113 -2.96 -15.06 -25.26
CA GLN D 113 -3.94 -15.17 -26.33
C GLN D 113 -4.46 -13.83 -26.85
N GLY D 114 -4.09 -12.73 -26.21
CA GLY D 114 -4.56 -11.43 -26.62
C GLY D 114 -5.70 -10.93 -25.75
N THR D 115 -5.81 -9.60 -25.67
CA THR D 115 -6.85 -8.98 -24.84
C THR D 115 -7.33 -7.72 -25.58
N SER D 116 -8.33 -7.89 -26.43
CA SER D 116 -8.83 -6.75 -27.20
C SER D 116 -9.33 -5.66 -26.26
N VAL D 117 -8.90 -4.43 -26.49
CA VAL D 117 -9.34 -3.28 -25.72
C VAL D 117 -9.92 -2.26 -26.69
N THR D 118 -11.16 -1.86 -26.45
CA THR D 118 -11.84 -0.87 -27.28
C THR D 118 -12.17 0.34 -26.43
N VAL D 119 -11.66 1.50 -26.82
CA VAL D 119 -11.89 2.74 -26.11
C VAL D 119 -12.89 3.55 -26.93
N SER D 120 -14.13 3.61 -26.45
CA SER D 120 -15.17 4.38 -27.12
C SER D 120 -16.16 4.86 -26.08
N SER D 121 -17.15 5.63 -26.53
CA SER D 121 -18.16 6.18 -25.66
C SER D 121 -19.56 5.68 -25.94
N ALA D 122 -19.79 5.01 -27.06
CA ALA D 122 -21.12 4.54 -27.40
C ALA D 122 -21.62 3.55 -26.35
N LYS D 123 -22.89 3.18 -26.46
CA LYS D 123 -23.52 2.24 -25.56
C LYS D 123 -24.16 1.11 -26.37
N THR D 124 -24.47 0.02 -25.67
CA THR D 124 -25.02 -1.15 -26.33
C THR D 124 -26.24 -0.77 -27.15
N THR D 125 -26.27 -1.21 -28.40
CA THR D 125 -27.36 -0.91 -29.31
C THR D 125 -27.78 -2.17 -30.05
N ALA D 126 -29.07 -2.25 -30.34
CA ALA D 126 -29.59 -3.38 -31.10
C ALA D 126 -29.20 -3.24 -32.56
N PRO D 127 -28.58 -4.25 -33.16
CA PRO D 127 -28.25 -4.17 -34.58
C PRO D 127 -29.49 -4.05 -35.43
N SER D 128 -29.36 -3.32 -36.53
CA SER D 128 -30.46 -3.13 -37.48
C SER D 128 -30.21 -4.01 -38.70
N VAL D 129 -31.17 -4.87 -39.01
CA VAL D 129 -31.06 -5.82 -40.11
C VAL D 129 -31.96 -5.36 -41.24
N TYR D 130 -31.39 -5.27 -42.43
CA TYR D 130 -32.14 -4.82 -43.61
C TYR D 130 -32.05 -5.87 -44.71
N PRO D 131 -33.12 -6.58 -45.03
CA PRO D 131 -33.08 -7.51 -46.15
C PRO D 131 -32.70 -6.79 -47.44
N LEU D 132 -31.90 -7.45 -48.27
CA LEU D 132 -31.42 -6.88 -49.52
C LEU D 132 -31.84 -7.79 -50.68
N ALA D 133 -32.32 -7.17 -51.75
CA ALA D 133 -32.78 -7.89 -52.93
C ALA D 133 -32.22 -7.25 -54.18
N PRO D 134 -32.14 -8.01 -55.29
CA PRO D 134 -31.63 -7.51 -56.57
C PRO D 134 -32.23 -6.18 -56.97
N VAL D 144 -27.46 -15.06 -58.48
CA VAL D 144 -27.73 -13.86 -57.70
C VAL D 144 -27.39 -14.10 -56.23
N THR D 145 -27.38 -13.02 -55.44
CA THR D 145 -27.06 -13.10 -54.03
C THR D 145 -27.97 -12.14 -53.26
N LEU D 146 -27.65 -11.96 -51.98
CA LEU D 146 -28.41 -11.08 -51.10
C LEU D 146 -27.68 -10.96 -49.78
N GLY D 147 -27.84 -9.81 -49.13
CA GLY D 147 -27.16 -9.54 -47.88
C GLY D 147 -28.10 -8.89 -46.89
N CYS D 148 -27.63 -8.80 -45.64
CA CYS D 148 -28.42 -8.25 -44.55
C CYS D 148 -27.97 -6.87 -44.11
N LEU D 149 -26.66 -6.60 -44.11
CA LEU D 149 -26.14 -5.27 -43.80
C LEU D 149 -26.57 -4.81 -42.40
N VAL D 150 -26.08 -5.55 -41.40
CA VAL D 150 -26.33 -5.19 -40.01
C VAL D 150 -25.77 -3.79 -39.76
N LYS D 151 -26.59 -2.94 -39.16
CA LYS D 151 -26.21 -1.54 -38.94
C LYS D 151 -25.60 -1.37 -37.56
N GLY D 152 -25.47 -0.12 -37.12
CA GLY D 152 -24.78 0.22 -35.89
C GLY D 152 -25.10 -0.63 -34.67
N TYR D 153 -24.07 -0.92 -33.88
CA TYR D 153 -24.19 -1.69 -32.65
C TYR D 153 -22.83 -1.63 -31.94
N PHE D 154 -22.86 -1.61 -30.61
CA PHE D 154 -21.62 -1.33 -29.90
C PHE D 154 -20.67 -2.51 -29.80
N PRO D 155 -21.08 -3.63 -29.20
CA PRO D 155 -20.16 -4.74 -28.99
C PRO D 155 -20.09 -5.65 -30.22
N GLU D 156 -19.13 -6.59 -30.19
CA GLU D 156 -19.03 -7.52 -31.31
C GLU D 156 -19.26 -8.97 -30.90
N PRO D 157 -20.33 -9.29 -30.18
CA PRO D 157 -20.80 -10.67 -30.11
C PRO D 157 -21.78 -11.06 -31.20
N VAL D 158 -21.85 -10.29 -32.29
CA VAL D 158 -22.96 -10.41 -33.24
C VAL D 158 -23.09 -11.84 -33.76
N THR D 159 -21.98 -12.40 -34.24
CA THR D 159 -21.95 -13.76 -34.78
C THR D 159 -23.13 -13.99 -35.74
N LEU D 160 -23.17 -13.14 -36.76
CA LEU D 160 -24.21 -13.27 -37.77
C LEU D 160 -24.19 -14.66 -38.38
N THR D 161 -25.37 -15.23 -38.57
CA THR D 161 -25.50 -16.57 -39.13
C THR D 161 -26.82 -16.65 -39.89
N TRP D 162 -26.90 -17.66 -40.76
CA TRP D 162 -28.10 -17.94 -41.52
C TRP D 162 -28.70 -19.27 -41.08
N ASN D 163 -29.81 -19.64 -41.70
CA ASN D 163 -30.48 -20.88 -41.36
C ASN D 163 -29.58 -22.06 -41.70
N SER D 164 -29.85 -23.19 -41.05
CA SER D 164 -29.09 -24.40 -41.33
C SER D 164 -29.17 -24.73 -42.82
N GLY D 165 -28.01 -24.98 -43.43
CA GLY D 165 -27.92 -25.22 -44.84
C GLY D 165 -27.75 -23.97 -45.68
N SER D 166 -28.21 -22.81 -45.20
CA SER D 166 -28.01 -21.57 -45.94
C SER D 166 -26.53 -21.25 -46.05
N LEU D 167 -25.77 -21.53 -44.99
CA LEU D 167 -24.33 -21.26 -44.94
C LEU D 167 -23.51 -22.29 -45.71
N SER D 168 -24.14 -23.11 -46.54
CA SER D 168 -23.39 -24.15 -47.25
C SER D 168 -22.31 -23.57 -48.14
N SER D 169 -22.63 -22.49 -48.87
CA SER D 169 -21.68 -21.89 -49.78
C SER D 169 -22.04 -20.42 -49.98
N GLY D 170 -21.05 -19.65 -50.45
CA GLY D 170 -21.29 -18.24 -50.72
C GLY D 170 -21.78 -17.46 -49.52
N VAL D 171 -21.16 -17.66 -48.36
CA VAL D 171 -21.62 -17.04 -47.12
C VAL D 171 -20.61 -16.03 -46.63
N HIS D 172 -19.88 -15.39 -47.56
CA HIS D 172 -18.89 -14.39 -47.18
C HIS D 172 -19.46 -13.40 -46.18
N THR D 173 -18.90 -13.39 -44.97
CA THR D 173 -19.31 -12.46 -43.93
C THR D 173 -18.14 -11.53 -43.66
N PHE D 174 -18.21 -10.32 -44.21
CA PHE D 174 -17.11 -9.38 -44.10
C PHE D 174 -16.96 -8.92 -42.65
N PRO D 175 -15.76 -8.60 -42.20
CA PRO D 175 -15.55 -8.25 -40.79
C PRO D 175 -16.23 -6.95 -40.43
N ALA D 176 -16.58 -6.85 -39.15
CA ALA D 176 -17.25 -5.66 -38.63
C ALA D 176 -16.31 -4.46 -38.71
N VAL D 177 -16.83 -3.33 -39.14
CA VAL D 177 -16.04 -2.10 -39.25
C VAL D 177 -16.51 -1.12 -38.18
N LEU D 178 -15.60 -0.24 -37.75
CA LEU D 178 -15.93 0.74 -36.72
C LEU D 178 -17.10 1.61 -37.15
N GLN D 179 -16.92 2.39 -38.20
CA GLN D 179 -17.99 3.22 -38.76
C GLN D 179 -18.56 4.17 -37.71
N SER D 180 -17.68 5.01 -37.16
CA SER D 180 -18.07 6.03 -36.18
C SER D 180 -18.89 5.42 -35.04
N ASP D 181 -18.29 4.45 -34.36
CA ASP D 181 -18.90 3.82 -33.19
C ASP D 181 -20.21 3.11 -33.55
N LEU D 182 -20.36 2.75 -34.82
CA LEU D 182 -21.48 1.93 -35.26
C LEU D 182 -20.90 0.81 -36.14
N TYR D 183 -20.60 -0.31 -35.50
CA TYR D 183 -20.06 -1.46 -36.22
C TYR D 183 -21.08 -1.98 -37.20
N THR D 184 -20.59 -2.55 -38.30
CA THR D 184 -21.46 -2.95 -39.40
C THR D 184 -20.86 -4.13 -40.14
N LEU D 185 -21.55 -5.26 -40.09
CA LEU D 185 -21.24 -6.39 -40.96
C LEU D 185 -21.92 -6.22 -42.31
N SER D 186 -21.58 -7.11 -43.23
CA SER D 186 -22.24 -7.13 -44.54
C SER D 186 -22.06 -8.54 -45.11
N SER D 187 -23.08 -9.36 -44.97
CA SER D 187 -23.02 -10.75 -45.41
C SER D 187 -23.63 -10.89 -46.80
N SER D 188 -23.33 -12.03 -47.43
CA SER D 188 -23.88 -12.35 -48.74
C SER D 188 -24.08 -13.86 -48.84
N VAL D 189 -25.08 -14.25 -49.64
CA VAL D 189 -25.35 -15.65 -49.92
C VAL D 189 -25.58 -15.78 -51.42
N THR D 190 -24.94 -16.76 -52.03
CA THR D 190 -25.04 -16.98 -53.47
C THR D 190 -25.82 -18.27 -53.72
N VAL D 191 -26.91 -18.15 -54.47
CA VAL D 191 -27.73 -19.29 -54.85
C VAL D 191 -28.14 -19.11 -56.31
N THR D 192 -28.59 -20.21 -56.91
CA THR D 192 -29.04 -20.19 -58.29
C THR D 192 -30.48 -19.65 -58.36
N SER D 193 -30.81 -19.07 -59.51
CA SER D 193 -32.14 -18.49 -59.69
C SER D 193 -33.22 -19.56 -59.59
N SER D 194 -32.96 -20.75 -60.16
CA SER D 194 -33.95 -21.82 -60.13
C SER D 194 -34.30 -22.24 -58.71
N THR D 195 -33.44 -21.96 -57.74
CA THR D 195 -33.69 -22.32 -56.35
C THR D 195 -34.23 -21.15 -55.54
N TRP D 196 -34.64 -20.07 -56.18
CA TRP D 196 -35.12 -18.91 -55.45
C TRP D 196 -36.53 -18.52 -55.87
N PRO D 197 -37.45 -19.49 -56.06
CA PRO D 197 -38.85 -19.11 -56.27
C PRO D 197 -39.58 -18.96 -54.95
N SER D 198 -39.09 -19.67 -53.95
CA SER D 198 -39.59 -19.60 -52.58
C SER D 198 -38.40 -19.73 -51.65
N GLN D 199 -37.96 -18.61 -51.09
CA GLN D 199 -36.73 -18.56 -50.30
C GLN D 199 -37.07 -18.58 -48.82
N SER D 200 -36.51 -19.55 -48.11
CA SER D 200 -36.59 -19.62 -46.66
C SER D 200 -35.29 -19.18 -46.01
N ILE D 201 -34.42 -18.52 -46.74
CA ILE D 201 -33.09 -18.14 -46.26
C ILE D 201 -33.20 -16.74 -45.68
N THR D 202 -33.26 -16.66 -44.36
CA THR D 202 -33.26 -15.39 -43.64
C THR D 202 -32.16 -15.43 -42.60
N CYS D 203 -31.29 -14.41 -42.62
CA CYS D 203 -30.17 -14.37 -41.69
C CYS D 203 -30.67 -14.08 -40.28
N ASN D 204 -30.19 -14.86 -39.32
CA ASN D 204 -30.60 -14.74 -37.92
C ASN D 204 -29.47 -14.05 -37.16
N VAL D 205 -29.55 -12.73 -37.08
CA VAL D 205 -28.59 -11.96 -36.29
C VAL D 205 -28.82 -12.25 -34.82
N ALA D 206 -27.74 -12.56 -34.10
CA ALA D 206 -27.83 -13.02 -32.71
C ALA D 206 -26.97 -12.17 -31.80
N HIS D 207 -27.08 -10.86 -31.93
CA HIS D 207 -26.35 -9.97 -31.04
C HIS D 207 -26.75 -10.25 -29.61
N PRO D 208 -25.88 -10.87 -28.81
CA PRO D 208 -26.28 -11.28 -27.47
C PRO D 208 -26.13 -10.20 -26.42
N ALA D 209 -25.27 -9.21 -26.67
CA ALA D 209 -25.11 -8.13 -25.70
C ALA D 209 -26.43 -7.41 -25.47
N SER D 210 -27.15 -7.11 -26.55
CA SER D 210 -28.51 -6.62 -26.46
C SER D 210 -29.54 -7.74 -26.55
N SER D 211 -29.09 -8.98 -26.78
CA SER D 211 -29.98 -10.13 -26.88
C SER D 211 -31.08 -9.90 -27.92
N THR D 212 -30.71 -9.26 -29.03
CA THR D 212 -31.67 -8.90 -30.07
C THR D 212 -31.61 -9.96 -31.17
N LYS D 213 -32.24 -11.10 -30.90
CA LYS D 213 -32.32 -12.19 -31.87
C LYS D 213 -33.32 -11.79 -32.94
N VAL D 214 -32.82 -11.17 -34.01
CA VAL D 214 -33.64 -10.68 -35.10
C VAL D 214 -33.50 -11.63 -36.28
N ASP D 215 -34.58 -11.79 -37.04
CA ASP D 215 -34.62 -12.70 -38.18
C ASP D 215 -34.67 -11.95 -39.50
N LYS D 216 -35.66 -11.08 -39.68
CA LYS D 216 -35.77 -10.24 -40.87
C LYS D 216 -35.71 -11.09 -42.15
N LYS D 217 -36.73 -11.93 -42.27
CA LYS D 217 -36.90 -12.78 -43.46
C LYS D 217 -36.66 -11.98 -44.73
N ILE D 218 -35.80 -12.52 -45.59
CA ILE D 218 -35.46 -11.87 -46.85
C ILE D 218 -36.59 -12.10 -47.84
N GLU D 219 -37.09 -11.00 -48.44
CA GLU D 219 -38.18 -11.10 -49.39
C GLU D 219 -37.67 -10.92 -50.81
N PRO D 220 -38.23 -11.64 -51.78
CA PRO D 220 -37.78 -11.49 -53.17
C PRO D 220 -38.43 -10.32 -53.88
N ARG D 221 -37.89 -9.12 -53.66
CA ARG D 221 -38.42 -7.93 -54.31
C ARG D 221 -38.44 -8.10 -55.82
N PRO E 79 10.44 -40.80 34.73
CA PRO E 79 10.30 -39.58 33.93
C PRO E 79 11.14 -39.62 32.65
N PRO E 80 10.75 -38.86 31.63
CA PRO E 80 11.51 -38.87 30.38
C PRO E 80 12.92 -38.33 30.57
N HIS E 81 13.84 -38.88 29.79
CA HIS E 81 15.24 -38.46 29.86
C HIS E 81 15.98 -39.04 28.66
N GLY E 82 17.13 -38.43 28.35
CA GLY E 82 17.97 -38.94 27.29
C GLY E 82 17.68 -38.33 25.94
N LEU E 83 17.87 -39.11 24.87
CA LEU E 83 17.71 -38.57 23.52
C LEU E 83 16.28 -38.11 23.29
N LEU E 84 15.29 -38.90 23.73
CA LEU E 84 13.90 -38.56 23.47
C LEU E 84 13.55 -37.21 24.12
N ASP E 85 14.02 -36.99 25.34
CA ASP E 85 13.74 -35.73 26.01
C ASP E 85 14.35 -34.56 25.24
N ARG E 86 15.60 -34.71 24.79
CA ARG E 86 16.25 -33.63 24.06
C ARG E 86 15.50 -33.31 22.77
N VAL E 87 15.13 -34.35 22.01
CA VAL E 87 14.47 -34.11 20.73
C VAL E 87 13.10 -33.48 20.96
N ILE E 88 12.36 -33.96 21.97
CA ILE E 88 11.03 -33.40 22.22
C ILE E 88 11.13 -31.95 22.64
N THR E 89 12.09 -31.63 23.53
CA THR E 89 12.27 -30.26 23.95
C THR E 89 12.62 -29.36 22.77
N ASN E 90 13.52 -29.83 21.89
CA ASN E 90 13.96 -28.99 20.79
C ASN E 90 12.83 -28.75 19.80
N VAL E 91 12.09 -29.81 19.45
CA VAL E 91 11.00 -29.63 18.50
C VAL E 91 9.92 -28.72 19.10
N THR E 92 9.63 -28.87 20.39
CA THR E 92 8.64 -28.00 21.02
C THR E 92 9.13 -26.56 21.02
N ILE E 93 10.41 -26.34 21.25
CA ILE E 93 10.93 -24.97 21.23
C ILE E 93 10.78 -24.37 19.84
N ILE E 94 11.09 -25.15 18.79
CA ILE E 94 10.96 -24.65 17.43
C ILE E 94 9.50 -24.29 17.14
N VAL E 95 8.59 -25.22 17.41
CA VAL E 95 7.18 -24.98 17.13
C VAL E 95 6.68 -23.79 17.94
N LEU E 96 7.13 -23.67 19.18
CA LEU E 96 6.69 -22.58 20.04
C LEU E 96 7.17 -21.24 19.52
N LEU E 97 8.41 -21.17 19.05
CA LEU E 97 8.91 -19.93 18.48
C LEU E 97 8.06 -19.51 17.29
N TRP E 98 7.82 -20.45 16.38
CA TRP E 98 6.98 -20.11 15.23
C TRP E 98 5.59 -19.67 15.66
N ALA E 99 4.99 -20.39 16.61
CA ALA E 99 3.63 -20.06 17.03
C ALA E 99 3.57 -18.70 17.69
N VAL E 100 4.56 -18.37 18.51
CA VAL E 100 4.58 -17.06 19.16
C VAL E 100 4.67 -15.96 18.11
N VAL E 101 5.57 -16.12 17.15
CA VAL E 101 5.70 -15.09 16.12
C VAL E 101 4.40 -14.96 15.33
N TRP E 102 3.78 -16.09 14.99
CA TRP E 102 2.53 -16.04 14.23
C TRP E 102 1.43 -15.34 15.04
N SER E 103 1.30 -15.68 16.31
CA SER E 103 0.24 -15.09 17.12
C SER E 103 0.44 -13.58 17.23
N ILE E 104 1.68 -13.14 17.44
CA ILE E 104 1.92 -11.70 17.57
C ILE E 104 1.67 -11.00 16.25
N THR E 105 2.20 -11.53 15.15
CA THR E 105 2.16 -10.84 13.87
C THR E 105 0.92 -11.22 13.06
N GLY E 106 0.78 -12.49 12.73
CA GLY E 106 -0.39 -12.96 12.01
C GLY E 106 -0.06 -13.56 10.66
N SER E 107 -0.58 -12.95 9.59
CA SER E 107 -0.36 -13.49 8.26
C SER E 107 1.11 -13.45 7.85
N GLU E 108 1.90 -12.55 8.43
CA GLU E 108 3.31 -12.44 8.05
C GLU E 108 4.09 -13.69 8.43
N CYS E 109 3.57 -14.53 9.32
CA CYS E 109 4.23 -15.76 9.73
C CYS E 109 3.46 -16.98 9.24
N LEU E 110 2.89 -16.88 8.05
CA LEU E 110 2.21 -17.98 7.37
C LEU E 110 2.82 -18.14 6.00
N PRO E 111 2.70 -19.31 5.38
CA PRO E 111 3.30 -19.53 4.06
C PRO E 111 3.13 -18.35 3.12
N GLY E 112 4.20 -17.97 2.44
CA GLY E 112 4.20 -16.79 1.61
C GLY E 112 4.48 -15.50 2.36
N GLY E 113 4.75 -15.57 3.66
CA GLY E 113 5.01 -14.39 4.46
C GLY E 113 6.49 -14.21 4.71
N ASN E 114 6.87 -12.97 5.00
CA ASN E 114 8.29 -12.65 5.15
C ASN E 114 8.87 -13.34 6.38
N LEU E 115 8.22 -13.18 7.54
CA LEU E 115 8.75 -13.75 8.77
C LEU E 115 8.74 -15.27 8.71
N PHE E 116 7.71 -15.86 8.10
CA PHE E 116 7.69 -17.30 7.94
C PHE E 116 8.89 -17.77 7.14
N GLY E 117 9.19 -17.06 6.05
CA GLY E 117 10.35 -17.42 5.25
C GLY E 117 11.63 -17.32 6.05
N ILE E 118 11.79 -16.23 6.81
CA ILE E 118 13.02 -16.06 7.58
C ILE E 118 13.18 -17.19 8.59
N ILE E 119 12.10 -17.50 9.32
CA ILE E 119 12.19 -18.54 10.35
C ILE E 119 12.48 -19.90 9.73
N ILE E 120 11.81 -20.22 8.62
CA ILE E 120 12.02 -21.51 7.98
C ILE E 120 13.45 -21.61 7.47
N LEU E 121 13.96 -20.54 6.86
CA LEU E 121 15.34 -20.56 6.39
C LEU E 121 16.30 -20.75 7.54
N PHE E 122 16.07 -20.07 8.66
CA PHE E 122 16.92 -20.22 9.83
C PHE E 122 16.96 -21.68 10.29
N TYR E 123 15.78 -22.28 10.48
CA TYR E 123 15.73 -23.65 10.96
C TYR E 123 16.37 -24.61 9.97
N CYS E 124 16.10 -24.44 8.68
CA CYS E 124 16.66 -25.32 7.68
C CYS E 124 18.18 -25.21 7.64
N ALA E 125 18.71 -24.00 7.77
CA ALA E 125 20.15 -23.82 7.79
C ALA E 125 20.76 -24.51 8.99
N ILE E 126 20.16 -24.36 10.17
CA ILE E 126 20.69 -25.00 11.36
C ILE E 126 20.70 -26.52 11.19
N ILE E 127 19.57 -27.06 10.72
CA ILE E 127 19.46 -28.51 10.57
C ILE E 127 20.47 -29.02 9.56
N GLY E 128 20.62 -28.32 8.45
CA GLY E 128 21.58 -28.75 7.44
C GLY E 128 23.00 -28.72 7.96
N GLY E 129 23.36 -27.66 8.69
CA GLY E 129 24.68 -27.61 9.27
C GLY E 129 24.94 -28.79 10.19
N LYS E 130 23.98 -29.09 11.07
CA LYS E 130 24.16 -30.21 11.99
C LYS E 130 24.27 -31.52 11.23
N LEU E 131 23.40 -31.74 10.23
CA LEU E 131 23.44 -32.99 9.49
C LEU E 131 24.77 -33.17 8.79
N LEU E 132 25.27 -32.12 8.12
CA LEU E 132 26.54 -32.22 7.45
C LEU E 132 27.67 -32.48 8.45
N GLY E 133 27.62 -31.83 9.60
CA GLY E 133 28.62 -32.10 10.62
C GLY E 133 28.58 -33.54 11.10
N LEU E 134 27.40 -34.16 11.10
CA LEU E 134 27.29 -35.53 11.59
C LEU E 134 28.10 -36.50 10.74
N ILE E 135 28.04 -36.33 9.42
CA ILE E 135 28.63 -37.32 8.50
C ILE E 135 30.14 -37.18 8.51
N LYS E 136 30.83 -38.26 8.90
CA LYS E 136 32.28 -38.34 8.73
C LYS E 136 32.63 -39.82 8.52
N LEU E 137 32.64 -40.24 7.25
CA LEU E 137 33.05 -41.59 6.90
C LEU E 137 34.56 -41.71 6.83
N PRO E 138 35.24 -40.85 6.04
CA PRO E 138 36.67 -41.06 5.79
C PRO E 138 37.56 -40.52 6.89
N THR E 139 38.87 -40.55 6.66
CA THR E 139 39.82 -40.11 7.68
C THR E 139 39.62 -38.64 8.02
N LEU E 140 39.30 -37.81 7.02
CA LEU E 140 39.21 -36.38 7.25
C LEU E 140 38.07 -36.08 8.23
N PRO E 141 38.17 -35.00 9.00
CA PRO E 141 37.13 -34.66 9.97
C PRO E 141 35.82 -34.37 9.29
N PRO E 142 34.75 -34.13 10.07
CA PRO E 142 33.44 -33.90 9.45
C PRO E 142 33.43 -32.64 8.59
N LEU E 143 32.58 -32.65 7.58
CA LEU E 143 32.47 -31.51 6.69
C LEU E 143 31.97 -30.29 7.46
N PRO E 144 32.32 -29.08 7.00
CA PRO E 144 31.92 -27.89 7.74
C PRO E 144 30.43 -27.62 7.65
N SER E 145 29.92 -26.93 8.67
CA SER E 145 28.51 -26.54 8.66
C SER E 145 28.20 -25.50 7.60
N LEU E 146 29.21 -24.82 7.07
CA LEU E 146 28.98 -23.87 5.99
C LEU E 146 28.33 -24.56 4.80
N LEU E 147 28.81 -25.76 4.46
CA LEU E 147 28.23 -26.48 3.34
C LEU E 147 26.78 -26.80 3.61
N GLY E 148 26.46 -27.22 4.83
CA GLY E 148 25.07 -27.52 5.15
C GLY E 148 24.18 -26.31 5.02
N MET E 149 24.61 -25.17 5.56
CA MET E 149 23.81 -23.95 5.49
C MET E 149 23.62 -23.51 4.05
N LEU E 150 24.70 -23.51 3.26
CA LEU E 150 24.60 -23.10 1.87
C LEU E 150 23.66 -24.02 1.11
N LEU E 151 23.75 -25.32 1.34
CA LEU E 151 22.86 -26.24 0.64
C LEU E 151 21.41 -26.04 1.07
N ALA E 152 21.18 -25.75 2.34
CA ALA E 152 19.81 -25.49 2.79
C ALA E 152 19.23 -24.29 2.07
N GLY E 153 19.98 -23.18 2.01
CA GLY E 153 19.51 -22.02 1.28
C GLY E 153 19.30 -22.31 -0.19
N PHE E 154 20.24 -23.03 -0.80
CA PHE E 154 20.16 -23.36 -2.21
C PHE E 154 18.91 -24.17 -2.52
N LEU E 155 18.62 -25.18 -1.70
CA LEU E 155 17.43 -25.99 -1.91
C LEU E 155 16.17 -25.18 -1.69
N ILE E 156 16.14 -24.33 -0.66
CA ILE E 156 14.96 -23.51 -0.43
C ILE E 156 14.71 -22.63 -1.65
N ARG E 157 15.76 -22.11 -2.26
CA ARG E 157 15.58 -21.22 -3.40
C ARG E 157 15.14 -21.99 -4.64
N ASN E 158 15.74 -23.15 -4.91
CA ASN E 158 15.65 -23.78 -6.21
C ASN E 158 14.69 -24.97 -6.25
N ILE E 159 13.84 -25.15 -5.25
CA ILE E 159 12.77 -26.13 -5.29
C ILE E 159 11.46 -25.37 -5.39
N PRO E 160 10.74 -25.41 -6.52
CA PRO E 160 9.64 -24.44 -6.72
C PRO E 160 8.61 -24.45 -5.61
N VAL E 161 8.21 -25.61 -5.12
CA VAL E 161 7.15 -25.66 -4.12
C VAL E 161 7.59 -24.99 -2.84
N ILE E 162 8.82 -25.25 -2.41
CA ILE E 162 9.33 -24.61 -1.20
C ILE E 162 9.54 -23.11 -1.43
N ASN E 163 10.05 -22.75 -2.60
CA ASN E 163 10.36 -21.36 -2.86
C ASN E 163 9.09 -20.51 -2.87
N ASP E 164 7.99 -21.05 -3.38
CA ASP E 164 6.76 -20.28 -3.42
C ASP E 164 6.30 -19.91 -2.01
N ASN E 165 6.43 -20.83 -1.06
CA ASN E 165 5.97 -20.59 0.31
C ASN E 165 7.04 -19.99 1.20
N VAL E 166 8.27 -19.83 0.71
CA VAL E 166 9.34 -19.28 1.52
C VAL E 166 9.96 -18.10 0.79
N GLN E 167 9.44 -16.90 1.05
CA GLN E 167 9.89 -15.69 0.40
C GLN E 167 10.38 -14.70 1.46
N ILE E 168 11.56 -14.14 1.25
CA ILE E 168 12.16 -13.18 2.15
C ILE E 168 12.41 -11.89 1.37
N LYS E 169 11.92 -10.77 1.90
CA LYS E 169 12.12 -9.50 1.24
C LYS E 169 13.61 -9.19 1.12
N HIS E 170 13.98 -8.58 0.00
CA HIS E 170 15.39 -8.29 -0.23
C HIS E 170 15.96 -7.40 0.86
N LYS E 171 15.16 -6.43 1.34
CA LYS E 171 15.63 -5.55 2.39
C LYS E 171 16.01 -6.33 3.62
N TRP E 172 15.17 -7.29 4.02
CA TRP E 172 15.47 -8.08 5.22
C TRP E 172 16.72 -8.92 5.03
N SER E 173 16.89 -9.52 3.86
CA SER E 173 18.09 -10.32 3.62
C SER E 173 19.33 -9.46 3.70
N SER E 174 19.32 -8.29 3.06
CA SER E 174 20.47 -7.41 3.10
C SER E 174 20.78 -7.00 4.53
N SER E 175 19.74 -6.62 5.29
CA SER E 175 19.96 -6.18 6.66
C SER E 175 20.54 -7.30 7.51
N LEU E 176 20.01 -8.51 7.39
CA LEU E 176 20.51 -9.62 8.19
C LEU E 176 21.96 -9.95 7.84
N ARG E 177 22.29 -9.95 6.54
CA ARG E 177 23.66 -10.23 6.15
C ARG E 177 24.60 -9.15 6.67
N SER E 178 24.18 -7.89 6.62
CA SER E 178 25.01 -6.81 7.15
C SER E 178 25.21 -6.96 8.64
N ILE E 179 24.17 -7.35 9.37
CA ILE E 179 24.31 -7.52 10.83
C ILE E 179 25.28 -8.65 11.13
N ALA E 180 25.18 -9.76 10.39
CA ALA E 180 26.11 -10.86 10.61
C ALA E 180 27.54 -10.41 10.33
N LEU E 181 27.74 -9.62 9.26
CA LEU E 181 29.07 -9.11 8.97
C LEU E 181 29.58 -8.24 10.11
N SER E 182 28.71 -7.39 10.66
CA SER E 182 29.12 -6.55 11.78
C SER E 182 29.55 -7.40 12.97
N ILE E 183 28.78 -8.44 13.28
CA ILE E 183 29.12 -9.29 14.42
C ILE E 183 30.48 -9.93 14.21
N ILE E 184 30.71 -10.50 13.03
CA ILE E 184 31.97 -11.21 12.82
C ILE E 184 33.14 -10.23 12.81
N LEU E 185 32.94 -9.02 12.27
CA LEU E 185 34.01 -8.04 12.30
C LEU E 185 34.35 -7.63 13.71
N VAL E 186 33.34 -7.47 14.57
CA VAL E 186 33.61 -7.16 15.97
C VAL E 186 34.40 -8.29 16.62
N ARG E 187 33.99 -9.54 16.37
CA ARG E 187 34.73 -10.67 16.90
C ARG E 187 36.18 -10.62 16.47
N ALA E 188 36.42 -10.39 15.18
CA ALA E 188 37.79 -10.34 14.67
C ALA E 188 38.58 -9.22 15.33
N GLY E 189 37.99 -8.04 15.44
CA GLY E 189 38.70 -6.92 16.03
C GLY E 189 39.07 -7.18 17.49
N LEU E 190 38.15 -7.74 18.26
CA LEU E 190 38.45 -8.00 19.66
C LEU E 190 39.53 -9.05 19.81
N GLY E 191 39.60 -10.00 18.89
CA GLY E 191 40.54 -11.11 18.98
C GLY E 191 41.94 -10.82 18.50
N LEU E 192 42.21 -9.65 17.95
CA LEU E 192 43.55 -9.35 17.46
C LEU E 192 44.52 -9.23 18.62
N ASP E 193 45.79 -9.38 18.31
CA ASP E 193 46.88 -9.22 19.27
C ASP E 193 47.68 -7.98 18.88
N SER E 194 47.81 -7.03 19.80
CA SER E 194 48.50 -5.78 19.50
C SER E 194 49.99 -6.03 19.30
N LYS E 195 50.61 -6.79 20.19
CA LYS E 195 52.05 -7.00 20.10
C LYS E 195 52.42 -7.70 18.80
N ALA E 196 51.69 -8.76 18.44
CA ALA E 196 51.96 -9.45 17.19
C ALA E 196 51.70 -8.54 16.00
N LEU E 197 50.57 -7.83 16.01
CA LEU E 197 50.21 -6.97 14.90
C LEU E 197 51.26 -5.89 14.68
N LYS E 198 51.94 -5.47 15.73
CA LYS E 198 52.97 -4.46 15.57
C LYS E 198 54.14 -4.98 14.73
N LYS E 199 54.53 -6.23 14.94
CA LYS E 199 55.74 -6.76 14.34
C LYS E 199 55.53 -7.30 12.92
N LEU E 200 54.29 -7.42 12.47
CA LEU E 200 54.00 -7.81 11.08
C LEU E 200 53.06 -6.77 10.50
N LYS E 201 53.65 -5.69 9.97
CA LYS E 201 52.95 -4.61 9.31
C LYS E 201 53.02 -4.75 7.79
N GLY E 202 54.25 -4.81 7.25
CA GLY E 202 54.39 -5.01 5.82
C GLY E 202 53.79 -6.32 5.35
N VAL E 203 53.89 -7.36 6.17
CA VAL E 203 53.35 -8.66 5.80
C VAL E 203 51.83 -8.57 5.63
N CYS E 204 51.16 -7.89 6.57
CA CYS E 204 49.71 -7.76 6.46
C CYS E 204 49.31 -6.99 5.21
N VAL E 205 50.02 -5.91 4.91
CA VAL E 205 49.70 -5.12 3.73
C VAL E 205 49.89 -5.96 2.47
N ARG E 206 51.01 -6.68 2.39
CA ARG E 206 51.26 -7.51 1.22
C ARG E 206 50.18 -8.57 1.07
N LEU E 207 49.83 -9.25 2.16
CA LEU E 207 48.84 -10.30 2.08
C LEU E 207 47.48 -9.76 1.70
N SER E 208 47.14 -8.55 2.14
CA SER E 208 45.85 -7.98 1.80
C SER E 208 45.80 -7.48 0.36
N MET E 209 46.91 -6.97 -0.17
CA MET E 209 46.91 -6.36 -1.50
C MET E 209 47.28 -7.34 -2.60
N GLY E 210 48.47 -7.94 -2.52
CA GLY E 210 48.99 -8.73 -3.61
C GLY E 210 48.01 -9.74 -4.17
N PRO E 211 47.61 -10.72 -3.35
CA PRO E 211 46.78 -11.81 -3.87
C PRO E 211 45.53 -11.34 -4.59
N CYS E 212 44.83 -10.34 -4.05
CA CYS E 212 43.63 -9.84 -4.70
C CYS E 212 43.94 -9.30 -6.10
N ILE E 213 44.93 -8.43 -6.22
CA ILE E 213 45.27 -7.85 -7.51
C ILE E 213 45.77 -8.90 -8.50
N VAL E 214 46.66 -9.79 -8.10
CA VAL E 214 47.14 -10.82 -9.01
C VAL E 214 46.04 -11.76 -9.45
N GLU E 215 45.17 -12.19 -8.54
CA GLU E 215 44.05 -13.02 -8.95
C GLU E 215 43.08 -12.29 -9.86
N ALA E 216 42.81 -11.01 -9.62
CA ALA E 216 41.99 -10.25 -10.54
C ALA E 216 42.61 -10.15 -11.92
N CYS E 217 43.91 -9.89 -12.00
CA CYS E 217 44.58 -9.79 -13.30
C CYS E 217 44.52 -11.11 -14.04
N THR E 218 44.85 -12.22 -13.36
CA THR E 218 44.85 -13.52 -14.03
C THR E 218 43.44 -13.95 -14.39
N SER E 219 42.45 -13.61 -13.55
CA SER E 219 41.06 -13.94 -13.88
C SER E 219 40.61 -13.18 -15.11
N ALA E 220 40.98 -11.90 -15.22
CA ALA E 220 40.66 -11.15 -16.43
C ALA E 220 41.34 -11.75 -17.65
N LEU E 221 42.60 -12.16 -17.49
CA LEU E 221 43.30 -12.79 -18.60
C LEU E 221 42.59 -14.05 -19.06
N LEU E 222 42.16 -14.88 -18.10
CA LEU E 222 41.44 -16.11 -18.47
C LEU E 222 40.10 -15.78 -19.12
N ALA E 223 39.36 -14.84 -18.56
CA ALA E 223 38.04 -14.52 -19.11
C ALA E 223 38.16 -14.01 -20.53
N HIS E 224 39.18 -13.20 -20.83
CA HIS E 224 39.29 -12.66 -22.17
C HIS E 224 39.47 -13.74 -23.23
N TYR E 225 39.94 -14.92 -22.85
CA TYR E 225 40.22 -15.99 -23.81
C TYR E 225 39.22 -17.14 -23.72
N LEU E 226 39.09 -17.75 -22.55
CA LEU E 226 38.13 -18.84 -22.41
C LEU E 226 36.70 -18.35 -22.58
N LEU E 227 36.37 -17.21 -21.98
CA LEU E 227 35.00 -16.71 -21.99
C LEU E 227 34.73 -15.70 -23.10
N GLY E 228 35.76 -15.12 -23.68
CA GLY E 228 35.59 -14.16 -24.76
C GLY E 228 35.22 -12.76 -24.32
N LEU E 229 35.18 -12.49 -23.01
CA LEU E 229 34.82 -11.17 -22.54
C LEU E 229 35.86 -10.15 -22.98
N PRO E 230 35.46 -8.90 -23.19
CA PRO E 230 36.45 -7.85 -23.43
C PRO E 230 37.29 -7.61 -22.18
N TRP E 231 38.26 -6.72 -22.25
CA TRP E 231 39.17 -6.55 -21.11
C TRP E 231 38.47 -5.92 -19.92
N GLN E 232 37.63 -4.91 -20.15
CA GLN E 232 36.96 -4.25 -19.05
C GLN E 232 36.10 -5.23 -18.26
N TRP E 233 35.34 -6.06 -18.97
CA TRP E 233 34.50 -7.04 -18.30
C TRP E 233 35.34 -8.14 -17.66
N GLY E 234 36.46 -8.49 -18.27
CA GLY E 234 37.35 -9.44 -17.63
C GLY E 234 37.84 -8.92 -16.29
N PHE E 235 38.16 -7.64 -16.21
CA PHE E 235 38.61 -7.08 -14.94
C PHE E 235 37.48 -6.92 -13.95
N ILE E 236 36.27 -6.61 -14.42
CA ILE E 236 35.11 -6.61 -13.54
C ILE E 236 34.97 -7.98 -12.89
N LEU E 237 35.08 -9.04 -13.70
CA LEU E 237 35.01 -10.40 -13.18
C LEU E 237 36.12 -10.66 -12.19
N GLY E 238 37.34 -10.27 -12.54
CA GLY E 238 38.47 -10.52 -11.65
C GLY E 238 38.28 -9.86 -10.30
N PHE E 239 37.79 -8.62 -10.29
CA PHE E 239 37.64 -7.90 -9.02
C PHE E 239 36.45 -8.42 -8.23
N VAL E 240 35.37 -8.83 -8.89
CA VAL E 240 34.28 -9.47 -8.17
C VAL E 240 34.59 -10.90 -7.79
N LEU E 241 35.77 -11.41 -8.15
CA LEU E 241 36.19 -12.75 -7.78
C LEU E 241 37.45 -12.70 -6.92
N GLY E 242 37.75 -11.55 -6.33
CA GLY E 242 39.03 -11.36 -5.67
C GLY E 242 38.98 -10.83 -4.26
N ALA E 243 37.98 -11.22 -3.46
CA ALA E 243 37.88 -10.73 -2.09
C ALA E 243 37.46 -11.91 -1.21
N VAL E 244 38.28 -12.21 -0.20
CA VAL E 244 37.95 -13.31 0.70
C VAL E 244 36.92 -12.84 1.71
N SER E 245 36.20 -13.81 2.28
CA SER E 245 35.14 -13.52 3.23
C SER E 245 35.68 -13.62 4.64
N PRO E 246 35.65 -12.56 5.45
CA PRO E 246 35.94 -12.73 6.87
C PRO E 246 34.97 -13.66 7.57
N ALA E 247 33.75 -13.81 7.05
CA ALA E 247 32.77 -14.69 7.68
C ALA E 247 33.22 -16.14 7.68
N VAL E 248 34.19 -16.51 6.84
CA VAL E 248 34.66 -17.89 6.76
C VAL E 248 36.01 -18.01 7.43
N VAL E 249 36.82 -16.95 7.34
CA VAL E 249 38.18 -17.01 7.87
C VAL E 249 38.17 -16.74 9.37
N VAL E 250 37.48 -15.69 9.80
CA VAL E 250 37.58 -15.26 11.20
C VAL E 250 37.16 -16.35 12.17
N PRO E 251 36.01 -17.03 12.00
CA PRO E 251 35.64 -18.05 12.99
C PRO E 251 36.69 -19.15 13.13
N SER E 252 37.24 -19.63 12.03
CA SER E 252 38.21 -20.72 12.10
C SER E 252 39.49 -20.27 12.77
N MET E 253 40.00 -19.09 12.42
CA MET E 253 41.22 -18.61 13.04
C MET E 253 41.01 -18.28 14.51
N LEU E 254 39.80 -17.83 14.87
CA LEU E 254 39.51 -17.61 16.27
C LEU E 254 39.50 -18.94 17.03
N LEU E 255 38.95 -19.99 16.42
CA LEU E 255 39.01 -21.30 17.06
C LEU E 255 40.45 -21.75 17.24
N LEU E 256 41.28 -21.56 16.23
CA LEU E 256 42.69 -21.91 16.36
C LEU E 256 43.36 -21.11 17.47
N GLN E 257 43.10 -19.80 17.52
CA GLN E 257 43.70 -18.97 18.56
C GLN E 257 43.22 -19.39 19.95
N GLY E 258 41.99 -19.90 20.04
CA GLY E 258 41.50 -20.40 21.32
C GLY E 258 42.35 -21.53 21.85
N GLY E 259 42.73 -22.46 20.98
CA GLY E 259 43.66 -23.51 21.34
C GLY E 259 45.10 -23.10 21.30
N GLY E 260 45.39 -21.83 20.98
CA GLY E 260 46.76 -21.36 20.93
C GLY E 260 47.59 -22.10 19.91
N TYR E 261 46.99 -22.48 18.79
CA TYR E 261 47.67 -23.36 17.85
C TYR E 261 48.69 -22.66 16.98
N GLY E 262 48.61 -21.34 16.83
CA GLY E 262 49.54 -20.65 15.98
C GLY E 262 49.97 -19.29 16.52
N VAL E 263 49.57 -18.97 17.74
CA VAL E 263 49.88 -17.64 18.30
C VAL E 263 51.24 -17.78 18.98
N GLU E 264 52.28 -17.76 18.15
CA GLU E 264 53.63 -17.46 18.57
C GLU E 264 54.35 -16.53 17.61
N LYS E 265 53.98 -16.52 16.33
CA LYS E 265 54.38 -15.53 15.36
C LYS E 265 53.24 -14.63 14.95
N GLY E 266 52.01 -14.97 15.32
CA GLY E 266 50.87 -14.14 15.06
C GLY E 266 50.08 -14.49 13.82
N VAL E 267 50.02 -15.76 13.44
CA VAL E 267 49.29 -16.14 12.23
C VAL E 267 47.81 -15.80 12.32
N PRO E 268 47.09 -16.17 13.39
CA PRO E 268 45.67 -15.79 13.46
C PRO E 268 45.45 -14.30 13.38
N THR E 269 46.30 -13.50 14.01
CA THR E 269 46.17 -12.05 13.94
C THR E 269 46.39 -11.57 12.52
N LEU E 270 47.39 -12.12 11.84
CA LEU E 270 47.68 -11.72 10.46
C LEU E 270 46.49 -12.00 9.56
N LEU E 271 45.88 -13.18 9.73
CA LEU E 271 44.77 -13.53 8.84
C LEU E 271 43.51 -12.76 9.18
N MET E 272 43.27 -12.49 10.46
CA MET E 272 42.05 -11.79 10.84
C MET E 272 42.13 -10.31 10.48
N ALA E 273 43.30 -9.70 10.65
CA ALA E 273 43.48 -8.29 10.34
C ALA E 273 43.34 -8.02 8.85
N ALA E 274 44.08 -8.77 8.03
CA ALA E 274 44.05 -8.57 6.59
C ALA E 274 42.69 -8.90 6.01
N GLY E 275 41.91 -9.70 6.73
CA GLY E 275 40.63 -10.14 6.20
C GLY E 275 39.69 -9.00 5.91
N SER E 276 39.74 -7.96 6.74
CA SER E 276 38.77 -6.87 6.64
C SER E 276 39.23 -5.73 5.73
N PHE E 277 40.47 -5.72 5.28
CA PHE E 277 40.99 -4.60 4.45
C PHE E 277 41.05 -5.04 3.01
N ASP E 278 40.48 -6.19 2.66
CA ASP E 278 40.59 -6.80 1.30
C ASP E 278 39.35 -6.50 0.46
N ASP E 279 38.28 -6.00 1.06
CA ASP E 279 37.03 -5.68 0.36
C ASP E 279 36.97 -4.21 0.00
N ILE E 280 38.00 -3.42 0.31
CA ILE E 280 38.05 -1.99 -0.07
C ILE E 280 38.85 -1.95 -1.36
N LEU E 281 39.79 -2.85 -1.57
CA LEU E 281 40.56 -2.90 -2.83
C LEU E 281 39.68 -3.60 -3.82
N ALA E 282 38.87 -4.57 -3.38
CA ALA E 282 38.09 -5.32 -4.35
C ALA E 282 36.89 -4.51 -4.83
N ILE E 283 36.14 -3.93 -3.90
CA ILE E 283 34.95 -3.16 -4.27
C ILE E 283 35.35 -1.93 -5.07
N THR E 284 36.45 -1.28 -4.67
CA THR E 284 36.90 -0.11 -5.41
C THR E 284 37.27 -0.47 -6.85
N GLY E 285 38.02 -1.55 -7.03
CA GLY E 285 38.39 -1.98 -8.37
C GLY E 285 37.17 -2.35 -9.18
N PHE E 286 36.24 -3.07 -8.57
CA PHE E 286 35.02 -3.45 -9.27
C PHE E 286 34.20 -2.23 -9.68
N ASN E 287 34.06 -1.25 -8.79
CA ASN E 287 33.30 -0.05 -9.11
C ASN E 287 33.95 0.74 -10.23
N THR E 288 35.27 0.96 -10.17
CA THR E 288 35.92 1.73 -11.21
C THR E 288 35.86 1.00 -12.54
N CYS E 289 36.05 -0.32 -12.54
CA CYS E 289 35.98 -1.07 -13.80
C CYS E 289 34.57 -1.07 -14.36
N LEU E 290 33.56 -1.17 -13.50
CA LEU E 290 32.18 -1.08 -13.97
C LEU E 290 31.91 0.29 -14.58
N GLY E 291 32.38 1.35 -13.94
CA GLY E 291 32.20 2.67 -14.52
C GLY E 291 32.88 2.80 -15.87
N ILE E 292 34.08 2.25 -16.01
CA ILE E 292 34.76 2.28 -17.30
C ILE E 292 33.94 1.51 -18.34
N ALA E 293 33.45 0.33 -17.96
CA ALA E 293 32.72 -0.50 -18.92
C ALA E 293 31.47 0.19 -19.41
N PHE E 294 30.72 0.84 -18.51
CA PHE E 294 29.50 1.52 -18.89
C PHE E 294 29.73 2.99 -19.21
N SER E 295 30.97 3.45 -19.21
CA SER E 295 31.30 4.82 -19.60
C SER E 295 30.44 5.83 -18.85
N THR E 296 30.28 5.60 -17.54
CA THR E 296 29.49 6.47 -16.68
C THR E 296 30.40 7.15 -15.68
N GLY E 297 30.10 8.41 -15.38
CA GLY E 297 30.84 9.12 -14.37
C GLY E 297 32.30 9.27 -14.74
N SER E 298 33.15 9.27 -13.72
CA SER E 298 34.59 9.42 -13.90
C SER E 298 35.31 8.35 -13.10
N THR E 299 36.45 7.91 -13.63
CA THR E 299 37.26 6.92 -12.93
C THR E 299 38.02 7.54 -11.76
N VAL E 300 38.37 8.82 -11.87
CA VAL E 300 39.15 9.46 -10.81
C VAL E 300 38.35 9.46 -9.50
N PHE E 301 37.08 9.83 -9.57
CA PHE E 301 36.27 9.85 -8.35
C PHE E 301 36.05 8.44 -7.83
N ASN E 302 35.85 7.46 -8.72
CA ASN E 302 35.66 6.10 -8.27
C ASN E 302 36.88 5.58 -7.54
N VAL E 303 38.08 5.91 -8.04
CA VAL E 303 39.31 5.51 -7.36
C VAL E 303 39.44 6.23 -6.03
N LEU E 304 39.22 7.55 -6.02
CA LEU E 304 39.35 8.32 -4.81
C LEU E 304 38.34 7.93 -3.74
N ARG E 305 37.23 7.32 -4.15
CA ARG E 305 36.25 6.88 -3.17
C ARG E 305 36.87 5.83 -2.24
N GLY E 306 37.71 4.96 -2.77
CA GLY E 306 38.35 3.96 -1.93
C GLY E 306 39.30 4.57 -0.92
N VAL E 307 40.11 5.52 -1.35
CA VAL E 307 41.02 6.19 -0.43
C VAL E 307 40.23 6.91 0.65
N LEU E 308 39.16 7.60 0.25
CA LEU E 308 38.32 8.27 1.24
C LEU E 308 37.70 7.27 2.19
N GLU E 309 37.25 6.13 1.69
CA GLU E 309 36.68 5.11 2.56
C GLU E 309 37.70 4.68 3.60
N VAL E 310 38.94 4.42 3.17
CA VAL E 310 39.97 4.02 4.12
C VAL E 310 40.18 5.10 5.16
N VAL E 311 40.30 6.35 4.72
CA VAL E 311 40.63 7.43 5.64
C VAL E 311 39.53 7.62 6.67
N ILE E 312 38.28 7.72 6.21
CA ILE E 312 37.19 7.99 7.15
C ILE E 312 36.95 6.79 8.03
N GLY E 313 37.12 5.57 7.51
CA GLY E 313 36.99 4.40 8.35
C GLY E 313 38.01 4.40 9.48
N VAL E 314 39.27 4.68 9.15
CA VAL E 314 40.31 4.71 10.17
C VAL E 314 40.01 5.79 11.20
N ALA E 315 39.63 6.98 10.74
CA ALA E 315 39.41 8.08 11.67
C ALA E 315 38.23 7.81 12.59
N THR E 316 37.10 7.39 12.02
CA THR E 316 35.93 7.10 12.83
C THR E 316 36.20 5.96 13.79
N GLY E 317 36.86 4.90 13.33
CA GLY E 317 37.20 3.81 14.21
C GLY E 317 38.09 4.27 15.34
N SER E 318 39.07 5.11 15.05
CA SER E 318 39.97 5.59 16.09
C SER E 318 39.21 6.36 17.16
N VAL E 319 38.38 7.32 16.74
CA VAL E 319 37.69 8.14 17.73
C VAL E 319 36.72 7.28 18.54
N LEU E 320 35.96 6.42 17.88
CA LEU E 320 34.99 5.60 18.60
C LEU E 320 35.70 4.62 19.55
N GLY E 321 36.80 4.01 19.11
CA GLY E 321 37.50 3.08 19.95
C GLY E 321 38.11 3.75 21.17
N PHE E 322 38.75 4.90 20.98
CA PHE E 322 39.26 5.64 22.13
C PHE E 322 38.14 6.10 23.03
N PHE E 323 36.94 6.32 22.49
CA PHE E 323 35.82 6.71 23.33
C PHE E 323 35.36 5.55 24.20
N ILE E 324 34.90 4.46 23.60
CA ILE E 324 34.40 3.33 24.38
C ILE E 324 35.51 2.66 25.18
N GLN E 325 36.77 2.95 24.87
CA GLN E 325 37.87 2.38 25.63
C GLN E 325 38.00 2.99 27.01
N TYR E 326 37.42 4.16 27.22
CA TYR E 326 37.61 4.93 28.45
C TYR E 326 36.33 5.15 29.22
N PHE E 327 35.22 5.51 28.56
CA PHE E 327 34.10 6.06 29.31
C PHE E 327 33.36 5.01 30.12
N PRO E 328 32.78 3.98 29.53
CA PRO E 328 32.26 2.90 30.38
C PRO E 328 33.36 2.45 31.31
N SER E 329 33.22 2.75 32.59
CA SER E 329 34.31 2.67 33.54
C SER E 329 34.15 1.45 34.44
N ARG E 330 35.25 1.12 35.13
CA ARG E 330 35.22 -0.02 36.04
C ARG E 330 34.21 0.17 37.16
N ASP E 331 33.80 1.40 37.43
CA ASP E 331 32.91 1.67 38.56
C ASP E 331 31.44 1.41 38.24
N GLN E 332 31.10 1.16 36.98
CA GLN E 332 29.70 0.97 36.62
C GLN E 332 29.26 -0.45 36.92
N ASP E 333 27.97 -0.61 37.20
CA ASP E 333 27.45 -1.91 37.61
C ASP E 333 27.41 -2.89 36.44
N LYS E 334 26.61 -2.59 35.41
CA LYS E 334 26.44 -3.49 34.28
C LYS E 334 27.50 -3.23 33.23
N LEU E 335 28.75 -3.46 33.63
CA LEU E 335 29.87 -3.10 32.77
C LEU E 335 29.89 -3.96 31.51
N VAL E 336 29.78 -5.28 31.66
CA VAL E 336 29.89 -6.18 30.52
C VAL E 336 28.74 -5.94 29.54
N CYS E 337 27.52 -5.84 30.06
CA CYS E 337 26.37 -5.63 29.19
C CYS E 337 26.49 -4.31 28.43
N LYS E 338 26.87 -3.25 29.14
CA LYS E 338 26.99 -1.96 28.48
C LYS E 338 28.10 -1.98 27.43
N ARG E 339 29.22 -2.61 27.73
CA ARG E 339 30.32 -2.65 26.78
C ARG E 339 29.93 -3.44 25.52
N THR E 340 29.32 -4.60 25.70
CA THR E 340 28.93 -5.39 24.54
C THR E 340 27.89 -4.64 23.71
N PHE E 341 26.92 -4.01 24.36
CA PHE E 341 25.94 -3.23 23.60
C PHE E 341 26.62 -2.11 22.85
N LEU E 342 27.57 -1.43 23.50
CA LEU E 342 28.24 -0.32 22.83
C LEU E 342 28.97 -0.78 21.59
N VAL E 343 29.80 -1.81 21.72
CA VAL E 343 30.58 -2.25 20.55
C VAL E 343 29.66 -2.73 19.45
N LEU E 344 28.66 -3.56 19.78
CA LEU E 344 27.79 -4.10 18.74
C LEU E 344 26.98 -3.00 18.08
N GLY E 345 26.38 -2.12 18.86
CA GLY E 345 25.58 -1.06 18.28
C GLY E 345 26.41 -0.12 17.44
N LEU E 346 27.61 0.23 17.90
CA LEU E 346 28.45 1.12 17.12
C LEU E 346 28.87 0.46 15.82
N SER E 347 29.20 -0.82 15.84
CA SER E 347 29.59 -1.49 14.61
C SER E 347 28.42 -1.55 13.63
N VAL E 348 27.24 -1.92 14.11
CA VAL E 348 26.07 -1.99 13.24
C VAL E 348 25.76 -0.62 12.66
N LEU E 349 25.79 0.41 13.50
CA LEU E 349 25.52 1.76 13.04
C LEU E 349 26.54 2.18 11.99
N ALA E 350 27.82 1.89 12.23
CA ALA E 350 28.85 2.25 11.27
C ALA E 350 28.57 1.58 9.92
N VAL E 351 28.33 0.27 9.93
CA VAL E 351 28.13 -0.44 8.68
C VAL E 351 26.94 0.14 7.92
N PHE E 352 25.79 0.27 8.61
CA PHE E 352 24.57 0.67 7.91
C PHE E 352 24.64 2.12 7.47
N SER E 353 25.16 3.01 8.32
CA SER E 353 25.25 4.41 7.95
C SER E 353 26.24 4.63 6.82
N SER E 354 27.37 3.89 6.83
CA SER E 354 28.31 4.01 5.73
C SER E 354 27.67 3.55 4.42
N VAL E 355 26.90 2.46 4.46
CA VAL E 355 26.18 2.06 3.26
C VAL E 355 25.22 3.16 2.83
N HIS E 356 24.51 3.75 3.79
CA HIS E 356 23.49 4.74 3.47
C HIS E 356 24.09 5.99 2.83
N PHE E 357 25.23 6.45 3.34
CA PHE E 357 25.80 7.70 2.89
C PHE E 357 26.67 7.56 1.64
N GLY E 358 26.79 6.35 1.09
CA GLY E 358 27.52 6.17 -0.15
C GLY E 358 28.99 5.89 0.02
N PHE E 359 29.41 5.34 1.16
CA PHE E 359 30.79 4.91 1.37
C PHE E 359 30.78 3.47 1.91
N PRO E 360 30.30 2.52 1.11
CA PRO E 360 30.25 1.14 1.59
C PRO E 360 31.65 0.53 1.60
N GLY E 361 32.09 0.07 2.78
CA GLY E 361 33.41 -0.49 2.97
C GLY E 361 34.20 0.19 4.06
N SER E 362 33.95 1.48 4.28
CA SER E 362 34.52 2.14 5.45
C SER E 362 33.88 1.65 6.74
N GLY E 363 32.66 1.13 6.66
CA GLY E 363 32.01 0.60 7.86
C GLY E 363 32.76 -0.59 8.44
N GLY E 364 33.19 -1.51 7.59
CA GLY E 364 33.91 -2.67 8.08
C GLY E 364 35.24 -2.29 8.70
N LEU E 365 35.99 -1.42 8.04
CA LEU E 365 37.27 -0.97 8.58
C LEU E 365 37.07 -0.22 9.89
N CYS E 366 36.05 0.63 9.96
CA CYS E 366 35.76 1.35 11.19
C CYS E 366 35.44 0.38 12.32
N THR E 367 34.64 -0.64 12.04
CA THR E 367 34.31 -1.63 13.06
C THR E 367 35.57 -2.35 13.53
N LEU E 368 36.42 -2.76 12.59
CA LEU E 368 37.64 -3.47 12.95
C LEU E 368 38.52 -2.61 13.84
N VAL E 369 38.75 -1.36 13.46
CA VAL E 369 39.65 -0.49 14.22
C VAL E 369 39.05 -0.20 15.60
N MET E 370 37.74 0.10 15.65
CA MET E 370 37.11 0.40 16.92
C MET E 370 37.21 -0.79 17.87
N ALA E 371 36.88 -1.98 17.39
CA ALA E 371 36.95 -3.16 18.25
C ALA E 371 38.37 -3.42 18.70
N PHE E 372 39.34 -3.26 17.80
CA PHE E 372 40.74 -3.48 18.17
C PHE E 372 41.16 -2.53 19.28
N LEU E 373 40.83 -1.25 19.14
CA LEU E 373 41.23 -0.27 20.14
C LEU E 373 40.52 -0.52 21.47
N ALA E 374 39.23 -0.88 21.41
CA ALA E 374 38.52 -1.19 22.64
C ALA E 374 39.13 -2.38 23.35
N GLY E 375 39.47 -3.43 22.60
CA GLY E 375 40.13 -4.57 23.21
C GLY E 375 41.46 -4.19 23.83
N MET E 376 42.22 -3.31 23.15
CA MET E 376 43.45 -2.81 23.75
C MET E 376 43.17 -2.10 25.06
N GLY E 377 42.05 -1.37 25.13
CA GLY E 377 41.70 -0.68 26.36
C GLY E 377 41.38 -1.64 27.49
N TRP E 378 40.64 -2.71 27.20
CA TRP E 378 40.25 -3.69 28.20
C TRP E 378 41.22 -4.86 28.06
N THR E 379 42.31 -4.80 28.82
CA THR E 379 43.40 -5.77 28.62
C THR E 379 42.89 -7.19 28.70
N SER E 380 42.16 -7.52 29.78
CA SER E 380 41.70 -8.87 30.01
C SER E 380 40.22 -8.96 30.34
N GLU E 381 39.56 -7.84 30.58
CA GLU E 381 38.14 -7.85 30.91
C GLU E 381 37.25 -8.04 29.68
N LYS E 382 37.84 -8.08 28.48
CA LYS E 382 37.06 -8.22 27.26
C LYS E 382 36.57 -9.64 27.04
N ALA E 383 37.06 -10.61 27.80
CA ALA E 383 36.74 -12.01 27.51
C ALA E 383 35.24 -12.25 27.54
N GLU E 384 34.55 -11.69 28.54
CA GLU E 384 33.10 -11.87 28.61
C GLU E 384 32.40 -11.23 27.42
N VAL E 385 32.90 -10.07 26.98
CA VAL E 385 32.30 -9.42 25.82
C VAL E 385 32.41 -10.32 24.60
N GLU E 386 33.59 -10.91 24.37
CA GLU E 386 33.73 -11.76 23.20
C GLU E 386 32.96 -13.07 23.37
N LYS E 387 32.74 -13.53 24.60
CA LYS E 387 31.88 -14.70 24.78
C LYS E 387 30.45 -14.40 24.36
N ILE E 388 29.93 -13.24 24.77
CA ILE E 388 28.57 -12.87 24.36
C ILE E 388 28.50 -12.70 22.86
N ILE E 389 29.51 -12.06 22.27
CA ILE E 389 29.51 -11.87 20.83
C ILE E 389 29.61 -13.21 20.12
N ALA E 390 30.35 -14.16 20.68
CA ALA E 390 30.43 -15.49 20.09
C ALA E 390 29.08 -16.19 20.11
N VAL E 391 28.32 -16.03 21.19
CA VAL E 391 26.96 -16.57 21.22
C VAL E 391 26.12 -15.93 20.13
N ALA E 392 26.21 -14.60 19.99
CA ALA E 392 25.46 -13.93 18.95
C ALA E 392 25.84 -14.44 17.57
N TRP E 393 27.12 -14.68 17.34
CA TRP E 393 27.57 -15.21 16.05
C TRP E 393 27.05 -16.62 15.83
N ASP E 394 27.04 -17.44 16.88
CA ASP E 394 26.47 -18.78 16.74
C ASP E 394 25.01 -18.69 16.32
N ILE E 395 24.30 -17.68 16.81
CA ILE E 395 22.91 -17.50 16.42
C ILE E 395 22.81 -17.03 14.96
N PHE E 396 23.71 -16.13 14.55
CA PHE E 396 23.53 -15.42 13.29
C PHE E 396 24.18 -16.10 12.10
N GLN E 397 25.15 -16.98 12.30
CA GLN E 397 25.83 -17.62 11.17
C GLN E 397 24.87 -18.39 10.29
N PRO E 398 23.96 -19.21 10.81
CA PRO E 398 23.01 -19.90 9.93
C PRO E 398 22.24 -18.94 9.06
N LEU E 399 21.80 -17.79 9.61
CA LEU E 399 21.08 -16.83 8.80
C LEU E 399 21.94 -16.33 7.65
N LEU E 400 23.17 -15.90 7.95
CA LEU E 400 24.04 -15.36 6.92
C LEU E 400 24.25 -16.37 5.81
N PHE E 401 24.61 -17.60 6.15
CA PHE E 401 24.99 -18.53 5.10
C PHE E 401 23.76 -19.08 4.39
N GLY E 402 22.64 -19.24 5.08
CA GLY E 402 21.41 -19.61 4.38
C GLY E 402 20.99 -18.56 3.38
N LEU E 403 21.06 -17.28 3.76
CA LEU E 403 20.71 -16.23 2.82
C LEU E 403 21.68 -16.20 1.63
N ILE E 404 22.97 -16.34 1.90
CA ILE E 404 23.94 -16.37 0.82
C ILE E 404 23.61 -17.50 -0.15
N GLY E 405 23.33 -18.69 0.39
CA GLY E 405 22.95 -19.80 -0.46
C GLY E 405 21.67 -19.54 -1.23
N ALA E 406 20.69 -18.91 -0.60
CA ALA E 406 19.43 -18.61 -1.26
C ALA E 406 19.59 -17.57 -2.36
N GLU E 407 20.66 -16.78 -2.35
CA GLU E 407 20.87 -15.82 -3.41
C GLU E 407 21.10 -16.46 -4.77
N VAL E 408 21.60 -17.69 -4.80
CA VAL E 408 22.01 -18.34 -6.05
C VAL E 408 20.83 -19.14 -6.60
N SER E 409 20.73 -19.18 -7.92
CA SER E 409 19.68 -19.94 -8.61
C SER E 409 20.32 -20.80 -9.68
N ILE E 410 19.71 -21.97 -9.93
CA ILE E 410 20.23 -22.88 -10.93
C ILE E 410 20.18 -22.30 -12.33
N ALA E 411 19.46 -21.19 -12.53
CA ALA E 411 19.43 -20.56 -13.84
C ALA E 411 20.82 -20.12 -14.27
N SER E 412 21.58 -19.54 -13.34
CA SER E 412 22.95 -19.12 -13.66
C SER E 412 23.85 -20.33 -13.92
N LEU E 413 23.68 -21.40 -13.15
CA LEU E 413 24.55 -22.56 -13.23
C LEU E 413 24.02 -23.55 -14.27
N ARG E 414 23.77 -23.04 -15.44
CA ARG E 414 23.30 -23.90 -16.52
C ARG E 414 24.48 -24.41 -17.33
N PRO E 415 24.40 -25.61 -17.89
CA PRO E 415 25.56 -26.22 -18.55
C PRO E 415 25.91 -25.65 -19.91
N GLU E 416 25.35 -24.50 -20.29
CA GLU E 416 25.70 -23.91 -21.58
C GLU E 416 27.21 -23.66 -21.66
N THR E 417 27.78 -22.99 -20.66
CA THR E 417 29.21 -22.74 -20.63
C THR E 417 29.77 -22.87 -19.21
N VAL E 418 29.08 -23.59 -18.32
CA VAL E 418 29.52 -23.67 -16.94
C VAL E 418 30.91 -24.30 -16.84
N GLY E 419 31.27 -25.16 -17.80
CA GLY E 419 32.58 -25.77 -17.74
C GLY E 419 33.70 -24.74 -17.79
N LEU E 420 33.60 -23.79 -18.72
CA LEU E 420 34.64 -22.77 -18.85
C LEU E 420 34.65 -21.85 -17.63
N CYS E 421 33.49 -21.53 -17.08
CA CYS E 421 33.46 -20.71 -15.88
C CYS E 421 34.14 -21.42 -14.73
N VAL E 422 33.88 -22.72 -14.57
CA VAL E 422 34.55 -23.49 -13.52
C VAL E 422 36.05 -23.50 -13.75
N ALA E 423 36.47 -23.66 -15.01
CA ALA E 423 37.90 -23.67 -15.31
C ALA E 423 38.54 -22.35 -14.92
N THR E 424 37.90 -21.24 -15.28
CA THR E 424 38.45 -19.93 -14.94
C THR E 424 38.54 -19.76 -13.43
N VAL E 425 37.49 -20.13 -12.70
CA VAL E 425 37.52 -19.99 -11.25
C VAL E 425 38.62 -20.83 -10.64
N GLY E 426 38.77 -22.07 -11.11
CA GLY E 426 39.79 -22.96 -10.59
C GLY E 426 41.19 -22.44 -10.83
N ILE E 427 41.48 -21.99 -12.05
CA ILE E 427 42.82 -21.49 -12.33
C ILE E 427 43.08 -20.21 -11.55
N ALA E 428 42.07 -19.35 -11.42
CA ALA E 428 42.25 -18.14 -10.62
C ALA E 428 42.55 -18.47 -9.17
N VAL E 429 41.86 -19.46 -8.60
CA VAL E 429 42.13 -19.86 -7.22
C VAL E 429 43.53 -20.43 -7.08
N LEU E 430 43.96 -21.25 -8.04
CA LEU E 430 45.32 -21.79 -7.97
C LEU E 430 46.34 -20.67 -8.01
N ILE E 431 46.15 -19.69 -8.89
CA ILE E 431 47.10 -18.58 -8.96
C ILE E 431 47.05 -17.75 -7.68
N ARG E 432 45.87 -17.60 -7.08
CA ARG E 432 45.77 -16.89 -5.82
C ARG E 432 46.57 -17.59 -4.73
N ILE E 433 46.44 -18.92 -4.65
CA ILE E 433 47.21 -19.66 -3.66
C ILE E 433 48.70 -19.50 -3.91
N LEU E 434 49.12 -19.62 -5.17
CA LEU E 434 50.54 -19.49 -5.48
C LEU E 434 51.06 -18.11 -5.09
N THR E 435 50.28 -17.06 -5.38
CA THR E 435 50.70 -15.70 -5.05
C THR E 435 50.72 -15.48 -3.54
N THR E 436 49.74 -16.00 -2.81
CA THR E 436 49.74 -15.84 -1.36
C THR E 436 50.96 -16.50 -0.75
N PHE E 437 51.36 -17.66 -1.28
CA PHE E 437 52.58 -18.28 -0.79
C PHE E 437 53.77 -17.35 -0.94
N LEU E 438 53.90 -16.70 -2.10
CA LEU E 438 55.02 -15.82 -2.35
C LEU E 438 54.97 -14.55 -1.52
N MET E 439 53.78 -14.05 -1.22
CA MET E 439 53.65 -12.78 -0.53
C MET E 439 54.08 -12.86 0.93
N VAL E 440 54.24 -14.06 1.48
CA VAL E 440 54.65 -14.23 2.86
C VAL E 440 56.04 -14.88 2.95
N CYS E 441 56.81 -14.82 1.87
CA CYS E 441 58.09 -15.51 1.85
C CYS E 441 59.08 -14.89 2.83
N PHE E 442 59.11 -13.57 2.92
CA PHE E 442 60.14 -12.87 3.68
C PHE E 442 59.62 -12.36 5.03
N ALA E 443 58.60 -12.99 5.58
CA ALA E 443 58.04 -12.60 6.86
C ALA E 443 58.61 -13.41 8.03
N GLY E 444 59.57 -14.30 7.77
CA GLY E 444 60.14 -15.12 8.81
C GLY E 444 59.40 -16.41 9.10
N PHE E 445 58.28 -16.66 8.41
CA PHE E 445 57.54 -17.88 8.62
C PHE E 445 58.32 -19.09 8.09
N ASN E 446 58.01 -20.26 8.64
CA ASN E 446 58.56 -21.51 8.13
C ASN E 446 57.71 -22.00 6.97
N LEU E 447 58.13 -23.12 6.36
CA LEU E 447 57.41 -23.62 5.20
C LEU E 447 55.98 -24.00 5.56
N LYS E 448 55.79 -24.65 6.70
CA LYS E 448 54.45 -25.10 7.07
C LYS E 448 53.52 -23.92 7.30
N GLU E 449 54.00 -22.87 7.98
CA GLU E 449 53.17 -21.70 8.17
C GLU E 449 52.84 -21.04 6.84
N LYS E 450 53.80 -20.96 5.92
CA LYS E 450 53.54 -20.39 4.61
C LYS E 450 52.44 -21.16 3.89
N ILE E 451 52.53 -22.49 3.92
CA ILE E 451 51.52 -23.32 3.26
C ILE E 451 50.15 -23.10 3.89
N PHE E 452 50.10 -23.09 5.23
CA PHE E 452 48.82 -22.88 5.89
C PHE E 452 48.22 -21.54 5.50
N ILE E 453 49.03 -20.49 5.49
CA ILE E 453 48.52 -19.17 5.12
C ILE E 453 48.03 -19.17 3.69
N SER E 454 48.76 -19.87 2.80
CA SER E 454 48.34 -19.93 1.41
C SER E 454 46.97 -20.59 1.28
N PHE E 455 46.75 -21.68 2.00
CA PHE E 455 45.50 -22.43 1.88
C PHE E 455 44.38 -21.89 2.76
N ALA E 456 44.68 -20.94 3.64
CA ALA E 456 43.67 -20.33 4.49
C ALA E 456 43.17 -19.01 3.94
N TRP E 457 43.63 -18.59 2.76
CA TRP E 457 43.29 -17.30 2.19
C TRP E 457 42.39 -17.42 0.96
N LEU E 458 41.96 -18.62 0.61
CA LEU E 458 41.08 -18.80 -0.55
C LEU E 458 39.61 -18.50 -0.27
N PRO E 459 39.06 -18.80 0.93
CA PRO E 459 37.60 -18.68 1.12
C PRO E 459 37.00 -17.41 0.53
N LYS E 460 35.82 -17.53 -0.09
CA LYS E 460 35.16 -16.41 -0.77
C LYS E 460 33.67 -16.61 -0.69
N ALA E 461 33.00 -15.87 0.20
CA ALA E 461 31.57 -16.08 0.41
C ALA E 461 30.70 -14.83 0.34
N THR E 462 31.16 -13.71 0.90
CA THR E 462 30.24 -12.63 1.23
C THR E 462 30.24 -11.54 0.15
N VAL E 463 31.41 -11.00 -0.17
CA VAL E 463 31.47 -9.94 -1.17
C VAL E 463 30.91 -10.45 -2.50
N GLN E 464 31.21 -11.70 -2.84
CA GLN E 464 30.72 -12.25 -4.11
C GLN E 464 29.21 -12.25 -4.17
N ALA E 465 28.56 -12.63 -3.07
CA ALA E 465 27.10 -12.61 -3.04
C ALA E 465 26.56 -11.18 -3.02
N ALA E 466 27.29 -10.26 -2.40
CA ALA E 466 26.81 -8.88 -2.31
C ALA E 466 26.83 -8.21 -3.67
N ILE E 467 27.94 -8.31 -4.40
CA ILE E 467 28.12 -7.60 -5.66
C ILE E 467 28.12 -8.56 -6.85
N GLY E 468 27.59 -9.77 -6.67
CA GLY E 468 27.63 -10.74 -7.75
C GLY E 468 26.82 -10.30 -8.95
N SER E 469 25.61 -9.82 -8.72
CA SER E 469 24.66 -9.53 -9.79
C SER E 469 24.56 -8.05 -10.12
N VAL E 470 25.44 -7.22 -9.57
CA VAL E 470 25.35 -5.78 -9.83
C VAL E 470 25.63 -5.48 -11.30
N ALA E 471 26.64 -6.12 -11.88
CA ALA E 471 26.96 -5.87 -13.28
C ALA E 471 25.80 -6.27 -14.19
N LEU E 472 25.17 -7.42 -13.92
CA LEU E 472 24.03 -7.83 -14.72
C LEU E 472 22.87 -6.86 -14.58
N ASP E 473 22.62 -6.38 -13.37
CA ASP E 473 21.55 -5.41 -13.17
C ASP E 473 21.82 -4.13 -13.92
N THR E 474 23.06 -3.64 -13.89
CA THR E 474 23.39 -2.43 -14.63
C THR E 474 23.22 -2.64 -16.12
N ALA E 475 23.67 -3.79 -16.63
CA ALA E 475 23.50 -4.06 -18.06
C ALA E 475 22.02 -4.13 -18.43
N ARG E 476 21.20 -4.75 -17.57
CA ARG E 476 19.78 -4.79 -17.82
C ARG E 476 19.19 -3.39 -17.86
N SER E 477 19.58 -2.54 -16.91
CA SER E 477 19.07 -1.18 -16.88
C SER E 477 19.45 -0.42 -18.13
N HIS E 478 20.69 -0.58 -18.61
CA HIS E 478 21.12 0.11 -19.81
C HIS E 478 20.43 -0.42 -21.06
N GLY E 479 19.82 -1.60 -20.99
CA GLY E 479 19.08 -2.12 -22.12
C GLY E 479 19.91 -2.84 -23.16
N GLU E 480 21.22 -2.92 -22.98
CA GLU E 480 22.05 -3.65 -23.93
C GLU E 480 21.75 -5.14 -23.83
N LYS E 481 22.27 -5.90 -24.79
CA LYS E 481 22.09 -7.34 -24.83
C LYS E 481 23.40 -8.10 -24.67
N GLN E 482 24.46 -7.67 -25.35
CA GLN E 482 25.76 -8.28 -25.14
C GLN E 482 26.23 -8.09 -23.70
N LEU E 483 26.06 -6.88 -23.16
CA LEU E 483 26.43 -6.63 -21.79
C LEU E 483 25.64 -7.51 -20.83
N GLU E 484 24.41 -7.86 -21.18
CA GLU E 484 23.66 -8.80 -20.37
C GLU E 484 24.32 -10.17 -20.38
N ASP E 485 24.83 -10.60 -21.52
CA ASP E 485 25.57 -11.86 -21.59
C ASP E 485 26.80 -11.82 -20.70
N TYR E 486 27.54 -10.71 -20.75
CA TYR E 486 28.71 -10.57 -19.90
C TYR E 486 28.33 -10.59 -18.42
N GLY E 487 27.26 -9.89 -18.06
CA GLY E 487 26.82 -9.91 -16.68
C GLY E 487 26.40 -11.29 -16.23
N MET E 488 25.78 -12.07 -17.11
CA MET E 488 25.43 -13.43 -16.79
C MET E 488 26.67 -14.26 -16.51
N ASP E 489 27.70 -14.11 -17.34
CA ASP E 489 28.95 -14.84 -17.09
C ASP E 489 29.55 -14.44 -15.75
N VAL E 490 29.55 -13.14 -15.44
CA VAL E 490 30.08 -12.68 -14.16
C VAL E 490 29.32 -13.31 -13.01
N LEU E 491 27.99 -13.31 -13.09
CA LEU E 491 27.18 -13.88 -12.02
C LEU E 491 27.45 -15.37 -11.85
N THR E 492 27.54 -16.10 -12.95
CA THR E 492 27.85 -17.52 -12.86
C THR E 492 29.18 -17.73 -12.18
N VAL E 493 30.20 -16.95 -12.55
CA VAL E 493 31.51 -17.11 -11.95
C VAL E 493 31.45 -16.81 -10.45
N ALA E 494 30.73 -15.77 -10.07
CA ALA E 494 30.63 -15.43 -8.65
C ALA E 494 30.01 -16.57 -7.86
N PHE E 495 28.90 -17.11 -8.34
CA PHE E 495 28.24 -18.19 -7.62
C PHE E 495 29.13 -19.43 -7.55
N LEU E 496 29.80 -19.77 -8.65
CA LEU E 496 30.67 -20.93 -8.63
C LEU E 496 31.80 -20.74 -7.64
N SER E 497 32.39 -19.54 -7.61
CA SER E 497 33.46 -19.26 -6.67
C SER E 497 32.98 -19.45 -5.24
N ILE E 498 31.81 -18.89 -4.91
CA ILE E 498 31.29 -19.08 -3.57
C ILE E 498 31.17 -20.56 -3.26
N LEU E 499 30.49 -21.31 -4.13
CA LEU E 499 30.16 -22.70 -3.83
C LEU E 499 31.43 -23.54 -3.66
N ILE E 500 32.40 -23.37 -4.54
CA ILE E 500 33.54 -24.28 -4.57
C ILE E 500 34.73 -23.69 -3.83
N THR E 501 34.54 -22.57 -3.13
CA THR E 501 35.61 -21.99 -2.35
C THR E 501 35.30 -21.88 -0.87
N ALA E 502 34.07 -21.53 -0.48
CA ALA E 502 33.79 -21.41 0.95
C ALA E 502 33.94 -22.74 1.68
N PRO E 503 33.31 -23.83 1.24
CA PRO E 503 33.42 -25.08 2.01
C PRO E 503 34.83 -25.66 1.97
N ILE E 504 35.46 -25.68 0.80
CA ILE E 504 36.81 -26.22 0.70
C ILE E 504 37.74 -25.41 1.59
N GLY E 505 37.61 -24.10 1.59
CA GLY E 505 38.47 -23.27 2.42
C GLY E 505 38.27 -23.52 3.89
N SER E 506 37.02 -23.60 4.33
CA SER E 506 36.76 -23.87 5.74
C SER E 506 37.33 -25.22 6.15
N LEU E 507 37.11 -26.25 5.32
CA LEU E 507 37.64 -27.57 5.62
C LEU E 507 39.16 -27.55 5.68
N LEU E 508 39.79 -26.88 4.73
CA LEU E 508 41.25 -26.87 4.69
C LEU E 508 41.82 -26.16 5.91
N ILE E 509 41.20 -25.05 6.32
CA ILE E 509 41.66 -24.39 7.54
C ILE E 509 41.53 -25.34 8.72
N GLY E 510 40.36 -25.94 8.88
CA GLY E 510 40.15 -26.84 10.01
C GLY E 510 41.16 -27.98 10.05
N LEU E 511 41.49 -28.55 8.88
CA LEU E 511 42.43 -29.66 8.84
C LEU E 511 43.85 -29.18 9.12
N LEU E 512 44.34 -28.24 8.31
CA LEU E 512 45.74 -27.86 8.38
C LEU E 512 46.10 -27.02 9.60
N GLY E 513 45.13 -26.52 10.35
CA GLY E 513 45.43 -25.77 11.54
C GLY E 513 46.34 -26.54 12.48
N PRO E 514 45.82 -27.63 13.04
CA PRO E 514 46.62 -28.38 14.02
C PRO E 514 47.95 -28.88 13.49
N ARG E 515 48.03 -29.26 12.21
CA ARG E 515 49.25 -29.86 11.70
C ARG E 515 50.36 -28.84 11.49
N LEU E 516 50.11 -27.85 10.62
CA LEU E 516 51.16 -26.95 10.18
C LEU E 516 51.51 -25.88 11.20
N LEU E 517 50.64 -25.60 12.16
CA LEU E 517 50.87 -24.53 13.13
C LEU E 517 51.42 -25.10 14.43
N GLN E 518 52.40 -24.39 14.99
CA GLN E 518 53.05 -24.82 16.22
C GLN E 518 52.19 -24.41 17.41
N LYS E 519 51.65 -25.41 18.11
CA LYS E 519 50.85 -25.13 19.29
C LYS E 519 51.73 -24.60 20.42
N VAL E 520 51.14 -23.79 21.29
CA VAL E 520 51.84 -23.20 22.42
C VAL E 520 51.22 -23.79 23.68
N GLU E 521 52.00 -24.62 24.39
CA GLU E 521 51.54 -25.25 25.62
C GLU E 521 50.19 -25.92 25.42
N PRO F 79 41.08 10.25 34.66
CA PRO F 79 39.99 9.77 33.80
C PRO F 79 38.61 10.12 34.36
N PRO F 80 37.60 10.19 33.51
CA PRO F 80 36.25 10.55 33.99
C PRO F 80 35.71 9.48 34.93
N HIS F 81 34.91 9.94 35.89
CA HIS F 81 34.30 9.05 36.88
C HIS F 81 33.23 9.82 37.63
N GLY F 82 32.33 9.07 38.26
CA GLY F 82 31.30 9.68 39.09
C GLY F 82 30.03 9.98 38.35
N LEU F 83 29.34 11.06 38.77
CA LEU F 83 28.05 11.38 38.17
C LEU F 83 28.19 11.70 36.68
N LEU F 84 29.22 12.46 36.32
CA LEU F 84 29.38 12.85 34.92
C LEU F 84 29.56 11.63 34.03
N ASP F 85 30.34 10.66 34.48
CA ASP F 85 30.54 9.45 33.68
C ASP F 85 29.22 8.71 33.50
N ARG F 86 28.44 8.57 34.58
CA ARG F 86 27.18 7.86 34.48
C ARG F 86 26.24 8.55 33.50
N VAL F 87 26.10 9.86 33.62
CA VAL F 87 25.17 10.58 32.76
C VAL F 87 25.62 10.50 31.31
N ILE F 88 26.92 10.66 31.05
CA ILE F 88 27.42 10.61 29.68
C ILE F 88 27.19 9.23 29.09
N THR F 89 27.49 8.18 29.85
CA THR F 89 27.26 6.83 29.35
C THR F 89 25.79 6.59 29.05
N ASN F 90 24.91 7.05 29.93
CA ASN F 90 23.48 6.79 29.72
C ASN F 90 22.95 7.54 28.50
N VAL F 91 23.32 8.82 28.36
CA VAL F 91 22.84 9.58 27.22
C VAL F 91 23.40 9.00 25.92
N THR F 92 24.67 8.57 25.94
CA THR F 92 25.23 7.96 24.74
C THR F 92 24.53 6.66 24.41
N ILE F 93 24.16 5.87 25.41
CA ILE F 93 23.43 4.63 25.15
C ILE F 93 22.09 4.93 24.53
N ILE F 94 21.38 5.93 25.05
CA ILE F 94 20.07 6.28 24.49
C ILE F 94 20.21 6.71 23.03
N VAL F 95 21.13 7.65 22.78
CA VAL F 95 21.31 8.15 21.42
C VAL F 95 21.74 7.01 20.49
N LEU F 96 22.59 6.12 20.99
CA LEU F 96 23.07 5.02 20.17
C LEU F 96 21.94 4.05 19.83
N LEU F 97 21.07 3.76 20.79
CA LEU F 97 19.94 2.89 20.49
C LEU F 97 19.07 3.50 19.40
N TRP F 98 18.74 4.78 19.54
CA TRP F 98 17.93 5.41 18.50
C TRP F 98 18.64 5.38 17.16
N ALA F 99 19.93 5.70 17.15
CA ALA F 99 20.67 5.76 15.89
C ALA F 99 20.74 4.39 15.22
N VAL F 100 20.95 3.34 16.01
CA VAL F 100 21.01 1.99 15.45
C VAL F 100 19.67 1.64 14.81
N VAL F 101 18.58 1.90 15.53
CA VAL F 101 17.28 1.58 14.97
C VAL F 101 17.02 2.37 13.69
N TRP F 102 17.39 3.66 13.70
CA TRP F 102 17.17 4.48 12.51
C TRP F 102 17.98 3.96 11.34
N SER F 103 19.25 3.63 11.56
CA SER F 103 20.09 3.17 10.48
C SER F 103 19.56 1.87 9.88
N ILE F 104 19.12 0.95 10.75
CA ILE F 104 18.60 -0.32 10.24
C ILE F 104 17.31 -0.09 9.47
N THR F 105 16.38 0.66 10.05
CA THR F 105 15.04 0.79 9.48
C THR F 105 14.94 1.97 8.52
N GLY F 106 15.19 3.17 9.00
CA GLY F 106 15.17 4.34 8.16
C GLY F 106 14.13 5.36 8.56
N SER F 107 13.18 5.63 7.66
CA SER F 107 12.16 6.64 7.95
C SER F 107 11.27 6.24 9.12
N GLU F 108 11.13 4.95 9.40
CA GLU F 108 10.27 4.51 10.49
C GLU F 108 10.77 4.99 11.84
N CYS F 109 12.03 5.38 11.95
CA CYS F 109 12.61 5.88 13.20
C CYS F 109 12.92 7.37 13.10
N LEU F 110 12.07 8.11 12.41
CA LEU F 110 12.16 9.56 12.30
C LEU F 110 10.82 10.14 12.72
N PRO F 111 10.79 11.41 13.12
CA PRO F 111 9.52 12.01 13.57
C PRO F 111 8.35 11.63 12.69
N GLY F 112 7.23 11.27 13.31
CA GLY F 112 6.08 10.77 12.60
C GLY F 112 6.13 9.30 12.27
N GLY F 113 7.17 8.59 12.72
CA GLY F 113 7.31 7.18 12.44
C GLY F 113 6.93 6.35 13.64
N ASN F 114 6.56 5.09 13.37
CA ASN F 114 6.07 4.22 14.44
C ASN F 114 7.16 3.91 15.45
N LEU F 115 8.32 3.45 14.97
CA LEU F 115 9.40 3.08 15.88
C LEU F 115 9.92 4.28 16.63
N PHE F 116 9.99 5.44 15.98
CA PHE F 116 10.41 6.64 16.68
C PHE F 116 9.46 6.94 17.83
N GLY F 117 8.16 6.84 17.58
CA GLY F 117 7.20 7.07 18.63
C GLY F 117 7.36 6.09 19.78
N ILE F 118 7.55 4.80 19.46
CA ILE F 118 7.70 3.81 20.52
C ILE F 118 8.93 4.12 21.37
N ILE F 119 10.05 4.40 20.72
CA ILE F 119 11.29 4.65 21.46
C ILE F 119 11.16 5.91 22.32
N ILE F 120 10.59 6.97 21.76
CA ILE F 120 10.44 8.21 22.51
C ILE F 120 9.53 8.00 23.70
N LEU F 121 8.42 7.28 23.51
CA LEU F 121 7.53 7.00 24.62
C LEU F 121 8.24 6.20 25.70
N PHE F 122 9.02 5.20 25.30
CA PHE F 122 9.78 4.40 26.26
C PHE F 122 10.69 5.28 27.10
N TYR F 123 11.50 6.10 26.44
CA TYR F 123 12.45 6.94 27.16
C TYR F 123 11.73 7.93 28.06
N CYS F 124 10.67 8.55 27.56
CA CYS F 124 9.94 9.53 28.36
C CYS F 124 9.32 8.87 29.59
N ALA F 125 8.77 7.67 29.42
CA ALA F 125 8.20 6.97 30.57
C ALA F 125 9.27 6.66 31.61
N ILE F 126 10.44 6.18 31.17
CA ILE F 126 11.51 5.87 32.12
C ILE F 126 11.92 7.13 32.87
N ILE F 127 12.13 8.22 32.14
CA ILE F 127 12.60 9.45 32.75
C ILE F 127 11.56 9.98 33.73
N GLY F 128 10.29 9.94 33.35
CA GLY F 128 9.24 10.40 34.25
C GLY F 128 9.15 9.57 35.51
N GLY F 129 9.25 8.24 35.37
CA GLY F 129 9.25 7.41 36.55
C GLY F 129 10.38 7.75 37.50
N LYS F 130 11.59 7.91 36.95
CA LYS F 130 12.73 8.25 37.80
C LYS F 130 12.54 9.61 38.47
N LEU F 131 12.09 10.61 37.71
CA LEU F 131 11.90 11.94 38.28
C LEU F 131 10.89 11.91 39.41
N LEU F 132 9.76 11.25 39.20
CA LEU F 132 8.75 11.17 40.25
C LEU F 132 9.29 10.44 41.47
N GLY F 133 10.06 9.37 41.25
CA GLY F 133 10.66 8.68 42.37
C GLY F 133 11.62 9.57 43.14
N LEU F 134 12.29 10.50 42.46
CA LEU F 134 13.26 11.36 43.12
C LEU F 134 12.60 12.22 44.19
N ILE F 135 11.43 12.79 43.88
CA ILE F 135 10.80 13.78 44.75
C ILE F 135 10.21 13.09 45.97
N LYS F 136 10.70 13.46 47.15
CA LYS F 136 10.06 13.05 48.41
C LYS F 136 10.31 14.16 49.43
N LEU F 137 9.39 15.12 49.49
CA LEU F 137 9.44 16.19 50.47
C LEU F 137 8.87 15.73 51.81
N PRO F 138 7.63 15.21 51.84
CA PRO F 138 6.98 14.95 53.13
C PRO F 138 7.40 13.64 53.75
N THR F 139 6.74 13.27 54.85
CA THR F 139 7.09 12.05 55.57
C THR F 139 6.91 10.81 54.69
N LEU F 140 5.85 10.80 53.87
CA LEU F 140 5.56 9.61 53.09
C LEU F 140 6.69 9.33 52.10
N PRO F 141 6.90 8.07 51.74
CA PRO F 141 7.98 7.72 50.82
C PRO F 141 7.77 8.35 49.45
N PRO F 142 8.72 8.18 48.54
CA PRO F 142 8.59 8.81 47.22
C PRO F 142 7.39 8.26 46.46
N LEU F 143 6.84 9.12 45.59
CA LEU F 143 5.69 8.74 44.80
C LEU F 143 6.06 7.59 43.86
N PRO F 144 5.10 6.75 43.47
CA PRO F 144 5.42 5.60 42.64
C PRO F 144 5.79 6.02 41.22
N SER F 145 6.57 5.17 40.56
CA SER F 145 6.94 5.42 39.17
C SER F 145 5.75 5.26 38.23
N LEU F 146 4.68 4.61 38.68
CA LEU F 146 3.49 4.52 37.84
C LEU F 146 2.97 5.89 37.48
N LEU F 147 2.95 6.80 38.46
CA LEU F 147 2.48 8.16 38.19
C LEU F 147 3.35 8.83 37.14
N GLY F 148 4.67 8.66 37.25
CA GLY F 148 5.55 9.27 36.27
C GLY F 148 5.32 8.73 34.88
N MET F 149 5.19 7.41 34.75
CA MET F 149 4.97 6.82 33.43
C MET F 149 3.63 7.27 32.85
N LEU F 150 2.58 7.25 33.65
CA LEU F 150 1.27 7.68 33.18
C LEU F 150 1.31 9.13 32.74
N LEU F 151 1.96 10.00 33.52
CA LEU F 151 2.04 11.40 33.13
C LEU F 151 2.85 11.57 31.85
N ALA F 152 3.91 10.80 31.68
CA ALA F 152 4.69 10.90 30.45
C ALA F 152 3.83 10.56 29.25
N GLY F 153 3.09 9.45 29.31
CA GLY F 153 2.21 9.10 28.21
C GLY F 153 1.13 10.15 27.99
N PHE F 154 0.56 10.65 29.08
CA PHE F 154 -0.50 11.65 28.98
C PHE F 154 -0.01 12.91 28.29
N LEU F 155 1.17 13.39 28.68
CA LEU F 155 1.74 14.58 28.05
C LEU F 155 2.06 14.33 26.59
N ILE F 156 2.64 13.16 26.28
CA ILE F 156 2.95 12.86 24.88
C ILE F 156 1.69 12.89 24.05
N ARG F 157 0.58 12.40 24.60
CA ARG F 157 -0.66 12.35 23.84
C ARG F 157 -1.27 13.74 23.69
N ASN F 158 -1.28 14.54 24.76
CA ASN F 158 -2.12 15.73 24.83
C ASN F 158 -1.36 17.03 24.62
N ILE F 159 -0.13 16.99 24.11
CA ILE F 159 0.59 18.18 23.71
C ILE F 159 0.70 18.15 22.18
N PRO F 160 0.01 19.02 21.45
CA PRO F 160 -0.13 18.80 20.00
C PRO F 160 1.20 18.64 19.26
N VAL F 161 2.19 19.46 19.59
CA VAL F 161 3.45 19.40 18.85
C VAL F 161 4.14 18.06 19.06
N ILE F 162 4.15 17.57 20.30
CA ILE F 162 4.76 16.26 20.57
C ILE F 162 3.93 15.16 19.96
N ASN F 163 2.60 15.26 20.04
CA ASN F 163 1.74 14.19 19.55
C ASN F 163 1.88 14.03 18.04
N ASP F 164 2.05 15.14 17.32
CA ASP F 164 2.18 15.04 15.87
C ASP F 164 3.40 14.21 15.48
N ASN F 165 4.50 14.39 16.19
CA ASN F 165 5.74 13.70 15.87
C ASN F 165 5.90 12.37 16.59
N VAL F 166 4.99 12.03 17.48
CA VAL F 166 5.08 10.77 18.23
C VAL F 166 3.78 9.99 18.05
N GLN F 167 3.74 9.13 17.04
CA GLN F 167 2.56 8.34 16.71
C GLN F 167 2.93 6.87 16.76
N ILE F 168 2.10 6.09 17.44
CA ILE F 168 2.29 4.65 17.58
C ILE F 168 1.06 3.96 17.03
N LYS F 169 1.27 3.01 16.13
CA LYS F 169 0.14 2.29 15.54
C LYS F 169 -0.60 1.54 16.63
N HIS F 170 -1.93 1.48 16.49
CA HIS F 170 -2.75 0.83 17.51
C HIS F 170 -2.35 -0.63 17.67
N LYS F 171 -2.03 -1.30 16.58
CA LYS F 171 -1.63 -2.70 16.66
C LYS F 171 -0.41 -2.87 17.56
N TRP F 172 0.59 -2.01 17.39
CA TRP F 172 1.79 -2.12 18.19
C TRP F 172 1.51 -1.85 19.67
N SER F 173 0.66 -0.86 19.96
CA SER F 173 0.32 -0.58 21.34
C SER F 173 -0.38 -1.77 21.98
N SER F 174 -1.37 -2.33 21.29
CA SER F 174 -2.07 -3.48 21.82
C SER F 174 -1.12 -4.65 22.06
N SER F 175 -0.24 -4.91 21.09
CA SER F 175 0.69 -6.03 21.24
C SER F 175 1.62 -5.82 22.42
N LEU F 176 2.17 -4.61 22.57
CA LEU F 176 3.08 -4.36 23.67
C LEU F 176 2.38 -4.49 25.02
N ARG F 177 1.16 -3.96 25.13
CA ARG F 177 0.43 -4.07 26.38
C ARG F 177 0.13 -5.53 26.70
N SER F 178 -0.24 -6.32 25.69
CA SER F 178 -0.50 -7.73 25.92
C SER F 178 0.77 -8.45 26.37
N ILE F 179 1.92 -8.12 25.78
CA ILE F 179 3.16 -8.77 26.17
C ILE F 179 3.50 -8.42 27.62
N ALA F 180 3.33 -7.16 28.01
CA ALA F 180 3.58 -6.77 29.39
C ALA F 180 2.66 -7.54 30.33
N LEU F 181 1.39 -7.68 29.96
CA LEU F 181 0.46 -8.44 30.78
C LEU F 181 0.91 -9.89 30.92
N SER F 182 1.38 -10.48 29.84
CA SER F 182 1.87 -11.85 29.90
C SER F 182 3.05 -11.97 30.86
N ILE F 183 3.98 -11.01 30.78
CA ILE F 183 5.15 -11.06 31.65
C ILE F 183 4.73 -10.98 33.12
N ILE F 184 3.83 -10.05 33.44
CA ILE F 184 3.47 -9.87 34.84
C ILE F 184 2.67 -11.07 35.32
N LEU F 185 1.84 -11.66 34.47
CA LEU F 185 1.09 -12.84 34.88
C LEU F 185 2.03 -14.02 35.15
N VAL F 186 3.07 -14.17 34.33
CA VAL F 186 4.04 -15.22 34.59
C VAL F 186 4.74 -14.98 35.93
N ARG F 187 5.14 -13.72 36.18
CA ARG F 187 5.75 -13.41 37.46
C ARG F 187 4.84 -13.79 38.62
N ALA F 188 3.56 -13.41 38.52
CA ALA F 188 2.61 -13.71 39.59
C ALA F 188 2.47 -15.21 39.78
N GLY F 189 2.33 -15.96 38.68
CA GLY F 189 2.16 -17.40 38.81
C GLY F 189 3.36 -18.07 39.44
N LEU F 190 4.57 -17.67 39.05
CA LEU F 190 5.76 -18.29 39.63
C LEU F 190 5.89 -17.97 41.11
N GLY F 191 5.43 -16.79 41.53
CA GLY F 191 5.59 -16.35 42.90
C GLY F 191 4.56 -16.86 43.87
N LEU F 192 3.55 -17.59 43.42
CA LEU F 192 2.54 -18.10 44.34
C LEU F 192 3.14 -19.16 45.27
N ASP F 193 2.46 -19.37 46.38
CA ASP F 193 2.82 -20.40 47.35
C ASP F 193 1.73 -21.47 47.36
N SER F 194 2.13 -22.72 47.10
CA SER F 194 1.14 -23.79 47.01
C SER F 194 0.52 -24.07 48.37
N LYS F 195 1.34 -24.17 49.41
CA LYS F 195 0.83 -24.52 50.73
C LYS F 195 -0.16 -23.46 51.22
N ALA F 196 0.20 -22.19 51.09
CA ALA F 196 -0.70 -21.12 51.50
C ALA F 196 -1.96 -21.13 50.65
N LEU F 197 -1.80 -21.25 49.33
CA LEU F 197 -2.96 -21.21 48.44
C LEU F 197 -3.93 -22.34 48.74
N LYS F 198 -3.44 -23.46 49.25
CA LYS F 198 -4.33 -24.57 49.60
C LYS F 198 -5.27 -24.18 50.73
N LYS F 199 -4.76 -23.47 51.74
CA LYS F 199 -5.52 -23.22 52.95
C LYS F 199 -6.45 -22.02 52.86
N LEU F 200 -6.35 -21.21 51.80
CA LEU F 200 -7.27 -20.10 51.57
C LEU F 200 -7.82 -20.25 50.15
N LYS F 201 -8.89 -21.04 50.04
CA LYS F 201 -9.60 -21.27 48.80
C LYS F 201 -10.88 -20.43 48.74
N GLY F 202 -11.76 -20.58 49.72
CA GLY F 202 -12.96 -19.75 49.75
C GLY F 202 -12.64 -18.28 49.84
N VAL F 203 -11.58 -17.93 50.58
CA VAL F 203 -11.21 -16.52 50.73
C VAL F 203 -10.85 -15.93 49.38
N CYS F 204 -10.07 -16.66 48.59
CA CYS F 204 -9.67 -16.16 47.28
C CYS F 204 -10.88 -15.97 46.37
N VAL F 205 -11.81 -16.93 46.38
CA VAL F 205 -12.99 -16.82 45.54
C VAL F 205 -13.83 -15.61 45.97
N ARG F 206 -14.03 -15.44 47.27
CA ARG F 206 -14.80 -14.30 47.75
C ARG F 206 -14.14 -13.00 47.35
N LEU F 207 -12.83 -12.89 47.55
CA LEU F 207 -12.13 -11.65 47.24
C LEU F 207 -12.17 -11.35 45.75
N SER F 208 -12.13 -12.38 44.91
CA SER F 208 -12.17 -12.15 43.47
C SER F 208 -13.57 -11.80 42.98
N MET F 209 -14.61 -12.35 43.59
CA MET F 209 -15.98 -12.15 43.10
C MET F 209 -16.69 -10.98 43.77
N GLY F 210 -16.83 -11.01 45.09
CA GLY F 210 -17.64 -10.05 45.79
C GLY F 210 -17.38 -8.61 45.39
N PRO F 211 -16.18 -8.12 45.68
CA PRO F 211 -15.91 -6.69 45.45
C PRO F 211 -16.25 -6.21 44.05
N CYS F 212 -15.91 -6.99 43.02
CA CYS F 212 -16.22 -6.57 41.66
C CYS F 212 -17.71 -6.41 41.46
N ILE F 213 -18.51 -7.41 41.85
CA ILE F 213 -19.94 -7.33 41.66
C ILE F 213 -20.59 -6.23 42.48
N VAL F 214 -20.22 -6.07 43.75
CA VAL F 214 -20.80 -5.02 44.56
C VAL F 214 -20.43 -3.63 44.04
N GLU F 215 -19.17 -3.41 43.64
CA GLU F 215 -18.79 -2.14 43.06
C GLU F 215 -19.49 -1.88 41.75
N ALA F 216 -19.67 -2.89 40.90
CA ALA F 216 -20.44 -2.69 39.68
C ALA F 216 -21.89 -2.31 39.97
N CYS F 217 -22.53 -2.98 40.93
CA CYS F 217 -23.91 -2.65 41.26
C CYS F 217 -24.02 -1.23 41.80
N THR F 218 -23.14 -0.86 42.74
CA THR F 218 -23.23 0.49 43.30
C THR F 218 -22.86 1.55 42.28
N SER F 219 -21.92 1.25 41.38
CA SER F 219 -21.58 2.20 40.33
C SER F 219 -22.75 2.41 39.39
N ALA F 220 -23.45 1.33 39.03
CA ALA F 220 -24.64 1.48 38.20
C ALA F 220 -25.70 2.30 38.94
N LEU F 221 -25.87 2.05 40.23
CA LEU F 221 -26.84 2.83 41.00
C LEU F 221 -26.49 4.31 40.98
N LEU F 222 -25.22 4.64 41.17
CA LEU F 222 -24.80 6.04 41.13
C LEU F 222 -25.00 6.64 39.75
N ALA F 223 -24.61 5.90 38.70
CA ALA F 223 -24.72 6.44 37.35
C ALA F 223 -26.17 6.72 36.99
N HIS F 224 -27.09 5.86 37.41
CA HIS F 224 -28.49 6.08 37.04
C HIS F 224 -29.05 7.36 37.61
N TYR F 225 -28.44 7.92 38.65
CA TYR F 225 -28.97 9.12 39.31
C TYR F 225 -28.09 10.34 39.07
N LEU F 226 -26.82 10.28 39.42
CA LEU F 226 -25.94 11.41 39.17
C LEU F 226 -25.75 11.68 37.69
N LEU F 227 -25.55 10.62 36.91
CA LEU F 227 -25.25 10.76 35.49
C LEU F 227 -26.48 10.65 34.60
N GLY F 228 -27.58 10.09 35.10
CA GLY F 228 -28.78 9.95 34.32
C GLY F 228 -28.80 8.80 33.35
N LEU F 229 -27.78 7.95 33.36
CA LEU F 229 -27.73 6.83 32.44
C LEU F 229 -28.87 5.86 32.74
N PRO F 230 -29.38 5.15 31.73
CA PRO F 230 -30.33 4.07 32.00
C PRO F 230 -29.65 2.95 32.76
N TRP F 231 -30.40 1.91 33.13
CA TRP F 231 -29.83 0.86 33.96
C TRP F 231 -28.79 0.04 33.21
N GLN F 232 -29.07 -0.29 31.95
CA GLN F 232 -28.13 -1.12 31.19
C GLN F 232 -26.78 -0.42 31.07
N TRP F 233 -26.80 0.87 30.76
CA TRP F 233 -25.55 1.61 30.63
C TRP F 233 -24.89 1.82 31.98
N GLY F 234 -25.69 1.98 33.04
CA GLY F 234 -25.12 2.03 34.37
C GLY F 234 -24.34 0.78 34.70
N PHE F 235 -24.87 -0.39 34.32
CA PHE F 235 -24.17 -1.63 34.60
C PHE F 235 -22.97 -1.81 33.68
N ILE F 236 -23.05 -1.35 32.44
CA ILE F 236 -21.87 -1.35 31.58
C ILE F 236 -20.75 -0.56 32.25
N LEU F 237 -21.09 0.62 32.77
CA LEU F 237 -20.11 1.44 33.47
C LEU F 237 -19.57 0.71 34.69
N GLY F 238 -20.46 0.11 35.48
CA GLY F 238 -20.01 -0.57 36.68
C GLY F 238 -19.04 -1.70 36.36
N PHE F 239 -19.31 -2.47 35.32
CA PHE F 239 -18.46 -3.59 35.00
C PHE F 239 -17.15 -3.15 34.36
N VAL F 240 -17.17 -2.07 33.57
CA VAL F 240 -15.92 -1.52 33.05
C VAL F 240 -15.16 -0.73 34.11
N LEU F 241 -15.71 -0.61 35.31
CA LEU F 241 -15.05 0.08 36.41
C LEU F 241 -14.79 -0.88 37.57
N GLY F 242 -14.82 -2.17 37.32
CA GLY F 242 -14.80 -3.15 38.40
C GLY F 242 -13.78 -4.26 38.27
N ALA F 243 -12.60 -3.96 37.74
CA ALA F 243 -11.56 -4.99 37.58
C ALA F 243 -10.22 -4.37 37.95
N VAL F 244 -9.54 -4.97 38.94
CA VAL F 244 -8.25 -4.44 39.35
C VAL F 244 -7.18 -4.91 38.37
N SER F 245 -6.07 -4.17 38.33
CA SER F 245 -4.99 -4.47 37.41
C SER F 245 -3.94 -5.31 38.11
N PRO F 246 -3.64 -6.52 37.65
CA PRO F 246 -2.47 -7.23 38.18
C PRO F 246 -1.17 -6.49 37.92
N ALA F 247 -1.12 -5.63 36.90
CA ALA F 247 0.10 -4.90 36.60
C ALA F 247 0.49 -3.95 37.72
N VAL F 248 -0.44 -3.61 38.61
CA VAL F 248 -0.16 -2.68 39.70
C VAL F 248 -0.03 -3.45 41.02
N VAL F 249 -0.81 -4.53 41.15
CA VAL F 249 -0.81 -5.29 42.40
C VAL F 249 0.36 -6.23 42.46
N VAL F 250 0.59 -7.01 41.40
CA VAL F 250 1.59 -8.07 41.45
C VAL F 250 2.97 -7.56 41.78
N PRO F 251 3.50 -6.51 41.14
CA PRO F 251 4.86 -6.08 41.48
C PRO F 251 5.02 -5.71 42.94
N SER F 252 4.05 -4.99 43.50
CA SER F 252 4.17 -4.55 44.90
C SER F 252 4.11 -5.74 45.85
N MET F 253 3.18 -6.67 45.62
CA MET F 253 3.08 -7.82 46.51
C MET F 253 4.29 -8.73 46.35
N LEU F 254 4.87 -8.80 45.14
CA LEU F 254 6.09 -9.56 44.97
C LEU F 254 7.24 -8.91 45.75
N LEU F 255 7.31 -7.58 45.74
CA LEU F 255 8.32 -6.91 46.54
C LEU F 255 8.13 -7.21 48.03
N LEU F 256 6.88 -7.17 48.49
CA LEU F 256 6.62 -7.50 49.89
C LEU F 256 7.03 -8.94 50.20
N GLN F 257 6.67 -9.87 49.32
CA GLN F 257 7.04 -11.27 49.54
C GLN F 257 8.54 -11.46 49.53
N GLY F 258 9.27 -10.65 48.77
CA GLY F 258 10.72 -10.72 48.79
C GLY F 258 11.29 -10.44 50.16
N GLY F 259 10.75 -9.43 50.83
CA GLY F 259 11.12 -9.15 52.20
C GLY F 259 10.41 -10.01 53.22
N GLY F 260 9.56 -10.92 52.77
CA GLY F 260 8.85 -11.80 53.68
C GLY F 260 7.95 -11.03 54.63
N TYR F 261 7.35 -9.94 54.16
CA TYR F 261 6.64 -9.05 55.05
C TYR F 261 5.26 -9.54 55.45
N GLY F 262 4.67 -10.46 54.69
CA GLY F 262 3.34 -10.93 55.01
C GLY F 262 3.14 -12.40 54.76
N VAL F 263 4.20 -13.12 54.42
CA VAL F 263 4.07 -14.55 54.08
C VAL F 263 4.20 -15.32 55.39
N GLU F 264 3.12 -15.31 56.15
CA GLU F 264 2.87 -16.27 57.21
C GLU F 264 1.44 -16.78 57.20
N LYS F 265 0.49 -15.99 56.71
CA LYS F 265 -0.87 -16.43 56.42
C LYS F 265 -1.13 -16.49 54.93
N GLY F 266 -0.24 -15.93 54.12
CA GLY F 266 -0.36 -16.00 52.68
C GLY F 266 -1.01 -14.80 52.03
N VAL F 267 -0.82 -13.60 52.57
CA VAL F 267 -1.47 -12.42 51.97
C VAL F 267 -0.96 -12.17 50.56
N PRO F 268 0.34 -12.15 50.29
CA PRO F 268 0.78 -11.92 48.90
C PRO F 268 0.22 -12.95 47.93
N THR F 269 0.16 -14.21 48.35
CA THR F 269 -0.41 -15.24 47.47
C THR F 269 -1.88 -14.99 47.22
N LEU F 270 -2.61 -14.61 48.27
CA LEU F 270 -4.04 -14.34 48.12
C LEU F 270 -4.27 -13.20 47.14
N LEU F 271 -3.46 -12.14 47.22
CA LEU F 271 -3.69 -10.99 46.35
C LEU F 271 -3.23 -11.27 44.93
N MET F 272 -2.15 -12.04 44.76
CA MET F 272 -1.66 -12.30 43.42
C MET F 272 -2.54 -13.30 42.69
N ALA F 273 -3.05 -14.30 43.40
CA ALA F 273 -3.91 -15.31 42.78
C ALA F 273 -5.23 -14.71 42.32
N ALA F 274 -5.91 -14.00 43.22
CA ALA F 274 -7.21 -13.42 42.90
C ALA F 274 -7.09 -12.34 41.83
N GLY F 275 -5.88 -11.78 41.68
CA GLY F 275 -5.71 -10.68 40.75
C GLY F 275 -6.05 -11.07 39.33
N SER F 276 -5.75 -12.31 38.93
CA SER F 276 -5.87 -12.77 37.52
C SER F 276 -7.14 -13.54 37.22
N PHE F 277 -8.17 -13.48 38.06
CA PHE F 277 -9.48 -14.11 37.84
C PHE F 277 -10.56 -13.04 37.92
N ASP F 278 -10.18 -11.76 38.04
CA ASP F 278 -11.12 -10.65 38.27
C ASP F 278 -11.50 -10.00 36.95
N ASP F 279 -10.79 -10.31 35.88
CA ASP F 279 -11.06 -9.75 34.54
C ASP F 279 -11.87 -10.74 33.71
N ILE F 280 -12.12 -11.95 34.18
CA ILE F 280 -12.94 -12.93 33.44
C ILE F 280 -14.36 -12.58 33.83
N LEU F 281 -14.62 -12.25 35.08
CA LEU F 281 -15.95 -11.83 35.48
C LEU F 281 -16.29 -10.43 35.01
N ALA F 282 -15.34 -9.50 35.12
CA ALA F 282 -15.60 -8.13 34.70
C ALA F 282 -15.88 -8.05 33.21
N ILE F 283 -15.03 -8.68 32.38
CA ILE F 283 -15.21 -8.63 30.94
C ILE F 283 -16.49 -9.32 30.55
N THR F 284 -16.79 -10.45 31.20
CA THR F 284 -18.03 -11.15 30.88
C THR F 284 -19.25 -10.30 31.18
N GLY F 285 -19.27 -9.65 32.35
CA GLY F 285 -20.39 -8.79 32.70
C GLY F 285 -20.50 -7.64 31.73
N PHE F 286 -19.37 -7.02 31.40
CA PHE F 286 -19.38 -5.92 30.46
C PHE F 286 -19.89 -6.33 29.10
N ASN F 287 -19.46 -7.48 28.59
CA ASN F 287 -19.91 -7.96 27.29
C ASN F 287 -21.39 -8.26 27.29
N THR F 288 -21.90 -8.96 28.31
CA THR F 288 -23.31 -9.28 28.32
C THR F 288 -24.16 -8.02 28.46
N CYS F 289 -23.73 -7.07 29.30
CA CYS F 289 -24.49 -5.83 29.45
C CYS F 289 -24.46 -5.01 28.17
N LEU F 290 -23.32 -4.98 27.48
CA LEU F 290 -23.25 -4.29 26.20
C LEU F 290 -24.20 -4.92 25.19
N GLY F 291 -24.22 -6.25 25.13
CA GLY F 291 -25.14 -6.92 24.23
C GLY F 291 -26.59 -6.60 24.55
N ILE F 292 -26.93 -6.56 25.84
CA ILE F 292 -28.30 -6.19 26.22
C ILE F 292 -28.60 -4.75 25.79
N ALA F 293 -27.65 -3.85 26.02
CA ALA F 293 -27.89 -2.44 25.70
C ALA F 293 -28.11 -2.25 24.21
N PHE F 294 -27.32 -2.91 23.37
CA PHE F 294 -27.45 -2.78 21.94
C PHE F 294 -28.36 -3.83 21.33
N SER F 295 -28.99 -4.68 22.16
CA SER F 295 -29.95 -5.66 21.67
C SER F 295 -29.38 -6.50 20.54
N THR F 296 -28.12 -6.92 20.70
CA THR F 296 -27.43 -7.72 19.70
C THR F 296 -27.16 -9.10 20.25
N GLY F 297 -27.26 -10.11 19.40
CA GLY F 297 -26.94 -11.46 19.81
C GLY F 297 -27.84 -11.94 20.92
N SER F 298 -27.28 -12.79 21.78
CA SER F 298 -28.01 -13.36 22.89
C SER F 298 -27.20 -13.22 24.16
N THR F 299 -27.89 -13.04 25.28
CA THR F 299 -27.22 -12.94 26.57
C THR F 299 -26.72 -14.31 27.05
N VAL F 300 -27.43 -15.38 26.70
CA VAL F 300 -27.04 -16.70 27.17
C VAL F 300 -25.65 -17.06 26.67
N PHE F 301 -25.38 -16.82 25.38
CA PHE F 301 -24.05 -17.13 24.86
C PHE F 301 -23.00 -16.23 25.46
N ASN F 302 -23.33 -14.95 25.67
CA ASN F 302 -22.35 -14.04 26.27
C ASN F 302 -21.97 -14.49 27.67
N VAL F 303 -22.96 -14.94 28.44
CA VAL F 303 -22.67 -15.44 29.78
C VAL F 303 -21.86 -16.73 29.71
N LEU F 304 -22.27 -17.66 28.85
CA LEU F 304 -21.57 -18.93 28.74
C LEU F 304 -20.15 -18.76 28.23
N ARG F 305 -19.86 -17.67 27.52
CA ARG F 305 -18.50 -17.44 27.06
C ARG F 305 -17.55 -17.34 28.25
N GLY F 306 -17.98 -16.72 29.33
CA GLY F 306 -17.11 -16.62 30.51
C GLY F 306 -16.82 -17.96 31.13
N VAL F 307 -17.85 -18.80 31.28
CA VAL F 307 -17.64 -20.13 31.84
C VAL F 307 -16.71 -20.93 30.94
N LEU F 308 -16.91 -20.84 29.62
CA LEU F 308 -16.02 -21.54 28.70
C LEU F 308 -14.60 -21.01 28.81
N GLU F 309 -14.45 -19.69 28.95
CA GLU F 309 -13.11 -19.13 29.11
C GLU F 309 -12.43 -19.72 30.34
N VAL F 310 -13.14 -19.77 31.46
CA VAL F 310 -12.57 -20.34 32.67
C VAL F 310 -12.16 -21.78 32.43
N VAL F 311 -13.05 -22.57 31.84
CA VAL F 311 -12.79 -24.00 31.70
C VAL F 311 -11.58 -24.23 30.81
N ILE F 312 -11.56 -23.61 29.62
CA ILE F 312 -10.47 -23.87 28.69
C ILE F 312 -9.17 -23.29 29.22
N GLY F 313 -9.23 -22.15 29.91
CA GLY F 313 -8.02 -21.61 30.52
C GLY F 313 -7.43 -22.57 31.53
N VAL F 314 -8.28 -23.11 32.42
CA VAL F 314 -7.78 -24.04 33.43
C VAL F 314 -7.20 -25.29 32.76
N ALA F 315 -7.91 -25.84 31.77
CA ALA F 315 -7.45 -27.08 31.14
C ALA F 315 -6.13 -26.87 30.40
N THR F 316 -6.05 -25.82 29.58
CA THR F 316 -4.82 -25.55 28.84
C THR F 316 -3.67 -25.26 29.79
N GLY F 317 -3.92 -24.47 30.83
CA GLY F 317 -2.87 -24.20 31.80
C GLY F 317 -2.40 -25.46 32.47
N SER F 318 -3.33 -26.35 32.83
CA SER F 318 -2.94 -27.58 33.49
C SER F 318 -2.06 -28.43 32.60
N VAL F 319 -2.46 -28.64 31.35
CA VAL F 319 -1.67 -29.50 30.47
C VAL F 319 -0.31 -28.88 30.21
N LEU F 320 -0.28 -27.58 29.90
CA LEU F 320 1.00 -26.94 29.61
C LEU F 320 1.92 -26.94 30.83
N GLY F 321 1.37 -26.66 32.01
CA GLY F 321 2.18 -26.64 33.21
C GLY F 321 2.76 -28.00 33.55
N PHE F 322 1.92 -29.04 33.48
CA PHE F 322 2.44 -30.39 33.68
C PHE F 322 3.45 -30.78 32.62
N PHE F 323 3.34 -30.21 31.42
CA PHE F 323 4.31 -30.50 30.38
C PHE F 323 5.67 -29.88 30.71
N ILE F 324 5.72 -28.55 30.79
CA ILE F 324 6.99 -27.88 31.05
C ILE F 324 7.53 -28.19 32.43
N GLN F 325 6.70 -28.73 33.32
CA GLN F 325 7.16 -29.10 34.65
C GLN F 325 8.06 -30.32 34.62
N TYR F 326 8.01 -31.11 33.57
CA TYR F 326 8.70 -32.40 33.51
C TYR F 326 9.75 -32.47 32.41
N PHE F 327 9.44 -31.98 31.20
CA PHE F 327 10.28 -32.36 30.06
C PHE F 327 11.63 -31.67 30.08
N PRO F 328 11.73 -30.35 30.04
CA PRO F 328 13.04 -29.74 30.26
C PRO F 328 13.61 -30.28 31.56
N SER F 329 14.65 -31.10 31.46
CA SER F 329 15.09 -31.94 32.56
C SER F 329 16.37 -31.40 33.17
N ARG F 330 16.70 -31.91 34.36
CA ARG F 330 17.90 -31.47 35.03
C ARG F 330 19.16 -31.80 34.24
N ASP F 331 19.08 -32.73 33.29
CA ASP F 331 20.26 -33.17 32.56
C ASP F 331 20.61 -32.25 31.40
N GLN F 332 19.76 -31.28 31.06
CA GLN F 332 20.02 -30.42 29.93
C GLN F 332 20.98 -29.29 30.33
N ASP F 333 21.74 -28.82 29.35
CA ASP F 333 22.77 -27.81 29.62
C ASP F 333 22.15 -26.44 29.93
N LYS F 334 21.45 -25.86 28.96
CA LYS F 334 20.89 -24.53 29.12
C LYS F 334 19.50 -24.61 29.75
N LEU F 335 19.48 -25.11 30.98
CA LEU F 335 18.21 -25.39 31.63
C LEU F 335 17.45 -24.09 31.92
N VAL F 336 18.11 -23.10 32.51
CA VAL F 336 17.43 -21.89 32.90
C VAL F 336 16.93 -21.14 31.68
N CYS F 337 17.78 -21.00 30.66
CA CYS F 337 17.37 -20.28 29.46
C CYS F 337 16.19 -20.97 28.79
N LYS F 338 16.25 -22.29 28.66
CA LYS F 338 15.17 -23.01 28.01
C LYS F 338 13.88 -22.89 28.81
N ARG F 339 13.96 -22.98 30.14
CA ARG F 339 12.76 -22.89 30.96
C ARG F 339 12.13 -21.51 30.87
N THR F 340 12.94 -20.45 30.96
CA THR F 340 12.39 -19.10 30.88
C THR F 340 11.78 -18.87 29.51
N PHE F 341 12.45 -19.31 28.45
CA PHE F 341 11.87 -19.15 27.12
C PHE F 341 10.55 -19.90 27.02
N LEU F 342 10.50 -21.12 27.56
CA LEU F 342 9.28 -21.90 27.46
C LEU F 342 8.12 -21.21 28.16
N VAL F 343 8.32 -20.79 29.41
CA VAL F 343 7.21 -20.15 30.14
C VAL F 343 6.78 -18.87 29.44
N LEU F 344 7.74 -18.02 29.07
CA LEU F 344 7.37 -16.75 28.47
C LEU F 344 6.67 -16.94 27.13
N GLY F 345 7.25 -17.79 26.27
CA GLY F 345 6.64 -18.02 24.97
C GLY F 345 5.26 -18.63 25.08
N LEU F 346 5.09 -19.60 25.98
CA LEU F 346 3.78 -20.22 26.14
C LEU F 346 2.77 -19.22 26.65
N SER F 347 3.15 -18.36 27.60
CA SER F 347 2.21 -17.36 28.10
C SER F 347 1.83 -16.38 27.01
N VAL F 348 2.80 -15.89 26.26
CA VAL F 348 2.50 -14.94 25.18
C VAL F 348 1.62 -15.58 24.14
N LEU F 349 1.94 -16.81 23.74
CA LEU F 349 1.12 -17.53 22.77
C LEU F 349 -0.29 -17.72 23.28
N ALA F 350 -0.44 -18.10 24.55
CA ALA F 350 -1.77 -18.29 25.11
C ALA F 350 -2.57 -17.00 25.03
N VAL F 351 -1.98 -15.89 25.49
CA VAL F 351 -2.71 -14.63 25.51
C VAL F 351 -3.14 -14.24 24.11
N PHE F 352 -2.20 -14.24 23.16
CA PHE F 352 -2.49 -13.73 21.83
C PHE F 352 -3.44 -14.66 21.08
N SER F 353 -3.23 -15.98 21.18
CA SER F 353 -4.11 -16.91 20.49
C SER F 353 -5.52 -16.89 21.08
N SER F 354 -5.64 -16.75 22.40
CA SER F 354 -6.96 -16.65 22.99
C SER F 354 -7.67 -15.40 22.51
N VAL F 355 -6.95 -14.28 22.42
CA VAL F 355 -7.56 -13.08 21.85
C VAL F 355 -7.99 -13.34 20.41
N HIS F 356 -7.14 -14.02 19.64
CA HIS F 356 -7.42 -14.22 18.22
C HIS F 356 -8.65 -15.10 18.01
N PHE F 357 -8.80 -16.15 18.81
CA PHE F 357 -9.86 -17.11 18.60
C PHE F 357 -11.18 -16.71 19.23
N GLY F 358 -11.25 -15.54 19.87
CA GLY F 358 -12.49 -15.06 20.42
C GLY F 358 -12.78 -15.49 21.84
N PHE F 359 -11.76 -15.79 22.63
CA PHE F 359 -11.91 -16.11 24.05
C PHE F 359 -10.92 -15.27 24.84
N PRO F 360 -11.07 -13.94 24.82
CA PRO F 360 -10.12 -13.09 25.55
C PRO F 360 -10.39 -13.16 27.05
N GLY F 361 -9.37 -13.58 27.80
CA GLY F 361 -9.47 -13.75 29.25
C GLY F 361 -9.08 -15.13 29.72
N SER F 362 -9.29 -16.14 28.88
CA SER F 362 -8.75 -17.46 29.18
C SER F 362 -7.24 -17.48 29.06
N GLY F 363 -6.66 -16.56 28.28
CA GLY F 363 -5.21 -16.52 28.17
C GLY F 363 -4.54 -16.18 29.49
N GLY F 364 -5.07 -15.19 30.21
CA GLY F 364 -4.48 -14.84 31.48
C GLY F 364 -4.57 -15.95 32.51
N LEU F 365 -5.74 -16.58 32.60
CA LEU F 365 -5.90 -17.69 33.53
C LEU F 365 -5.00 -18.86 33.15
N CYS F 366 -4.89 -19.14 31.87
CA CYS F 366 -4.00 -20.22 31.42
C CYS F 366 -2.56 -19.91 31.81
N THR F 367 -2.12 -18.67 31.59
CA THR F 367 -0.76 -18.31 31.97
C THR F 367 -0.55 -18.46 33.47
N LEU F 368 -1.51 -17.99 34.27
CA LEU F 368 -1.38 -18.11 35.72
C LEU F 368 -1.25 -19.56 36.14
N VAL F 369 -2.14 -20.42 35.65
CA VAL F 369 -2.13 -21.82 36.07
C VAL F 369 -0.86 -22.51 35.60
N MET F 370 -0.45 -22.26 34.35
CA MET F 370 0.75 -22.89 33.83
C MET F 370 1.97 -22.49 34.65
N ALA F 371 2.13 -21.20 34.91
CA ALA F 371 3.27 -20.75 35.69
C ALA F 371 3.24 -21.31 37.10
N PHE F 372 2.07 -21.37 37.71
CA PHE F 372 1.96 -21.92 39.06
C PHE F 372 2.40 -23.38 39.09
N LEU F 373 1.90 -24.17 38.13
CA LEU F 373 2.26 -25.58 38.11
C LEU F 373 3.74 -25.78 37.81
N ALA F 374 4.30 -24.99 36.89
CA ALA F 374 5.72 -25.08 36.61
C ALA F 374 6.54 -24.76 37.84
N GLY F 375 6.18 -23.70 38.56
CA GLY F 375 6.88 -23.39 39.79
C GLY F 375 6.78 -24.50 40.80
N MET F 376 5.61 -25.12 40.92
CA MET F 376 5.48 -26.29 41.78
C MET F 376 6.44 -27.38 41.35
N GLY F 377 6.62 -27.56 40.04
CA GLY F 377 7.54 -28.57 39.57
C GLY F 377 8.99 -28.29 39.93
N TRP F 378 9.41 -27.04 39.81
CA TRP F 378 10.78 -26.62 40.11
C TRP F 378 10.74 -26.01 41.52
N THR F 379 10.96 -26.86 42.52
CA THR F 379 10.76 -26.44 43.90
C THR F 379 11.56 -25.18 44.22
N SER F 380 12.85 -25.20 43.92
CA SER F 380 13.74 -24.09 44.25
C SER F 380 14.58 -23.61 43.07
N GLU F 381 14.61 -24.35 41.97
CA GLU F 381 15.41 -23.95 40.81
C GLU F 381 14.75 -22.85 40.00
N LYS F 382 13.53 -22.45 40.35
CA LYS F 382 12.83 -21.42 39.60
C LYS F 382 13.34 -20.02 39.87
N ALA F 383 14.18 -19.84 40.89
CA ALA F 383 14.57 -18.49 41.29
C ALA F 383 15.24 -17.74 40.15
N GLU F 384 16.12 -18.41 39.41
CA GLU F 384 16.78 -17.75 38.28
C GLU F 384 15.78 -17.37 37.21
N VAL F 385 14.80 -18.24 36.96
CA VAL F 385 13.77 -17.93 35.97
C VAL F 385 13.03 -16.66 36.37
N GLU F 386 12.63 -16.54 37.63
CA GLU F 386 11.90 -15.35 38.03
C GLU F 386 12.81 -14.13 38.07
N LYS F 387 14.12 -14.31 38.28
CA LYS F 387 15.02 -13.17 38.17
C LYS F 387 15.05 -12.64 36.74
N ILE F 388 15.18 -13.54 35.77
CA ILE F 388 15.18 -13.10 34.38
C ILE F 388 13.85 -12.44 34.01
N ILE F 389 12.74 -13.03 34.47
CA ILE F 389 11.44 -12.44 34.18
C ILE F 389 11.31 -11.09 34.84
N ALA F 390 11.88 -10.92 36.04
CA ALA F 390 11.84 -9.62 36.70
C ALA F 390 12.60 -8.58 35.92
N VAL F 391 13.74 -8.97 35.35
CA VAL F 391 14.47 -8.03 34.47
C VAL F 391 13.60 -7.65 33.28
N ALA F 392 12.95 -8.65 32.67
CA ALA F 392 12.08 -8.35 31.53
C ALA F 392 10.96 -7.40 31.93
N TRP F 393 10.39 -7.60 33.12
CA TRP F 393 9.33 -6.71 33.58
C TRP F 393 9.86 -5.31 33.84
N ASP F 394 11.06 -5.20 34.40
CA ASP F 394 11.66 -3.88 34.57
C ASP F 394 11.79 -3.17 33.23
N ILE F 395 12.09 -3.93 32.18
CA ILE F 395 12.19 -3.34 30.86
C ILE F 395 10.81 -2.93 30.33
N PHE F 396 9.79 -3.76 30.58
CA PHE F 396 8.51 -3.60 29.89
C PHE F 396 7.51 -2.72 30.63
N GLN F 397 7.67 -2.53 31.94
CA GLN F 397 6.71 -1.72 32.69
C GLN F 397 6.59 -0.30 32.14
N PRO F 398 7.67 0.41 31.86
CA PRO F 398 7.53 1.75 31.28
C PRO F 398 6.70 1.75 30.01
N LEU F 399 6.90 0.76 29.14
CA LEU F 399 6.11 0.69 27.92
C LEU F 399 4.62 0.55 28.24
N LEU F 400 4.28 -0.40 29.10
CA LEU F 400 2.88 -0.64 29.43
C LEU F 400 2.23 0.62 29.96
N PHE F 401 2.85 1.25 30.95
CA PHE F 401 2.18 2.37 31.61
C PHE F 401 2.22 3.63 30.75
N GLY F 402 3.27 3.83 29.97
CA GLY F 402 3.26 4.94 29.03
C GLY F 402 2.17 4.80 27.99
N LEU F 403 1.98 3.59 27.46
CA LEU F 403 0.91 3.38 26.49
C LEU F 403 -0.45 3.59 27.13
N ILE F 404 -0.65 3.06 28.35
CA ILE F 404 -1.92 3.25 29.04
C ILE F 404 -2.20 4.75 29.21
N GLY F 405 -1.19 5.50 29.64
CA GLY F 405 -1.36 6.94 29.76
C GLY F 405 -1.66 7.62 28.44
N ALA F 406 -0.99 7.19 27.37
CA ALA F 406 -1.21 7.78 26.06
C ALA F 406 -2.60 7.47 25.51
N GLU F 407 -3.27 6.43 26.03
CA GLU F 407 -4.62 6.15 25.56
C GLU F 407 -5.61 7.24 25.92
N VAL F 408 -5.36 8.02 26.96
CA VAL F 408 -6.33 8.99 27.46
C VAL F 408 -6.08 10.34 26.80
N SER F 409 -7.15 11.07 26.56
CA SER F 409 -7.07 12.40 25.96
C SER F 409 -7.90 13.37 26.79
N ILE F 410 -7.45 14.63 26.84
CA ILE F 410 -8.15 15.65 27.61
C ILE F 410 -9.54 15.92 27.08
N ALA F 411 -9.87 15.44 25.88
CA ALA F 411 -11.21 15.63 25.36
C ALA F 411 -12.24 14.96 26.26
N SER F 412 -11.95 13.75 26.73
CA SER F 412 -12.87 13.07 27.63
C SER F 412 -12.96 13.78 28.97
N LEU F 413 -11.84 14.28 29.48
CA LEU F 413 -11.80 14.89 30.81
C LEU F 413 -12.13 16.39 30.72
N ARG F 414 -13.21 16.69 30.08
CA ARG F 414 -13.64 18.06 29.98
C ARG F 414 -14.57 18.42 31.13
N PRO F 415 -14.57 19.66 31.59
CA PRO F 415 -15.31 20.02 32.80
C PRO F 415 -16.82 20.13 32.63
N GLU F 416 -17.37 19.64 31.51
CA GLU F 416 -18.82 19.69 31.33
C GLU F 416 -19.53 18.97 32.49
N THR F 417 -19.14 17.72 32.75
CA THR F 417 -19.72 16.97 33.84
C THR F 417 -18.67 16.14 34.58
N VAL F 418 -17.40 16.52 34.49
CA VAL F 418 -16.34 15.70 35.09
C VAL F 418 -16.52 15.61 36.60
N GLY F 419 -17.15 16.61 37.21
CA GLY F 419 -17.35 16.55 38.65
C GLY F 419 -18.18 15.36 39.07
N LEU F 420 -19.29 15.13 38.36
CA LEU F 420 -20.16 14.01 38.71
C LEU F 420 -19.48 12.67 38.43
N CYS F 421 -18.71 12.60 37.34
CA CYS F 421 -17.97 11.37 37.06
C CYS F 421 -16.97 11.08 38.17
N VAL F 422 -16.26 12.11 38.62
CA VAL F 422 -15.31 11.91 39.73
C VAL F 422 -16.05 11.46 40.97
N ALA F 423 -17.21 12.06 41.25
CA ALA F 423 -17.98 11.66 42.43
C ALA F 423 -18.39 10.20 42.34
N THR F 424 -18.87 9.76 41.18
CA THR F 424 -19.27 8.37 41.03
C THR F 424 -18.08 7.44 41.22
N VAL F 425 -16.94 7.77 40.62
CA VAL F 425 -15.77 6.91 40.77
C VAL F 425 -15.33 6.84 42.21
N GLY F 426 -15.33 7.98 42.92
CA GLY F 426 -14.93 8.01 44.30
C GLY F 426 -15.82 7.18 45.20
N ILE F 427 -17.13 7.35 45.05
CA ILE F 427 -18.06 6.58 45.88
C ILE F 427 -17.96 5.09 45.56
N ALA F 428 -17.80 4.75 44.28
CA ALA F 428 -17.64 3.35 43.92
C ALA F 428 -16.39 2.76 44.55
N VAL F 429 -15.28 3.51 44.55
CA VAL F 429 -14.06 3.01 45.16
C VAL F 429 -14.23 2.85 46.66
N LEU F 430 -14.89 3.80 47.32
CA LEU F 430 -15.13 3.66 48.75
C LEU F 430 -15.95 2.42 49.05
N ILE F 431 -17.00 2.17 48.26
CA ILE F 431 -17.82 0.99 48.49
C ILE F 431 -17.02 -0.28 48.20
N ARG F 432 -16.14 -0.24 47.21
CA ARG F 432 -15.29 -1.40 46.92
C ARG F 432 -14.40 -1.71 48.11
N ILE F 433 -13.78 -0.68 48.69
CA ILE F 433 -12.93 -0.90 49.85
C ILE F 433 -13.75 -1.47 51.00
N LEU F 434 -14.92 -0.90 51.25
CA LEU F 434 -15.76 -1.39 52.35
C LEU F 434 -16.13 -2.85 52.13
N THR F 435 -16.48 -3.21 50.90
CA THR F 435 -16.87 -4.59 50.61
C THR F 435 -15.68 -5.54 50.72
N THR F 436 -14.50 -5.12 50.25
CA THR F 436 -13.34 -5.97 50.36
C THR F 436 -12.99 -6.24 51.82
N PHE F 437 -13.16 -5.23 52.68
CA PHE F 437 -12.94 -5.47 54.10
C PHE F 437 -13.87 -6.57 54.62
N LEU F 438 -15.14 -6.53 54.23
CA LEU F 438 -16.09 -7.53 54.71
C LEU F 438 -15.84 -8.91 54.13
N MET F 439 -15.34 -8.98 52.89
CA MET F 439 -15.18 -10.27 52.23
C MET F 439 -14.07 -11.11 52.84
N VAL F 440 -13.20 -10.52 53.66
CA VAL F 440 -12.10 -11.24 54.29
C VAL F 440 -12.29 -11.33 55.80
N CYS F 441 -13.52 -11.11 56.29
CA CYS F 441 -13.74 -11.07 57.72
C CYS F 441 -13.49 -12.42 58.38
N PHE F 442 -13.93 -13.50 57.74
CA PHE F 442 -13.92 -14.82 58.36
C PHE F 442 -12.77 -15.70 57.85
N ALA F 443 -11.69 -15.09 57.37
CA ALA F 443 -10.53 -15.82 56.88
C ALA F 443 -9.45 -16.01 57.93
N GLY F 444 -9.68 -15.56 59.16
CA GLY F 444 -8.69 -15.67 60.21
C GLY F 444 -7.69 -14.52 60.27
N PHE F 445 -7.78 -13.56 59.36
CA PHE F 445 -6.87 -12.42 59.38
C PHE F 445 -7.15 -11.53 60.59
N ASN F 446 -6.13 -10.78 61.00
CA ASN F 446 -6.29 -9.78 62.04
C ASN F 446 -6.79 -8.48 61.41
N LEU F 447 -7.05 -7.47 62.25
CA LEU F 447 -7.58 -6.22 61.75
C LEU F 447 -6.62 -5.56 60.77
N LYS F 448 -5.32 -5.55 61.10
CA LYS F 448 -4.36 -4.88 60.24
C LYS F 448 -4.28 -5.55 58.87
N GLU F 449 -4.26 -6.89 58.85
CA GLU F 449 -4.24 -7.58 57.56
C GLU F 449 -5.50 -7.29 56.75
N LYS F 450 -6.66 -7.25 57.43
CA LYS F 450 -7.90 -6.93 56.72
C LYS F 450 -7.82 -5.55 56.10
N ILE F 451 -7.33 -4.57 56.86
CA ILE F 451 -7.22 -3.21 56.32
C ILE F 451 -6.26 -3.17 55.15
N PHE F 452 -5.12 -3.83 55.27
CA PHE F 452 -4.17 -3.83 54.16
C PHE F 452 -4.78 -4.44 52.92
N ILE F 453 -5.47 -5.57 53.07
CA ILE F 453 -6.10 -6.20 51.91
C ILE F 453 -7.15 -5.28 51.30
N SER F 454 -7.90 -4.59 52.15
CA SER F 454 -8.92 -3.67 51.64
C SER F 454 -8.29 -2.57 50.80
N PHE F 455 -7.17 -2.01 51.26
CA PHE F 455 -6.55 -0.89 50.57
C PHE F 455 -5.59 -1.32 49.47
N ALA F 456 -5.31 -2.61 49.36
CA ALA F 456 -4.45 -3.12 48.30
C ALA F 456 -5.23 -3.68 47.12
N TRP F 457 -6.56 -3.57 47.14
CA TRP F 457 -7.42 -4.15 46.12
C TRP F 457 -8.09 -3.11 45.25
N LEU F 458 -7.78 -1.82 45.44
CA LEU F 458 -8.38 -0.77 44.64
C LEU F 458 -7.73 -0.58 43.28
N PRO F 459 -6.39 -0.73 43.12
CA PRO F 459 -5.74 -0.36 41.85
C PRO F 459 -6.50 -0.81 40.61
N LYS F 460 -6.56 0.04 39.59
CA LYS F 460 -7.31 -0.23 38.37
C LYS F 460 -6.62 0.46 37.21
N ALA F 461 -5.91 -0.30 36.37
CA ALA F 461 -5.14 0.31 35.30
C ALA F 461 -5.35 -0.30 33.92
N THR F 462 -5.46 -1.61 33.81
CA THR F 462 -5.25 -2.26 32.52
C THR F 462 -6.58 -2.56 31.81
N VAL F 463 -7.49 -3.27 32.49
CA VAL F 463 -8.76 -3.60 31.87
C VAL F 463 -9.49 -2.33 31.47
N GLN F 464 -9.42 -1.30 32.31
CA GLN F 464 -10.12 -0.06 32.02
C GLN F 464 -9.61 0.56 30.72
N ALA F 465 -8.31 0.55 30.50
CA ALA F 465 -7.76 1.08 29.27
C ALA F 465 -8.09 0.18 28.09
N ALA F 466 -8.17 -1.13 28.32
CA ALA F 466 -8.44 -2.07 27.23
C ALA F 466 -9.86 -1.90 26.70
N ILE F 467 -10.84 -1.89 27.59
CA ILE F 467 -12.25 -1.86 27.21
C ILE F 467 -12.90 -0.52 27.54
N GLY F 468 -12.10 0.53 27.75
CA GLY F 468 -12.68 1.80 28.13
C GLY F 468 -13.57 2.38 27.05
N SER F 469 -13.11 2.36 25.81
CA SER F 469 -13.79 3.04 24.71
C SER F 469 -14.59 2.10 23.82
N VAL F 470 -14.76 0.84 24.22
CA VAL F 470 -15.49 -0.10 23.37
C VAL F 470 -16.95 0.31 23.25
N ALA F 471 -17.57 0.70 24.36
CA ALA F 471 -18.97 1.09 24.31
C ALA F 471 -19.17 2.29 23.40
N LEU F 472 -18.28 3.28 23.50
CA LEU F 472 -18.40 4.46 22.64
C LEU F 472 -18.23 4.07 21.17
N ASP F 473 -17.29 3.18 20.88
CA ASP F 473 -17.09 2.75 19.50
C ASP F 473 -18.31 2.04 18.97
N THR F 474 -18.91 1.17 19.77
CA THR F 474 -20.12 0.48 19.35
C THR F 474 -21.26 1.46 19.10
N ALA F 475 -21.42 2.43 20.00
CA ALA F 475 -22.48 3.43 19.81
C ALA F 475 -22.24 4.23 18.54
N ARG F 476 -20.98 4.59 18.27
CA ARG F 476 -20.65 5.30 17.05
C ARG F 476 -20.99 4.46 15.82
N SER F 477 -20.65 3.17 15.86
CA SER F 477 -20.95 2.30 14.73
C SER F 477 -22.45 2.20 14.50
N HIS F 478 -23.24 2.09 15.57
CA HIS F 478 -24.67 2.00 15.41
C HIS F 478 -25.29 3.31 14.93
N GLY F 479 -24.57 4.42 15.02
CA GLY F 479 -25.07 5.68 14.50
C GLY F 479 -25.97 6.44 15.44
N GLU F 480 -26.28 5.90 16.61
CA GLU F 480 -27.11 6.62 17.56
C GLU F 480 -26.36 7.84 18.08
N LYS F 481 -27.08 8.71 18.79
CA LYS F 481 -26.51 9.92 19.36
C LYS F 481 -26.57 9.92 20.88
N GLN F 482 -27.69 9.52 21.47
CA GLN F 482 -27.74 9.39 22.92
C GLN F 482 -26.76 8.33 23.41
N LEU F 483 -26.70 7.20 22.72
CA LEU F 483 -25.75 6.16 23.10
C LEU F 483 -24.33 6.66 23.01
N GLU F 484 -24.04 7.58 22.08
CA GLU F 484 -22.72 8.20 22.05
C GLU F 484 -22.46 9.01 23.31
N ASP F 485 -23.46 9.73 23.81
CA ASP F 485 -23.31 10.44 25.07
C ASP F 485 -23.01 9.47 26.21
N TYR F 486 -23.75 8.36 26.26
CA TYR F 486 -23.49 7.37 27.30
C TYR F 486 -22.08 6.80 27.20
N GLY F 487 -21.65 6.49 25.98
CA GLY F 487 -20.31 5.97 25.80
C GLY F 487 -19.24 6.98 26.21
N MET F 488 -19.49 8.26 25.96
CA MET F 488 -18.57 9.29 26.40
C MET F 488 -18.48 9.32 27.92
N ASP F 489 -19.61 9.22 28.60
CA ASP F 489 -19.59 9.17 30.06
C ASP F 489 -18.81 7.95 30.55
N VAL F 490 -19.03 6.80 29.94
CA VAL F 490 -18.31 5.60 30.33
C VAL F 490 -16.80 5.78 30.15
N LEU F 491 -16.40 6.35 29.01
CA LEU F 491 -14.97 6.56 28.76
C LEU F 491 -14.37 7.52 29.77
N THR F 492 -15.06 8.61 30.08
CA THR F 492 -14.57 9.54 31.08
C THR F 492 -14.38 8.85 32.42
N VAL F 493 -15.37 8.04 32.82
CA VAL F 493 -15.27 7.35 34.10
C VAL F 493 -14.08 6.40 34.10
N ALA F 494 -13.89 5.67 33.01
CA ALA F 494 -12.77 4.73 32.95
C ALA F 494 -11.44 5.45 33.11
N PHE F 495 -11.25 6.55 32.37
CA PHE F 495 -9.99 7.27 32.47
C PHE F 495 -9.78 7.84 33.86
N LEU F 496 -10.84 8.42 34.45
CA LEU F 496 -10.70 8.96 35.80
C LEU F 496 -10.34 7.87 36.79
N SER F 497 -10.98 6.71 36.67
CA SER F 497 -10.66 5.61 37.57
C SER F 497 -9.20 5.22 37.46
N ILE F 498 -8.71 5.07 36.23
CA ILE F 498 -7.29 4.74 36.06
C ILE F 498 -6.43 5.77 36.76
N LEU F 499 -6.65 7.05 36.45
CA LEU F 499 -5.75 8.09 36.92
C LEU F 499 -5.75 8.18 38.44
N ILE F 500 -6.93 8.12 39.06
CA ILE F 500 -7.02 8.39 40.49
C ILE F 500 -7.05 7.10 41.30
N THR F 501 -6.80 5.97 40.65
CA THR F 501 -6.73 4.71 41.38
C THR F 501 -5.40 4.00 41.26
N ALA F 502 -4.76 4.00 40.09
CA ALA F 502 -3.48 3.30 39.98
C ALA F 502 -2.42 3.91 40.89
N PRO F 503 -2.15 5.21 40.85
CA PRO F 503 -1.07 5.74 41.70
C PRO F 503 -1.39 5.67 43.17
N ILE F 504 -2.61 6.04 43.56
CA ILE F 504 -2.99 5.98 44.97
C ILE F 504 -2.86 4.55 45.47
N GLY F 505 -3.30 3.59 44.68
CA GLY F 505 -3.23 2.20 45.11
C GLY F 505 -1.80 1.72 45.27
N SER F 506 -0.94 2.04 44.30
CA SER F 506 0.46 1.64 44.41
C SER F 506 1.10 2.26 45.64
N LEU F 507 0.87 3.56 45.87
CA LEU F 507 1.42 4.23 47.03
C LEU F 507 0.92 3.59 48.32
N LEU F 508 -0.38 3.32 48.39
CA LEU F 508 -0.94 2.76 49.61
C LEU F 508 -0.37 1.38 49.90
N ILE F 509 -0.21 0.56 48.87
CA ILE F 509 0.41 -0.75 49.08
C ILE F 509 1.82 -0.56 49.62
N GLY F 510 2.61 0.29 48.95
CA GLY F 510 3.98 0.49 49.40
C GLY F 510 4.07 0.96 50.83
N LEU F 511 3.18 1.86 51.24
CA LEU F 511 3.21 2.38 52.60
C LEU F 511 2.77 1.32 53.60
N LEU F 512 1.55 0.81 53.43
CA LEU F 512 0.94 -0.05 54.43
C LEU F 512 1.54 -1.44 54.48
N GLY F 513 2.35 -1.85 53.49
CA GLY F 513 2.97 -3.15 53.53
C GLY F 513 3.73 -3.37 54.83
N PRO F 514 4.81 -2.62 55.02
CA PRO F 514 5.64 -2.83 56.21
C PRO F 514 4.89 -2.69 57.53
N ARG F 515 3.90 -1.79 57.61
CA ARG F 515 3.26 -1.53 58.90
C ARG F 515 2.29 -2.64 59.27
N LEU F 516 1.28 -2.87 58.44
CA LEU F 516 0.18 -3.75 58.82
C LEU F 516 0.52 -5.23 58.71
N LEU F 517 1.54 -5.60 57.95
CA LEU F 517 1.89 -6.99 57.73
C LEU F 517 3.01 -7.43 58.66
N GLN F 518 2.87 -8.63 59.21
CA GLN F 518 3.85 -9.17 60.15
C GLN F 518 5.02 -9.75 59.37
N LYS F 519 6.19 -9.13 59.51
CA LYS F 519 7.38 -9.63 58.86
C LYS F 519 7.82 -10.94 59.49
N VAL F 520 8.47 -11.78 58.68
CA VAL F 520 8.97 -13.08 59.13
C VAL F 520 10.48 -13.02 59.09
N GLU F 521 11.11 -13.04 60.27
CA GLU F 521 12.57 -12.99 60.37
C GLU F 521 13.15 -11.86 59.54
P1 LPP G . 9.34 -3.07 4.78
O2 LPP G . 8.52 -3.70 5.89
O3 LPP G . 10.31 -4.09 4.23
O4 LPP G . 8.42 -2.63 3.68
O5 LPP G . 10.19 -1.76 5.37
C6 LPP G . 9.87 -1.26 6.66
C7 LPP G . 10.65 -2.08 7.72
C8 LPP G . 12.15 -1.90 7.50
O9 LPP G . 10.32 -1.60 9.00
O27 LPP G . 12.65 -3.05 6.86
C11 LPP G . 9.74 -2.58 9.83
O10 LPP G . 9.00 -3.38 9.38
C12 LPP G . 10.09 -2.61 11.34
C13 LPP G . 10.55 -4.04 11.72
C14 LPP G . 10.77 -4.10 13.26
C15 LPP G . 12.25 -4.36 13.55
C16 LPP G . 13.08 -3.11 13.18
C17 LPP G . 14.08 -2.80 14.31
C18 LPP G . 15.16 -3.91 14.34
C19 LPP G . 16.33 -3.50 15.26
C20 LPP G . 17.23 -4.74 15.48
C21 LPP G . 18.59 -4.31 16.06
C22 LPP G . 19.59 -5.48 15.88
C23 LPP G . 20.86 -5.22 16.70
C24 LPP G . 21.85 -6.38 16.52
C25 LPP G . 21.28 -7.64 17.16
C26 LPP G . 22.44 -8.60 17.52
C29 LPP G . 13.75 -3.64 7.51
O28 LPP G . 14.61 -4.14 6.88
C30 LPP G . 13.83 -3.63 9.04
C31 LPP G . 15.03 -4.48 9.49
C32 LPP G . 14.63 -5.96 9.46
C33 LPP G . 15.86 -6.90 9.54
C34 LPP G . 16.89 -6.44 10.55
C35 LPP G . 16.30 -6.47 11.99
C36 LPP G . 16.87 -7.68 12.76
C37 LPP G . 15.78 -8.21 13.73
C38 LPP G . 14.88 -9.23 12.99
C39 LPP G . 15.04 -10.62 13.62
C40 LPP G . 16.50 -11.07 13.58
C41 LPP G . 16.60 -12.54 13.14
C42 LPP G . 16.24 -13.47 14.31
C43 LPP G . 15.71 -14.79 13.75
C44 LPP G . 15.93 -15.91 14.76
H121 LPP G . 9.30 -2.38 11.86
H122 LPP G . 10.80 -1.98 11.52
H131 LPP G . 9.87 -4.68 11.47
H132 LPP G . 11.38 -4.25 11.26
H141 LPP G . 10.50 -3.26 13.65
H142 LPP G . 10.23 -4.82 13.63
H151 LPP G . 12.37 -4.56 14.49
H152 LPP G . 12.57 -5.12 13.03
H161 LPP G . 13.56 -3.27 12.36
H162 LPP G . 12.49 -2.35 13.07
H171 LPP G . 13.62 -2.78 15.16
H172 LPP G . 14.51 -1.95 14.15
H181 LPP G . 15.49 -4.04 13.43
H182 LPP G . 14.77 -4.74 14.65
H191 LPP G . 15.98 -3.19 16.11
H192 LPP G . 16.85 -2.80 14.84
H201 LPP G . 17.36 -5.19 14.65
H202 LPP G . 16.80 -5.34 16.11
H211 LPP G . 18.50 -4.10 17.00
H212 LPP G . 18.92 -3.53 15.58
H221 LPP G . 19.17 -6.30 16.18
H222 LPP G . 19.82 -5.57 14.94
H231 LPP G . 20.63 -5.13 17.63
H232 LPP G . 21.27 -4.39 16.39
H241 LPP G . 22.69 -6.16 16.95
H242 LPP G . 22.00 -6.54 15.57
H251 LPP G . 20.79 -7.41 17.96
H252 LPP G . 20.69 -8.08 16.53
H261 LPP G . 22.11 -9.50 17.59
H262 LPP G . 23.12 -8.55 16.84
H263 LPP G . 22.82 -8.33 18.38
H301 LPP G . 13.03 -4.01 9.41
H302 LPP G . 13.95 -2.73 9.35
H311 LPP G . 15.79 -4.33 8.90
H312 LPP G . 15.28 -4.24 10.39
H321 LPP G . 14.16 -6.13 8.63
H322 LPP G . 14.04 -6.15 10.20
H331 LPP G . 15.56 -7.78 9.78
H332 LPP G . 16.28 -6.94 8.66
H341 LPP G . 17.19 -5.53 10.35
H342 LPP G . 17.66 -7.02 10.51
H351 LPP G . 15.34 -6.54 11.95
H352 LPP G . 16.55 -5.66 12.44
H361 LPP G . 17.12 -8.38 12.14
H362 LPP G . 17.65 -7.40 13.27
H371 LPP G . 15.23 -7.47 14.03
H372 LPP G . 16.19 -8.63 14.49
H381 LPP G . 15.14 -9.28 12.05
H382 LPP G . 13.96 -8.95 13.06
H391 LPP G . 14.73 -10.58 14.55
H392 LPP G . 14.48 -11.26 13.14
H401 LPP G . 16.99 -10.51 12.94
H402 LPP G . 16.90 -10.96 14.46
H411 LPP G . 17.51 -12.73 12.85
H412 LPP G . 15.99 -12.70 12.41
H421 LPP G . 17.03 -13.63 14.85
H422 LPP G . 15.56 -13.06 14.86
H431 LPP G . 14.76 -14.70 13.57
H432 LPP G . 16.17 -15.00 12.92
H441 LPP G . 15.55 -16.73 14.42
H442 LPP G . 15.50 -15.68 15.59
H443 LPP G . 16.89 -16.02 14.90
P1 LPP H . 1.76 -3.40 10.38
O2 LPP H . 3.24 -3.17 10.16
O3 LPP H . 1.33 -2.71 11.65
O4 LPP H . 0.99 -2.84 9.22
O5 LPP H . 1.47 -5.05 10.51
C6 LPP H . 2.50 -5.96 10.17
C7 LPP H . 3.43 -6.17 11.38
C8 LPP H . 2.63 -6.75 12.53
O9 LPP H . 4.46 -7.04 11.03
O27 LPP H . 2.32 -5.75 13.46
C11 LPP H . 5.75 -6.48 11.16
O10 LPP H . 5.93 -5.35 10.87
C12 LPP H . 6.92 -7.35 11.67
C13 LPP H . 7.61 -6.62 12.85
C14 LPP H . 8.86 -7.42 13.27
C15 LPP H . 8.68 -7.95 14.71
C16 LPP H . 7.58 -9.05 14.72
C17 LPP H . 8.07 -10.24 15.57
C18 LPP H . 8.12 -9.81 17.05
C19 LPP H . 8.33 -11.05 17.96
C20 LPP H . 8.66 -10.54 19.39
C21 LPP H . 8.49 -11.68 20.41
C22 LPP H . 8.42 -11.08 21.82
C23 LPP H . 8.56 -12.19 22.87
C24 LPP H . 8.49 -11.57 24.28
C25 LPP H . 9.71 -10.71 24.54
C26 LPP H . 9.97 -10.60 26.06
C29 LPP H . 2.70 -6.03 14.79
O28 LPP H . 2.04 -5.66 15.69
C30 LPP H . 3.98 -6.84 15.07
C31 LPP H . 4.25 -6.87 16.58
C32 LPP H . 4.92 -5.56 16.99
C33 LPP H . 4.90 -5.35 18.52
C34 LPP H . 5.21 -6.62 19.30
C35 LPP H . 6.66 -7.08 19.01
C36 LPP H . 7.57 -6.76 20.21
C37 LPP H . 8.99 -6.41 19.69
C38 LPP H . 9.07 -4.91 19.35
C39 LPP H . 10.09 -4.21 20.27
C40 LPP H . 9.68 -4.41 21.74
C41 LPP H . 9.82 -3.09 22.52
C42 LPP H . 11.30 -2.82 22.84
C43 LPP H . 11.51 -1.31 22.99
C44 LPP H . 12.70 -1.04 23.89
H121 LPP H . 7.56 -7.49 10.96
H122 LPP H . 6.58 -8.20 11.99
H131 LPP H . 7.88 -5.73 12.55
H132 LPP H . 7.00 -6.55 13.59
H141 LPP H . 8.98 -8.17 12.67
H142 LPP H . 9.63 -6.85 13.23
H151 LPP H . 9.51 -8.31 15.03
H152 LPP H . 8.41 -7.22 15.29
H161 LPP H . 6.77 -8.69 15.10
H162 LPP H . 7.42 -9.34 13.82
H171 LPP H . 8.95 -10.50 15.28
H172 LPP H . 7.46 -10.98 15.47
H181 LPP H . 7.28 -9.38 17.28
H182 LPP H . 8.85 -9.19 17.18
H191 LPP H . 9.07 -11.58 17.62
H192 LPP H . 7.52 -11.58 17.98
H201 LPP H . 8.06 -9.82 19.62
H202 LPP H . 9.58 -10.23 19.41
H211 LPP H . 9.25 -12.29 20.35
H212 LPP H . 7.68 -12.18 20.21
H221 LPP H . 9.13 -10.44 21.93
H222 LPP H . 7.57 -10.63 21.93
H231 LPP H . 9.41 -12.64 22.76
H232 LPP H . 7.84 -12.83 22.76
H241 LPP H . 8.46 -12.29 24.94
H242 LPP H . 7.69 -11.04 24.37
H251 LPP H . 10.49 -11.10 24.11
H252 LPP H . 9.56 -9.82 24.17
H261 LPP H . 10.48 -9.80 26.24
H262 LPP H . 9.11 -10.55 26.52
H263 LPP H . 10.46 -11.38 26.36
H301 LPP H . 4.73 -6.43 14.61
H302 LPP H . 3.87 -7.75 14.75
H311 LPP H . 3.42 -6.98 17.06
H312 LPP H . 4.83 -7.62 16.78
H321 LPP H . 4.45 -4.82 16.56
H322 LPP H . 5.84 -5.57 16.68
H331 LPP H . 5.54 -4.68 18.75
H332 LPP H . 4.01 -5.04 18.77
H341 LPP H . 4.60 -7.33 19.05
H342 LPP H . 5.12 -6.43 20.24
H351 LPP H . 7.00 -6.63 18.22
H352 LPP H . 6.67 -8.04 18.87
H361 LPP H . 7.22 -6.01 20.70
H362 LPP H . 7.62 -7.53 20.79
H371 LPP H . 9.17 -6.93 18.89
H372 LPP H . 9.64 -6.63 20.36
H381 LPP H . 8.20 -4.50 19.46
H382 LPP H . 9.36 -4.80 18.43
H391 LPP H . 10.96 -4.60 20.12
H392 LPP H . 10.10 -3.26 20.07
H401 LPP H . 8.75 -4.70 21.78
H402 LPP H . 10.24 -5.08 22.15
H411 LPP H . 9.31 -3.15 23.34
H412 LPP H . 9.47 -2.36 21.98
H421 LPP H . 11.53 -3.26 23.68
H422 LPP H . 11.86 -3.15 22.13
H431 LPP H . 11.66 -0.92 22.12
H432 LPP H . 10.71 -0.92 23.39
H441 LPP H . 12.86 -0.09 23.95
H442 LPP H . 13.49 -1.48 23.53
H443 LPP H . 12.53 -1.39 24.78
#